data_9FNH
#
_entry.id   9FNH
#
_cell.length_a   80.273
_cell.length_b   82.242
_cell.length_c   87.069
_cell.angle_alpha   103.520
_cell.angle_beta   105.635
_cell.angle_gamma   117.592
#
_symmetry.space_group_name_H-M   'P 1'
#
loop_
_entity.id
_entity.type
_entity.pdbx_description
1 polymer 'Glycoside hydrolase family 71'
2 branched alpha-D-glucopyranose-(1-3)-alpha-D-glucopyranose-(1-3)-alpha-D-glucopyranose-(1-3)-alpha-D-glucopyranose
3 branched alpha-D-glucopyranose-(1-3)-alpha-D-glucopyranose-(1-3)-alpha-D-glucopyranose
4 branched alpha-D-glucopyranose-(1-3)-alpha-D-glucopyranose-(1-3)-alpha-D-glucopyranose-(1-3)-beta-D-glucopyranose
5 branched alpha-D-glucopyranose-(1-3)-alpha-D-glucopyranose
6 non-polymer 'SODIUM ION'
7 non-polymer 'TRIETHYLENE GLYCOL'
8 non-polymer 'CITRIC ACID'
9 non-polymer 1,2-ETHANEDIOL
10 water water
#
_entity_poly.entity_id   1
_entity_poly.type   'polypeptide(L)'
_entity_poly.pdbx_seq_one_letter_code
;MGSSHHHHHHSSENLYFQGHSLPGANSLTIRKDSNKYVTAHFMVGIVENYTVDDWKHDMELAKETGIDAFALNCASIDSY
TDKQLAYAYEAAEEVDFKVFISFDFAYWSNGDTARITSIMQTYADHPGQFQYNGAALVSTFVGDSFDWGPVKRAVDHPIF
AVPNLQDPNWAGHATTSIDGAFSWYAWPTDGGNSIIKGPMTTIWDDRFRNNLKDKVYMAPVSPWFSTHFNTKNWVFICED
LPHLRWQQMLEMQPELIEIISWNDYGESHYIGPYSEAHSDDGSAQWTKDFPHDAWRIIAKPYIAAYKAGEREPTVESDQL
VYWYRPTPKAVTCSKDPLGPPNGINLLEDSVFVTTLLTEPATLTVGSGSLEFSVDVDAGIVTNSFPMGVGSQAFSVTRDG
EEILGGDGGLDVQDRCDYYNFNVYVGSFSA
;
_entity_poly.pdbx_strand_id   A,B,C,D,X
#
# COMPACT_ATOMS: atom_id res chain seq x y z
N SER A 34 -4.36 35.84 -4.88
CA SER A 34 -5.55 35.03 -5.16
C SER A 34 -6.75 35.42 -4.28
N ASN A 35 -6.74 34.97 -3.02
CA ASN A 35 -7.90 35.07 -2.12
C ASN A 35 -9.11 34.35 -2.73
N LYS A 36 -8.85 33.30 -3.50
CA LYS A 36 -9.88 32.51 -4.16
C LYS A 36 -9.85 31.09 -3.62
N TYR A 37 -11.02 30.53 -3.34
CA TYR A 37 -11.09 29.23 -2.71
C TYR A 37 -12.21 28.41 -3.34
N VAL A 38 -12.01 27.10 -3.33
CA VAL A 38 -12.97 26.12 -3.82
C VAL A 38 -13.43 25.26 -2.64
N THR A 39 -14.73 25.12 -2.47
CA THR A 39 -15.29 24.28 -1.41
C THR A 39 -16.10 23.16 -2.05
N ALA A 40 -16.48 22.17 -1.24
CA ALA A 40 -17.35 21.08 -1.71
C ALA A 40 -18.49 20.86 -0.73
N HIS A 41 -19.68 20.62 -1.26
CA HIS A 41 -20.89 20.40 -0.47
C HIS A 41 -20.89 18.98 0.09
N PHE A 42 -20.91 18.87 1.42
CA PHE A 42 -20.81 17.59 2.12
C PHE A 42 -22.07 17.29 2.92
N MET A 43 -22.63 16.10 2.71
CA MET A 43 -23.90 15.69 3.28
C MET A 43 -23.70 15.15 4.70
N VAL A 44 -23.89 15.98 5.73
CA VAL A 44 -23.74 15.47 7.10
C VAL A 44 -24.85 14.46 7.40
N GLY A 45 -26.00 14.61 6.75
CA GLY A 45 -27.12 13.73 7.04
C GLY A 45 -26.87 12.26 6.80
N ILE A 46 -25.91 11.91 5.94
CA ILE A 46 -25.70 10.51 5.60
C ILE A 46 -24.49 9.91 6.31
N VAL A 47 -23.90 10.60 7.27
CA VAL A 47 -22.71 10.08 7.92
C VAL A 47 -22.85 9.97 9.44
N GLU A 48 -24.03 9.55 9.89
CA GLU A 48 -24.28 9.33 11.32
C GLU A 48 -23.22 8.44 11.96
N ASN A 49 -22.74 7.43 11.25
CA ASN A 49 -21.74 6.48 11.76
C ASN A 49 -20.33 6.79 11.29
N TYR A 50 -20.06 8.00 10.86
CA TYR A 50 -18.68 8.34 10.58
C TYR A 50 -17.91 8.42 11.88
N THR A 51 -16.65 8.00 11.80
CA THR A 51 -15.64 8.31 12.79
C THR A 51 -14.79 9.46 12.27
N VAL A 52 -13.99 10.02 13.18
CA VAL A 52 -13.06 11.07 12.79
C VAL A 52 -12.18 10.60 11.63
N ASP A 53 -11.78 9.33 11.66
CA ASP A 53 -10.94 8.78 10.60
C ASP A 53 -11.65 8.75 9.25
N ASP A 54 -12.94 8.36 9.23
CA ASP A 54 -13.71 8.45 8.00
C ASP A 54 -13.61 9.84 7.40
N TRP A 55 -13.76 10.85 8.27
CA TRP A 55 -13.71 12.24 7.82
C TRP A 55 -12.34 12.58 7.27
N LYS A 56 -11.28 12.07 7.92
CA LYS A 56 -9.93 12.40 7.46
C LYS A 56 -9.70 11.87 6.06
N HIS A 57 -10.14 10.64 5.80
CA HIS A 57 -10.00 10.08 4.46
C HIS A 57 -10.65 10.95 3.42
N ASP A 58 -11.90 11.37 3.68
CA ASP A 58 -12.60 12.29 2.77
C ASP A 58 -11.81 13.57 2.58
N MET A 59 -11.38 14.19 3.69
CA MET A 59 -10.70 15.49 3.56
C MET A 59 -9.36 15.34 2.84
N GLU A 60 -8.65 14.24 3.09
CA GLU A 60 -7.38 14.06 2.40
C GLU A 60 -7.60 13.98 0.90
N LEU A 61 -8.62 13.25 0.46
CA LEU A 61 -8.88 13.18 -0.98
C LEU A 61 -9.30 14.54 -1.53
N ALA A 62 -10.02 15.33 -0.74
CA ALA A 62 -10.35 16.67 -1.22
C ALA A 62 -9.10 17.54 -1.29
N LYS A 63 -8.24 17.46 -0.27
CA LYS A 63 -7.00 18.23 -0.25
C LYS A 63 -6.15 17.93 -1.47
N GLU A 64 -6.10 16.65 -1.87
CA GLU A 64 -5.37 16.22 -3.06
C GLU A 64 -5.91 16.89 -4.32
N THR A 65 -7.20 17.20 -4.32
CA THR A 65 -7.81 17.79 -5.48
C THR A 65 -7.61 19.30 -5.54
N GLY A 66 -7.14 19.90 -4.45
CA GLY A 66 -7.02 21.35 -4.36
C GLY A 66 -8.22 22.03 -3.75
N ILE A 67 -9.20 21.26 -3.26
CA ILE A 67 -10.35 21.84 -2.57
C ILE A 67 -9.88 22.35 -1.21
N ASP A 68 -10.42 23.49 -0.78
CA ASP A 68 -9.98 24.14 0.45
C ASP A 68 -10.81 23.80 1.66
N ALA A 69 -12.10 23.52 1.49
CA ALA A 69 -12.96 23.34 2.65
C ALA A 69 -14.18 22.51 2.27
N PHE A 70 -14.78 21.88 3.28
CA PHE A 70 -16.06 21.19 3.16
C PHE A 70 -17.17 22.09 3.69
N ALA A 71 -18.24 22.25 2.91
CA ALA A 71 -19.50 22.82 3.39
C ALA A 71 -20.26 21.73 4.14
N LEU A 72 -20.37 21.83 5.47
CA LEU A 72 -20.99 20.78 6.27
C LEU A 72 -22.51 20.99 6.27
N ASN A 73 -23.18 20.39 5.30
CA ASN A 73 -24.63 20.58 5.17
C ASN A 73 -25.35 19.73 6.22
N CYS A 74 -25.96 20.37 7.21
CA CYS A 74 -26.55 19.63 8.32
C CYS A 74 -27.99 20.06 8.55
N ALA A 75 -28.72 19.22 9.30
CA ALA A 75 -30.14 19.45 9.56
C ALA A 75 -30.37 19.54 11.06
N SER A 76 -31.30 20.41 11.45
CA SER A 76 -31.68 20.53 12.85
C SER A 76 -32.26 19.24 13.42
N ILE A 77 -32.82 18.36 12.57
CA ILE A 77 -33.58 17.21 13.05
C ILE A 77 -32.74 15.95 13.22
N ASP A 78 -31.49 15.94 12.77
CA ASP A 78 -30.66 14.74 12.88
C ASP A 78 -30.08 14.65 14.29
N SER A 79 -30.35 13.56 15.01
CA SER A 79 -29.82 13.41 16.35
C SER A 79 -28.29 13.47 16.38
N TYR A 80 -27.64 13.22 15.25
CA TYR A 80 -26.19 13.08 15.20
C TYR A 80 -25.50 14.32 14.64
N THR A 81 -26.20 15.46 14.50
CA THR A 81 -25.60 16.65 13.90
C THR A 81 -24.47 17.20 14.77
N ASP A 82 -24.74 17.35 16.06
CA ASP A 82 -23.71 17.89 16.96
C ASP A 82 -22.47 17.00 16.99
N LYS A 83 -22.67 15.69 17.13
CA LYS A 83 -21.53 14.76 17.12
C LYS A 83 -20.73 14.88 15.84
N GLN A 84 -21.39 14.70 14.69
CA GLN A 84 -20.68 14.65 13.42
C GLN A 84 -20.10 16.00 13.05
N LEU A 85 -20.75 17.11 13.47
CA LEU A 85 -20.09 18.40 13.37
C LEU A 85 -18.78 18.39 14.14
N ALA A 86 -18.82 17.91 15.40
CA ALA A 86 -17.59 17.86 16.20
C ALA A 86 -16.53 17.02 15.52
N TYR A 87 -16.92 15.86 14.98
CA TYR A 87 -15.96 15.01 14.29
C TYR A 87 -15.33 15.74 13.12
N ALA A 88 -16.15 16.34 12.26
CA ALA A 88 -15.61 16.96 11.06
C ALA A 88 -14.63 18.07 11.43
N TYR A 89 -14.97 18.91 12.40
CA TYR A 89 -14.05 20.00 12.77
C TYR A 89 -12.74 19.44 13.33
N GLU A 90 -12.82 18.41 14.16
CA GLU A 90 -11.58 17.81 14.66
C GLU A 90 -10.73 17.28 13.51
N ALA A 91 -11.36 16.55 12.58
CA ALA A 91 -10.64 15.96 11.45
C ALA A 91 -9.98 17.02 10.59
N ALA A 92 -10.68 18.15 10.40
CA ALA A 92 -10.07 19.27 9.69
C ALA A 92 -8.83 19.76 10.41
N GLU A 93 -8.90 19.82 11.73
CA GLU A 93 -7.74 20.19 12.54
C GLU A 93 -6.61 19.18 12.35
N GLU A 94 -6.93 17.88 12.33
CA GLU A 94 -5.88 16.87 12.28
C GLU A 94 -5.21 16.74 10.92
N VAL A 95 -5.92 16.98 9.81
CA VAL A 95 -5.31 16.92 8.47
C VAL A 95 -5.07 18.31 7.88
N ASP A 96 -5.14 19.35 8.72
CA ASP A 96 -5.06 20.74 8.29
C ASP A 96 -5.85 21.00 7.00
N PHE A 97 -7.15 20.71 7.09
CA PHE A 97 -8.21 21.06 6.17
C PHE A 97 -9.09 22.11 6.85
N LYS A 98 -10.10 22.59 6.16
CA LYS A 98 -11.05 23.49 6.79
C LYS A 98 -12.48 23.07 6.48
N VAL A 99 -13.40 23.45 7.39
CA VAL A 99 -14.82 23.20 7.24
C VAL A 99 -15.58 24.44 7.68
N PHE A 100 -16.77 24.63 7.10
CA PHE A 100 -17.74 25.61 7.57
C PHE A 100 -19.12 24.97 7.50
N ILE A 101 -20.05 25.51 8.27
CA ILE A 101 -21.35 24.87 8.39
C ILE A 101 -22.30 25.40 7.34
N SER A 102 -23.01 24.48 6.70
CA SER A 102 -24.07 24.80 5.74
C SER A 102 -25.37 24.39 6.42
N PHE A 103 -26.11 25.38 6.93
CA PHE A 103 -27.38 25.11 7.59
C PHE A 103 -28.45 24.85 6.53
N ASP A 104 -28.94 23.61 6.47
CA ASP A 104 -29.92 23.19 5.47
C ASP A 104 -31.31 23.65 5.94
N PHE A 105 -31.80 24.73 5.35
CA PHE A 105 -33.08 25.27 5.79
C PHE A 105 -34.26 24.56 5.15
N ALA A 106 -34.03 23.44 4.47
CA ALA A 106 -35.10 22.47 4.33
C ALA A 106 -35.46 21.87 5.69
N TYR A 107 -34.62 22.05 6.70
CA TYR A 107 -34.89 21.47 8.01
C TYR A 107 -34.81 22.55 9.07
N TRP A 108 -33.74 23.35 9.05
CA TRP A 108 -33.65 24.47 9.96
C TRP A 108 -34.71 25.50 9.63
N SER A 109 -35.17 26.22 10.65
CA SER A 109 -36.22 27.22 10.57
C SER A 109 -35.73 28.50 11.20
N ASN A 110 -36.38 29.59 10.82
CA ASN A 110 -36.10 30.88 11.44
C ASN A 110 -36.22 30.83 12.96
N GLY A 111 -37.08 29.94 13.48
CA GLY A 111 -37.21 29.73 14.91
C GLY A 111 -36.00 29.08 15.58
N ASP A 112 -35.00 28.66 14.81
CA ASP A 112 -33.81 28.02 15.37
C ASP A 112 -32.66 28.99 15.59
N THR A 113 -32.93 30.30 15.60
CA THR A 113 -31.84 31.28 15.71
C THR A 113 -30.91 31.00 16.88
N ALA A 114 -31.47 30.65 18.06
CA ALA A 114 -30.60 30.51 19.22
C ALA A 114 -29.70 29.29 19.12
N ARG A 115 -30.23 28.18 18.61
CA ARG A 115 -29.40 27.00 18.41
C ARG A 115 -28.33 27.23 17.36
N ILE A 116 -28.66 27.90 16.26
CA ILE A 116 -27.66 28.21 15.26
C ILE A 116 -26.57 29.08 15.85
N THR A 117 -26.96 29.98 16.77
CA THR A 117 -25.99 30.89 17.38
C THR A 117 -25.02 30.13 18.28
N SER A 118 -25.54 29.25 19.13
CA SER A 118 -24.64 28.52 20.02
C SER A 118 -23.69 27.60 19.25
N ILE A 119 -24.11 27.10 18.09
CA ILE A 119 -23.21 26.31 17.26
C ILE A 119 -22.13 27.21 16.68
N MET A 120 -22.51 28.36 16.13
CA MET A 120 -21.51 29.31 15.68
C MET A 120 -20.60 29.76 16.81
N GLN A 121 -21.10 29.85 18.06
CA GLN A 121 -20.18 30.16 19.16
C GLN A 121 -19.23 29.02 19.44
N THR A 122 -19.62 27.79 19.15
CA THR A 122 -18.69 26.69 19.35
C THR A 122 -17.56 26.73 18.32
N TYR A 123 -17.88 27.04 17.07
CA TYR A 123 -16.98 26.71 15.98
C TYR A 123 -16.42 27.90 15.23
N ALA A 124 -16.91 29.12 15.45
CA ALA A 124 -16.42 30.25 14.67
C ALA A 124 -14.91 30.43 14.82
N ASP A 125 -14.37 30.03 15.96
CA ASP A 125 -12.94 30.20 16.25
C ASP A 125 -12.23 28.87 16.47
N HIS A 126 -12.85 27.76 16.10
CA HIS A 126 -12.13 26.49 16.03
C HIS A 126 -11.07 26.58 14.93
N PRO A 127 -9.88 25.97 15.11
CA PRO A 127 -8.86 26.07 14.06
C PRO A 127 -9.31 25.48 12.75
N GLY A 128 -10.13 24.42 12.79
CA GLY A 128 -10.66 23.78 11.60
C GLY A 128 -11.61 24.63 10.78
N GLN A 129 -12.03 25.79 11.30
CA GLN A 129 -13.09 26.58 10.69
C GLN A 129 -12.54 27.42 9.56
N PHE A 130 -13.09 27.25 8.36
CA PHE A 130 -12.67 28.04 7.21
C PHE A 130 -12.91 29.53 7.45
N GLN A 131 -11.85 30.32 7.35
CA GLN A 131 -11.93 31.76 7.58
C GLN A 131 -11.79 32.46 6.23
N TYR A 132 -12.67 33.41 5.94
CA TYR A 132 -12.59 34.19 4.73
C TYR A 132 -12.50 35.65 5.12
N ASN A 133 -11.45 36.31 4.62
CA ASN A 133 -11.02 37.62 5.10
C ASN A 133 -11.21 37.74 6.61
N GLY A 134 -10.71 36.73 7.34
CA GLY A 134 -10.71 36.75 8.78
C GLY A 134 -12.05 36.50 9.45
N ALA A 135 -13.08 36.08 8.71
CA ALA A 135 -14.39 35.85 9.30
C ALA A 135 -14.80 34.39 9.09
N ALA A 136 -15.53 33.84 10.05
CA ALA A 136 -15.99 32.45 9.93
C ALA A 136 -17.04 32.37 8.82
N LEU A 137 -16.71 31.66 7.75
CA LEU A 137 -17.69 31.44 6.69
C LEU A 137 -18.84 30.60 7.19
N VAL A 138 -20.05 31.05 6.85
CA VAL A 138 -21.28 30.27 7.13
C VAL A 138 -22.15 30.36 5.87
N SER A 139 -22.84 29.28 5.55
CA SER A 139 -23.71 29.26 4.37
C SER A 139 -24.97 28.47 4.72
N THR A 140 -25.79 28.21 3.71
CA THR A 140 -27.06 27.52 3.95
C THR A 140 -27.57 26.83 2.70
N PHE A 141 -28.54 25.95 2.87
CA PHE A 141 -29.33 25.49 1.70
C PHE A 141 -30.60 26.30 1.91
N VAL A 142 -31.09 27.01 0.90
CA VAL A 142 -32.15 28.02 1.03
C VAL A 142 -32.01 28.83 2.32
N GLY A 143 -33.14 29.12 2.97
CA GLY A 143 -33.10 30.00 4.12
C GLY A 143 -32.99 31.45 3.75
N ASP A 144 -33.46 31.81 2.56
CA ASP A 144 -33.38 33.18 2.06
C ASP A 144 -33.77 34.20 3.13
N SER A 145 -34.76 33.86 3.93
CA SER A 145 -35.32 34.83 4.85
C SER A 145 -34.67 34.79 6.23
N PHE A 146 -33.77 33.85 6.50
CA PHE A 146 -33.11 33.82 7.80
C PHE A 146 -32.24 35.06 8.01
N ASP A 147 -32.42 35.72 9.15
CA ASP A 147 -31.68 36.94 9.47
C ASP A 147 -30.39 36.57 10.21
N TRP A 148 -29.24 36.95 9.65
CA TRP A 148 -27.93 36.63 10.24
C TRP A 148 -27.46 37.68 11.24
N GLY A 149 -28.08 38.85 11.26
CA GLY A 149 -27.71 39.92 12.16
C GLY A 149 -27.73 39.47 13.60
N PRO A 150 -28.82 38.85 14.06
CA PRO A 150 -28.82 38.32 15.43
C PRO A 150 -27.70 37.34 15.68
N VAL A 151 -27.34 36.51 14.69
CA VAL A 151 -26.23 35.58 14.89
C VAL A 151 -24.91 36.31 14.97
N LYS A 152 -24.67 37.23 14.03
CA LYS A 152 -23.41 37.98 14.08
C LYS A 152 -23.28 38.70 15.40
N ARG A 153 -24.39 39.25 15.91
CA ARG A 153 -24.36 40.11 17.09
C ARG A 153 -24.01 39.35 18.36
N ALA A 154 -24.45 38.09 18.45
CA ALA A 154 -24.24 37.29 19.65
C ALA A 154 -22.93 36.52 19.63
N VAL A 155 -22.28 36.43 18.48
CA VAL A 155 -21.06 35.64 18.33
C VAL A 155 -19.91 36.63 18.30
N ASP A 156 -18.95 36.44 19.20
N ASP A 156 -18.91 36.40 19.15
CA ASP A 156 -17.80 37.33 19.26
CA ASP A 156 -17.81 37.36 19.26
C ASP A 156 -17.03 37.30 17.94
C ASP A 156 -16.93 37.31 18.02
N HIS A 157 -16.59 36.13 17.55
CA HIS A 157 -15.77 36.01 16.36
C HIS A 157 -16.53 36.54 15.14
N PRO A 158 -15.86 37.26 14.24
CA PRO A 158 -16.56 37.75 13.05
C PRO A 158 -17.08 36.58 12.24
N ILE A 159 -18.18 36.82 11.54
CA ILE A 159 -18.81 35.80 10.72
C ILE A 159 -19.02 36.34 9.31
N PHE A 160 -18.77 35.51 8.31
CA PHE A 160 -19.02 35.86 6.91
C PHE A 160 -20.16 34.99 6.39
N ALA A 161 -21.34 35.58 6.22
CA ALA A 161 -22.54 34.81 5.88
C ALA A 161 -22.75 34.85 4.37
N VAL A 162 -22.74 33.68 3.74
CA VAL A 162 -22.99 33.59 2.29
C VAL A 162 -24.08 32.54 2.09
N PRO A 163 -25.33 32.88 2.41
CA PRO A 163 -26.41 31.90 2.27
C PRO A 163 -26.75 31.65 0.81
N ASN A 164 -27.41 30.52 0.58
CA ASN A 164 -27.98 30.20 -0.72
C ASN A 164 -29.24 31.04 -0.92
N LEU A 165 -29.26 31.92 -1.93
CA LEU A 165 -30.41 32.76 -2.21
C LEU A 165 -30.98 32.39 -3.58
N GLN A 166 -32.31 32.32 -3.66
N GLN A 166 -32.31 32.30 -3.66
CA GLN A 166 -32.98 31.88 -4.87
CA GLN A 166 -32.95 31.84 -4.88
C GLN A 166 -33.06 32.97 -5.92
C GLN A 166 -33.13 32.95 -5.92
N ASP A 167 -33.31 34.19 -5.47
CA ASP A 167 -33.57 35.31 -6.34
C ASP A 167 -32.33 36.18 -6.42
N PRO A 168 -31.70 36.35 -7.60
CA PRO A 168 -30.60 37.31 -7.72
C PRO A 168 -30.90 38.68 -7.15
N ASN A 169 -32.12 39.18 -7.34
CA ASN A 169 -32.44 40.51 -6.83
C ASN A 169 -32.42 40.55 -5.31
N TRP A 170 -32.92 39.52 -4.65
CA TRP A 170 -32.80 39.49 -3.20
C TRP A 170 -31.34 39.48 -2.78
N ALA A 171 -30.47 38.81 -3.55
CA ALA A 171 -29.05 38.89 -3.27
C ALA A 171 -28.58 40.33 -3.34
N GLY A 172 -29.12 41.11 -4.27
CA GLY A 172 -28.72 42.51 -4.37
C GLY A 172 -29.22 43.39 -3.23
N HIS A 173 -30.26 42.98 -2.50
CA HIS A 173 -30.94 43.91 -1.61
C HIS A 173 -31.39 43.26 -0.31
N ALA A 174 -30.83 42.11 0.03
CA ALA A 174 -31.27 41.40 1.23
C ALA A 174 -31.10 42.30 2.46
N THR A 175 -32.00 42.13 3.41
CA THR A 175 -31.97 42.84 4.67
C THR A 175 -31.48 41.95 5.82
N THR A 176 -30.91 40.79 5.48
CA THR A 176 -30.58 39.73 6.41
C THR A 176 -29.12 39.77 6.85
N SER A 177 -28.41 40.86 6.54
CA SER A 177 -27.00 41.06 6.94
C SER A 177 -26.11 39.97 6.33
N ILE A 178 -26.16 39.85 5.02
CA ILE A 178 -25.33 38.86 4.32
C ILE A 178 -24.09 39.56 3.79
N ASP A 179 -23.01 38.79 3.66
CA ASP A 179 -21.77 39.27 3.04
C ASP A 179 -21.57 38.74 1.63
N GLY A 180 -22.43 37.85 1.15
CA GLY A 180 -22.36 37.35 -0.21
C GLY A 180 -23.55 36.44 -0.41
N ALA A 181 -23.60 35.80 -1.58
CA ALA A 181 -24.66 34.83 -1.83
C ALA A 181 -24.11 33.64 -2.59
N PHE A 182 -24.63 32.46 -2.25
CA PHE A 182 -24.30 31.20 -2.92
C PHE A 182 -25.46 30.87 -3.86
N SER A 183 -25.17 30.70 -5.14
CA SER A 183 -26.20 30.28 -6.09
C SER A 183 -26.25 28.76 -6.15
N TRP A 184 -27.46 28.21 -6.29
CA TRP A 184 -27.68 26.80 -6.54
C TRP A 184 -27.97 26.52 -7.99
N TYR A 185 -27.73 27.49 -8.87
CA TYR A 185 -28.03 27.37 -10.31
C TYR A 185 -26.86 26.66 -11.01
N ALA A 186 -26.73 25.38 -10.74
CA ALA A 186 -25.64 24.58 -11.24
C ALA A 186 -25.98 23.84 -12.53
N TRP A 187 -27.20 23.93 -13.01
CA TRP A 187 -27.67 23.08 -14.08
C TRP A 187 -28.55 23.92 -15.00
N PRO A 188 -28.83 23.45 -16.22
CA PRO A 188 -29.68 24.25 -17.11
C PRO A 188 -31.08 24.40 -16.54
N THR A 189 -31.50 25.66 -16.37
CA THR A 189 -32.88 25.95 -16.06
C THR A 189 -33.23 27.34 -16.56
N ASP A 190 -34.51 27.54 -16.87
CA ASP A 190 -34.98 28.79 -17.46
C ASP A 190 -35.93 29.55 -16.53
N GLY A 191 -35.87 29.31 -15.22
CA GLY A 191 -36.73 29.99 -14.30
C GLY A 191 -37.95 29.19 -13.88
N GLY A 192 -38.42 28.28 -14.71
CA GLY A 192 -39.60 27.49 -14.40
C GLY A 192 -39.27 26.03 -14.13
N ASN A 193 -40.33 25.25 -13.90
CA ASN A 193 -40.15 23.84 -13.61
C ASN A 193 -40.34 22.94 -14.85
N SER A 194 -40.18 23.50 -16.04
CA SER A 194 -39.90 22.69 -17.23
C SER A 194 -38.43 22.31 -17.24
N ILE A 195 -38.15 21.04 -17.53
CA ILE A 195 -36.78 20.62 -17.78
C ILE A 195 -36.35 21.05 -19.17
N ILE A 196 -35.18 21.68 -19.27
CA ILE A 196 -34.68 22.22 -20.52
C ILE A 196 -33.36 21.58 -20.91
N LYS A 197 -33.11 21.55 -22.21
CA LYS A 197 -31.84 21.09 -22.74
C LYS A 197 -30.73 22.04 -22.29
N GLY A 198 -29.51 21.52 -22.23
CA GLY A 198 -28.37 22.39 -22.05
C GLY A 198 -27.94 22.92 -23.41
N PRO A 199 -26.69 23.35 -23.53
CA PRO A 199 -25.66 23.29 -22.49
C PRO A 199 -25.86 24.31 -21.38
N MET A 200 -25.23 24.12 -20.21
CA MET A 200 -25.05 25.20 -19.26
C MET A 200 -24.64 26.50 -19.93
N THR A 201 -25.22 27.59 -19.43
CA THR A 201 -24.69 28.92 -19.64
C THR A 201 -24.46 29.60 -18.31
N THR A 202 -23.91 30.80 -18.38
CA THR A 202 -23.62 31.58 -17.19
C THR A 202 -24.68 32.65 -16.94
N ILE A 203 -25.84 32.51 -17.58
CA ILE A 203 -26.88 33.53 -17.44
C ILE A 203 -27.15 33.81 -15.97
N TRP A 204 -27.32 32.77 -15.16
CA TRP A 204 -27.62 33.01 -13.76
C TRP A 204 -26.40 33.54 -13.04
N ASP A 205 -25.20 33.13 -13.44
CA ASP A 205 -24.00 33.68 -12.82
C ASP A 205 -23.93 35.19 -13.00
N ASP A 206 -24.18 35.68 -14.23
CA ASP A 206 -24.22 37.12 -14.45
C ASP A 206 -25.27 37.78 -13.57
N ARG A 207 -26.49 37.23 -13.54
CA ARG A 207 -27.55 37.81 -12.71
C ARG A 207 -27.10 38.00 -11.27
N PHE A 208 -26.45 36.99 -10.69
CA PHE A 208 -25.96 37.13 -9.33
C PHE A 208 -24.84 38.17 -9.24
N ARG A 209 -23.82 38.06 -10.10
CA ARG A 209 -22.70 39.01 -10.03
C ARG A 209 -23.17 40.44 -10.23
N ASN A 210 -24.16 40.64 -11.09
CA ASN A 210 -24.68 41.98 -11.34
C ASN A 210 -25.42 42.53 -10.13
N ASN A 211 -25.81 41.65 -9.19
CA ASN A 211 -26.41 42.03 -7.93
C ASN A 211 -25.41 42.00 -6.76
N LEU A 212 -24.19 41.52 -6.99
CA LEU A 212 -23.19 41.35 -5.94
C LEU A 212 -21.85 42.04 -6.31
N LYS A 213 -21.87 43.23 -6.92
CA LYS A 213 -20.59 43.75 -7.40
C LYS A 213 -19.71 44.32 -6.30
N ASP A 214 -20.17 44.34 -5.05
CA ASP A 214 -19.29 44.66 -3.94
C ASP A 214 -19.24 43.58 -2.86
N LYS A 215 -20.11 42.58 -2.91
CA LYS A 215 -20.08 41.43 -2.02
C LYS A 215 -19.56 40.19 -2.74
N VAL A 216 -19.61 39.06 -2.06
CA VAL A 216 -18.99 37.83 -2.51
C VAL A 216 -20.01 37.04 -3.32
N TYR A 217 -19.61 36.49 -4.45
CA TYR A 217 -20.42 35.49 -5.14
C TYR A 217 -19.73 34.15 -5.02
N MET A 218 -20.44 33.18 -4.48
CA MET A 218 -20.02 31.77 -4.49
C MET A 218 -20.80 31.06 -5.58
N ALA A 219 -20.11 30.69 -6.66
CA ALA A 219 -20.73 30.03 -7.81
C ALA A 219 -20.77 28.51 -7.63
N PRO A 220 -21.84 27.88 -8.08
CA PRO A 220 -21.93 26.42 -7.98
C PRO A 220 -21.20 25.77 -9.14
N VAL A 221 -20.55 24.65 -8.85
CA VAL A 221 -20.01 23.79 -9.89
C VAL A 221 -20.53 22.38 -9.61
N SER A 222 -21.20 21.79 -10.60
CA SER A 222 -21.81 20.48 -10.42
C SER A 222 -21.61 19.69 -11.70
N PRO A 223 -21.26 18.41 -11.60
CA PRO A 223 -20.93 17.65 -12.80
C PRO A 223 -22.15 17.03 -13.45
N TRP A 224 -23.20 16.79 -12.68
CA TRP A 224 -24.30 15.92 -13.13
C TRP A 224 -25.52 16.18 -12.28
N PHE A 225 -26.65 15.57 -12.66
CA PHE A 225 -27.81 15.58 -11.78
C PHE A 225 -28.75 14.46 -12.20
N SER A 226 -29.09 13.60 -11.25
CA SER A 226 -30.05 12.54 -11.51
C SER A 226 -30.51 12.03 -10.16
N THR A 227 -31.80 12.10 -9.91
CA THR A 227 -32.35 11.71 -8.63
C THR A 227 -33.58 10.84 -8.88
N HIS A 228 -33.83 9.90 -7.97
CA HIS A 228 -34.81 8.84 -8.21
C HIS A 228 -35.36 8.37 -6.87
N PHE A 229 -36.04 9.25 -6.14
CA PHE A 229 -36.76 8.89 -4.93
C PHE A 229 -38.24 9.16 -5.16
N ASN A 230 -39.09 8.58 -4.31
CA ASN A 230 -40.49 8.91 -4.51
C ASN A 230 -40.82 10.33 -4.08
N THR A 231 -39.88 11.10 -3.50
CA THR A 231 -40.09 12.52 -3.27
C THR A 231 -39.31 13.40 -4.23
N LYS A 232 -38.54 12.83 -5.16
CA LYS A 232 -37.88 13.60 -6.21
C LYS A 232 -37.31 12.66 -7.27
N ASN A 233 -37.71 12.86 -8.55
CA ASN A 233 -37.46 11.85 -9.60
C ASN A 233 -37.34 12.58 -10.94
N TRP A 234 -36.14 13.09 -11.23
CA TRP A 234 -35.88 13.79 -12.48
C TRP A 234 -34.38 13.91 -12.72
N VAL A 235 -34.05 14.26 -13.96
CA VAL A 235 -32.69 14.58 -14.36
C VAL A 235 -32.64 16.04 -14.74
N PHE A 236 -31.47 16.63 -14.59
CA PHE A 236 -31.13 17.83 -15.35
C PHE A 236 -30.24 17.41 -16.52
N ILE A 237 -30.18 18.24 -17.55
CA ILE A 237 -29.47 17.88 -18.76
C ILE A 237 -28.07 18.50 -18.66
N CYS A 238 -27.07 17.67 -18.35
CA CYS A 238 -25.74 18.13 -18.01
C CYS A 238 -24.70 17.75 -19.07
N GLU A 239 -24.56 16.46 -19.36
CA GLU A 239 -23.76 15.97 -20.47
C GLU A 239 -22.28 16.33 -20.33
N ASP A 240 -21.82 17.41 -20.97
CA ASP A 240 -20.41 17.79 -20.91
C ASP A 240 -20.11 18.69 -19.73
N LEU A 241 -21.08 18.86 -18.84
CA LEU A 241 -20.94 19.73 -17.68
C LEU A 241 -19.75 19.38 -16.78
N PRO A 242 -19.39 18.12 -16.54
CA PRO A 242 -18.18 17.85 -15.73
C PRO A 242 -16.96 18.63 -16.17
N HIS A 243 -16.82 18.95 -17.46
CA HIS A 243 -15.74 19.83 -17.92
C HIS A 243 -16.20 21.26 -18.19
N LEU A 244 -17.36 21.43 -18.84
CA LEU A 244 -17.78 22.76 -19.28
C LEU A 244 -17.86 23.76 -18.13
N ARG A 245 -18.27 23.29 -16.95
CA ARG A 245 -18.54 24.23 -15.87
C ARG A 245 -17.26 24.79 -15.30
N TRP A 246 -16.17 24.01 -15.30
CA TRP A 246 -14.89 24.55 -14.84
C TRP A 246 -14.38 25.60 -15.82
N GLN A 247 -14.59 25.38 -17.12
CA GLN A 247 -14.25 26.39 -18.11
C GLN A 247 -15.00 27.68 -17.85
N GLN A 248 -16.29 27.58 -17.51
CA GLN A 248 -17.06 28.78 -17.24
C GLN A 248 -16.51 29.48 -16.01
N MET A 249 -15.94 28.71 -15.08
CA MET A 249 -15.43 29.32 -13.86
C MET A 249 -14.20 30.16 -14.15
N LEU A 250 -13.31 29.71 -15.04
CA LEU A 250 -12.14 30.53 -15.28
C LEU A 250 -12.51 31.84 -15.96
N GLU A 251 -13.64 31.90 -16.65
CA GLU A 251 -14.07 33.14 -17.27
C GLU A 251 -14.83 34.03 -16.31
N MET A 252 -15.72 33.46 -15.51
N MET A 252 -15.70 33.41 -15.52
CA MET A 252 -16.47 34.33 -14.64
CA MET A 252 -16.61 34.08 -14.61
C MET A 252 -15.65 34.79 -13.45
C MET A 252 -15.98 34.37 -13.25
N GLN A 253 -14.75 33.94 -12.95
N GLN A 253 -14.70 33.99 -13.06
CA GLN A 253 -13.83 34.32 -11.90
CA GLN A 253 -13.85 34.29 -11.90
C GLN A 253 -14.60 34.74 -10.64
C GLN A 253 -14.64 34.74 -10.66
N PRO A 254 -15.43 33.87 -10.06
CA PRO A 254 -16.15 34.24 -8.83
C PRO A 254 -15.23 34.24 -7.61
N GLU A 255 -15.73 34.87 -6.53
CA GLU A 255 -14.89 34.97 -5.32
C GLU A 255 -14.69 33.63 -4.64
N LEU A 256 -15.70 32.77 -4.73
CA LEU A 256 -15.66 31.44 -4.14
C LEU A 256 -16.39 30.50 -5.08
N ILE A 257 -16.01 29.23 -5.03
CA ILE A 257 -16.73 28.15 -5.71
C ILE A 257 -17.18 27.13 -4.67
N GLU A 258 -18.41 26.65 -4.81
CA GLU A 258 -18.80 25.46 -4.07
C GLU A 258 -19.18 24.35 -5.04
N ILE A 259 -18.56 23.20 -4.87
CA ILE A 259 -18.82 22.04 -5.71
C ILE A 259 -20.03 21.31 -5.14
N ILE A 260 -21.00 21.04 -6.00
CA ILE A 260 -22.17 20.25 -5.64
C ILE A 260 -22.04 18.95 -6.42
N SER A 261 -21.49 17.91 -5.80
CA SER A 261 -21.24 17.84 -4.38
C SER A 261 -20.09 16.90 -4.08
N TRP A 262 -19.71 16.80 -2.79
CA TRP A 262 -18.74 15.78 -2.47
C TRP A 262 -19.40 14.42 -2.45
N ASN A 263 -20.58 14.29 -1.80
CA ASN A 263 -21.10 12.95 -1.53
C ASN A 263 -22.63 12.86 -1.53
N ASP A 264 -23.33 13.72 -2.27
CA ASP A 264 -24.79 13.59 -2.34
C ASP A 264 -25.13 12.52 -3.39
N TYR A 265 -25.01 11.26 -2.98
CA TYR A 265 -25.27 10.20 -3.93
C TYR A 265 -26.69 10.27 -4.47
N GLY A 266 -27.63 10.70 -3.62
CA GLY A 266 -29.03 10.76 -3.98
C GLY A 266 -29.32 11.61 -5.21
N GLU A 267 -28.42 12.53 -5.55
CA GLU A 267 -28.61 13.37 -6.72
C GLU A 267 -27.51 13.16 -7.76
N SER A 268 -26.63 12.18 -7.54
CA SER A 268 -25.63 11.74 -8.51
C SER A 268 -24.60 12.81 -8.86
N HIS A 269 -24.47 13.90 -8.08
CA HIS A 269 -23.46 14.89 -8.42
C HIS A 269 -22.22 14.77 -7.53
N TYR A 270 -22.06 13.66 -6.83
CA TYR A 270 -20.87 13.44 -6.02
C TYR A 270 -19.64 13.30 -6.90
N ILE A 271 -18.55 13.91 -6.45
CA ILE A 271 -17.22 13.69 -7.01
C ILE A 271 -16.33 13.01 -6.02
N GLY A 272 -16.82 12.79 -4.79
CA GLY A 272 -16.09 12.11 -3.75
C GLY A 272 -16.21 10.61 -3.90
N PRO A 273 -15.47 9.89 -3.07
CA PRO A 273 -15.56 8.43 -3.10
C PRO A 273 -16.93 7.99 -2.62
N TYR A 274 -17.27 6.77 -3.00
CA TYR A 274 -18.43 6.08 -2.44
C TYR A 274 -17.99 5.46 -1.13
N SER A 275 -18.32 6.09 0.00
CA SER A 275 -17.78 5.66 1.28
C SER A 275 -18.71 4.64 1.90
N GLU A 276 -18.15 3.50 2.33
CA GLU A 276 -18.97 2.47 2.96
C GLU A 276 -19.48 2.89 4.33
N ALA A 277 -18.83 3.87 4.97
CA ALA A 277 -19.28 4.32 6.29
C ALA A 277 -20.59 5.10 6.24
N HIS A 278 -20.95 5.68 5.09
CA HIS A 278 -22.16 6.48 5.02
C HIS A 278 -23.40 5.60 5.05
N SER A 279 -24.54 6.20 5.42
CA SER A 279 -25.80 5.47 5.58
C SER A 279 -26.63 5.64 4.33
N ASP A 280 -26.93 4.53 3.68
CA ASP A 280 -27.67 4.55 2.42
C ASP A 280 -29.07 5.07 2.66
N ASP A 281 -29.45 6.09 1.89
CA ASP A 281 -30.81 6.59 1.89
C ASP A 281 -31.67 5.92 0.84
N GLY A 282 -31.15 4.95 0.09
CA GLY A 282 -31.80 4.39 -1.07
C GLY A 282 -31.09 4.66 -2.38
N SER A 283 -30.19 5.64 -2.42
CA SER A 283 -29.42 5.92 -3.63
C SER A 283 -28.39 4.86 -3.93
N ALA A 284 -28.14 3.90 -3.05
CA ALA A 284 -27.13 2.91 -3.40
C ALA A 284 -27.51 2.17 -4.67
N GLN A 285 -28.81 2.00 -4.91
CA GLN A 285 -29.30 1.32 -6.10
C GLN A 285 -28.71 1.91 -7.39
N TRP A 286 -28.45 3.22 -7.44
CA TRP A 286 -27.85 3.81 -8.62
C TRP A 286 -26.46 4.40 -8.38
N THR A 287 -25.82 4.11 -7.25
CA THR A 287 -24.49 4.68 -7.00
C THR A 287 -23.47 3.69 -6.51
N LYS A 288 -23.87 2.55 -5.96
CA LYS A 288 -22.89 1.63 -5.39
C LYS A 288 -21.83 1.27 -6.42
N ASP A 289 -22.25 0.93 -7.64
CA ASP A 289 -21.34 0.51 -8.69
C ASP A 289 -20.93 1.63 -9.62
N PHE A 290 -21.06 2.87 -9.21
CA PHE A 290 -20.80 4.00 -10.10
C PHE A 290 -19.83 4.95 -9.44
N PRO A 291 -18.54 4.74 -9.63
CA PRO A 291 -17.55 5.68 -9.11
C PRO A 291 -17.58 6.99 -9.88
N HIS A 292 -17.38 8.09 -9.15
CA HIS A 292 -17.22 9.38 -9.78
C HIS A 292 -15.82 9.94 -9.61
N ASP A 293 -14.91 9.21 -8.96
CA ASP A 293 -13.63 9.78 -8.53
C ASP A 293 -12.86 10.40 -9.67
N ALA A 294 -12.96 9.81 -10.86
CA ALA A 294 -12.24 10.34 -12.02
C ALA A 294 -12.65 11.77 -12.36
N TRP A 295 -13.83 12.25 -11.96
CA TRP A 295 -14.09 13.67 -12.23
C TRP A 295 -13.13 14.57 -11.46
N ARG A 296 -12.53 14.09 -10.37
CA ARG A 296 -11.54 14.91 -9.71
C ARG A 296 -10.31 15.13 -10.59
N ILE A 297 -10.10 14.31 -11.61
CA ILE A 297 -8.96 14.51 -12.50
C ILE A 297 -9.17 15.75 -13.37
N ILE A 298 -10.42 15.99 -13.79
CA ILE A 298 -10.75 17.24 -14.46
C ILE A 298 -10.67 18.42 -13.51
N ALA A 299 -11.20 18.28 -12.30
CA ALA A 299 -11.31 19.43 -11.39
C ALA A 299 -9.93 19.99 -11.06
N LYS A 300 -8.99 19.10 -10.70
CA LYS A 300 -7.72 19.54 -10.13
C LYS A 300 -7.01 20.61 -10.97
N PRO A 301 -6.84 20.46 -12.29
CA PRO A 301 -6.17 21.53 -13.06
C PRO A 301 -6.99 22.80 -13.17
N TYR A 302 -8.33 22.70 -13.21
CA TYR A 302 -9.13 23.92 -13.25
C TYR A 302 -9.14 24.63 -11.89
N ILE A 303 -9.15 23.87 -10.79
CA ILE A 303 -9.04 24.49 -9.48
C ILE A 303 -7.73 25.25 -9.37
N ALA A 304 -6.62 24.64 -9.82
CA ALA A 304 -5.33 25.33 -9.81
C ALA A 304 -5.38 26.61 -10.63
N ALA A 305 -5.90 26.52 -11.87
CA ALA A 305 -5.97 27.72 -12.69
C ALA A 305 -6.83 28.78 -12.04
N TYR A 306 -7.99 28.38 -11.53
CA TYR A 306 -8.91 29.35 -10.95
C TYR A 306 -8.27 30.09 -9.79
N LYS A 307 -7.66 29.35 -8.85
CA LYS A 307 -6.99 30.02 -7.74
C LYS A 307 -5.88 30.94 -8.26
N ALA A 308 -5.07 30.44 -9.18
CA ALA A 308 -3.98 31.25 -9.69
C ALA A 308 -4.43 32.29 -10.71
N GLY A 309 -5.74 32.46 -10.90
CA GLY A 309 -6.17 33.45 -11.86
C GLY A 309 -5.80 33.18 -13.29
N GLU A 310 -5.19 32.05 -13.60
CA GLU A 310 -5.02 31.69 -15.00
C GLU A 310 -6.37 31.52 -15.66
N ARG A 311 -6.43 31.81 -16.97
CA ARG A 311 -7.66 31.61 -17.71
C ARG A 311 -7.65 30.32 -18.51
N GLU A 312 -6.56 29.57 -18.45
CA GLU A 312 -6.43 28.27 -19.06
C GLU A 312 -5.74 27.34 -18.08
N PRO A 313 -6.11 26.08 -18.05
CA PRO A 313 -5.44 25.14 -17.14
C PRO A 313 -4.17 24.64 -17.79
N THR A 314 -3.30 24.07 -16.97
CA THR A 314 -2.06 23.49 -17.44
C THR A 314 -2.13 21.98 -17.30
N VAL A 315 -1.87 21.25 -18.37
CA VAL A 315 -1.94 19.80 -18.35
C VAL A 315 -0.59 19.23 -17.93
N GLU A 316 -0.61 18.40 -16.88
CA GLU A 316 0.63 17.90 -16.28
C GLU A 316 1.15 16.69 -17.04
N SER A 317 0.31 15.69 -17.23
CA SER A 317 0.65 14.49 -17.97
C SER A 317 -0.57 14.08 -18.78
N ASP A 318 -0.41 13.06 -19.60
CA ASP A 318 -1.48 12.63 -20.49
C ASP A 318 -2.48 11.76 -19.74
N GLN A 319 -3.74 12.21 -19.68
CA GLN A 319 -4.80 11.46 -19.01
C GLN A 319 -6.10 11.55 -19.81
N LEU A 320 -7.05 10.71 -19.44
CA LEU A 320 -8.35 10.65 -20.09
C LEU A 320 -9.41 10.34 -19.04
N VAL A 321 -10.53 11.08 -19.06
CA VAL A 321 -11.68 10.79 -18.20
C VAL A 321 -12.89 10.54 -19.09
N TYR A 322 -13.67 9.52 -18.75
CA TYR A 322 -14.82 9.15 -19.55
C TYR A 322 -16.01 8.95 -18.63
N TRP A 323 -17.21 9.19 -19.14
CA TRP A 323 -18.38 8.90 -18.33
C TRP A 323 -19.57 8.60 -19.25
N TYR A 324 -20.49 7.77 -18.75
CA TYR A 324 -21.64 7.41 -19.57
C TYR A 324 -22.72 6.77 -18.70
N ARG A 325 -23.97 7.01 -19.10
CA ARG A 325 -25.10 6.38 -18.44
C ARG A 325 -25.10 4.88 -18.76
N PRO A 326 -25.72 4.06 -17.89
CA PRO A 326 -25.67 2.62 -18.11
C PRO A 326 -26.62 2.11 -19.19
N THR A 327 -27.61 2.88 -19.63
CA THR A 327 -28.49 2.39 -20.69
C THR A 327 -28.83 3.49 -21.67
N PRO A 328 -29.14 3.15 -22.91
CA PRO A 328 -29.83 4.10 -23.78
C PRO A 328 -31.08 4.61 -23.07
N LYS A 329 -31.38 5.89 -23.28
CA LYS A 329 -32.38 6.59 -22.47
C LYS A 329 -33.78 6.04 -22.68
N ALA A 330 -34.06 5.42 -23.82
CA ALA A 330 -35.39 4.88 -24.07
C ALA A 330 -35.61 3.48 -23.50
N VAL A 331 -34.65 2.90 -22.80
CA VAL A 331 -34.86 1.54 -22.32
C VAL A 331 -35.90 1.55 -21.21
N THR A 332 -37.00 0.83 -21.40
CA THR A 332 -38.00 0.67 -20.37
C THR A 332 -37.58 -0.46 -19.45
N CYS A 333 -37.65 -0.25 -18.15
CA CYS A 333 -36.99 -1.19 -17.26
C CYS A 333 -38.01 -2.08 -16.57
N SER A 334 -37.53 -3.07 -15.81
CA SER A 334 -38.37 -4.25 -15.60
C SER A 334 -39.17 -4.21 -14.31
N LYS A 335 -38.59 -3.75 -13.19
CA LYS A 335 -39.33 -3.86 -11.94
C LYS A 335 -39.32 -2.57 -11.10
N ASP A 336 -39.16 -1.40 -11.72
CA ASP A 336 -38.94 -0.17 -10.93
C ASP A 336 -40.22 0.33 -10.27
N PRO A 337 -40.29 0.37 -8.93
CA PRO A 337 -41.47 0.92 -8.26
C PRO A 337 -41.65 2.41 -8.46
N LEU A 338 -40.72 3.08 -9.13
CA LEU A 338 -40.78 4.50 -9.47
C LEU A 338 -40.78 4.64 -10.97
N GLY A 339 -41.51 5.62 -11.47
CA GLY A 339 -41.59 5.79 -12.89
C GLY A 339 -40.29 6.31 -13.45
N PRO A 340 -40.24 6.43 -14.77
CA PRO A 340 -39.07 7.03 -15.40
C PRO A 340 -38.91 8.46 -14.96
N PRO A 341 -37.70 8.92 -14.73
CA PRO A 341 -37.50 10.28 -14.25
C PRO A 341 -37.95 11.29 -15.31
N ASN A 342 -38.51 12.39 -14.83
CA ASN A 342 -38.82 13.55 -15.66
C ASN A 342 -37.58 14.08 -16.34
N GLY A 343 -37.69 14.35 -17.66
CA GLY A 343 -36.63 14.97 -18.41
C GLY A 343 -35.69 14.02 -19.14
N ILE A 344 -35.81 12.71 -18.95
CA ILE A 344 -34.81 11.81 -19.54
C ILE A 344 -34.87 11.81 -21.05
N ASN A 345 -36.00 12.23 -21.64
CA ASN A 345 -36.06 12.24 -23.09
C ASN A 345 -35.23 13.34 -23.72
N LEU A 346 -34.70 14.26 -22.92
CA LEU A 346 -33.86 15.33 -23.43
C LEU A 346 -32.38 15.01 -23.31
N LEU A 347 -32.04 13.87 -22.73
CA LEU A 347 -30.64 13.47 -22.63
C LEU A 347 -30.17 12.98 -23.99
N GLU A 348 -28.86 12.80 -24.08
CA GLU A 348 -28.29 12.22 -25.31
C GLU A 348 -27.64 10.89 -24.97
N ASP A 349 -27.84 9.89 -25.82
CA ASP A 349 -27.24 8.59 -25.68
C ASP A 349 -25.81 8.73 -26.19
N SER A 350 -24.96 9.21 -25.29
CA SER A 350 -23.60 9.53 -25.63
C SER A 350 -22.65 9.02 -24.57
N VAL A 351 -21.43 8.77 -25.01
CA VAL A 351 -20.28 8.53 -24.17
C VAL A 351 -19.45 9.80 -24.24
N PHE A 352 -19.08 10.35 -23.08
CA PHE A 352 -18.34 11.61 -23.02
C PHE A 352 -16.91 11.30 -22.60
N VAL A 353 -15.95 11.93 -23.28
CA VAL A 353 -14.54 11.73 -23.00
C VAL A 353 -13.88 13.09 -22.89
N THR A 354 -13.18 13.30 -21.78
CA THR A 354 -12.34 14.49 -21.60
C THR A 354 -10.89 14.04 -21.64
N THR A 355 -10.17 14.47 -22.66
CA THR A 355 -8.74 14.18 -22.77
C THR A 355 -7.96 15.33 -22.15
N LEU A 356 -7.00 14.99 -21.29
CA LEU A 356 -6.03 15.94 -20.75
C LEU A 356 -4.68 15.59 -21.37
N LEU A 357 -4.17 16.44 -22.24
CA LEU A 357 -3.03 16.05 -23.05
C LEU A 357 -1.99 17.16 -23.16
N THR A 358 -0.72 16.74 -23.19
CA THR A 358 0.44 17.63 -23.27
C THR A 358 0.78 18.01 -24.70
N GLU A 359 0.48 17.13 -25.65
CA GLU A 359 0.57 17.42 -27.07
C GLU A 359 -0.65 16.79 -27.73
N PRO A 360 -1.00 17.22 -28.94
CA PRO A 360 -2.18 16.65 -29.60
C PRO A 360 -2.03 15.15 -29.87
N ALA A 361 -3.17 14.53 -30.11
CA ALA A 361 -3.22 13.09 -30.29
C ALA A 361 -4.53 12.72 -30.98
N THR A 362 -4.68 11.45 -31.31
CA THR A 362 -5.94 10.93 -31.80
C THR A 362 -6.63 10.13 -30.70
N LEU A 363 -7.92 10.40 -30.53
CA LEU A 363 -8.78 9.68 -29.60
C LEU A 363 -9.70 8.76 -30.38
N THR A 364 -9.67 7.47 -30.07
CA THR A 364 -10.56 6.47 -30.65
C THR A 364 -11.45 5.88 -29.57
N VAL A 365 -12.73 5.73 -29.89
CA VAL A 365 -13.71 5.29 -28.92
C VAL A 365 -14.52 4.17 -29.54
N GLY A 366 -14.49 3.00 -28.92
CA GLY A 366 -15.37 1.91 -29.29
C GLY A 366 -16.52 1.87 -28.30
N SER A 367 -17.73 2.02 -28.81
CA SER A 367 -18.94 2.01 -27.99
C SER A 367 -19.87 0.96 -28.57
N GLY A 368 -19.97 -0.19 -27.90
CA GLY A 368 -20.74 -1.27 -28.49
C GLY A 368 -20.11 -1.65 -29.82
N SER A 369 -20.94 -1.89 -30.83
CA SER A 369 -20.41 -2.26 -32.14
C SER A 369 -19.96 -1.05 -32.96
N LEU A 370 -19.99 0.16 -32.41
CA LEU A 370 -19.67 1.36 -33.13
C LEU A 370 -18.24 1.79 -32.80
N GLU A 371 -17.52 2.29 -33.77
CA GLU A 371 -16.18 2.81 -33.52
C GLU A 371 -16.10 4.19 -34.13
N PHE A 372 -15.50 5.12 -33.38
CA PHE A 372 -15.33 6.52 -33.78
C PHE A 372 -13.92 6.96 -33.48
N SER A 373 -13.48 7.96 -34.22
CA SER A 373 -12.22 8.60 -33.86
C SER A 373 -12.31 10.10 -34.15
N VAL A 374 -11.43 10.83 -33.46
CA VAL A 374 -11.40 12.28 -33.57
C VAL A 374 -10.01 12.71 -33.15
N ASP A 375 -9.44 13.63 -33.90
CA ASP A 375 -8.17 14.22 -33.49
C ASP A 375 -8.45 15.24 -32.42
N VAL A 376 -7.51 15.35 -31.49
CA VAL A 376 -7.73 16.06 -30.24
C VAL A 376 -6.52 16.94 -29.98
N ASP A 377 -6.77 18.22 -29.73
CA ASP A 377 -5.65 19.12 -29.52
C ASP A 377 -5.04 18.89 -28.15
N ALA A 378 -3.84 19.41 -27.95
CA ALA A 378 -3.26 19.51 -26.62
C ALA A 378 -4.17 20.35 -25.72
N GLY A 379 -4.08 20.09 -24.41
CA GLY A 379 -4.94 20.74 -23.43
C GLY A 379 -6.07 19.83 -22.95
N ILE A 380 -7.15 20.45 -22.46
CA ILE A 380 -8.28 19.74 -21.89
C ILE A 380 -9.50 19.94 -22.80
N VAL A 381 -10.00 18.85 -23.35
CA VAL A 381 -10.99 18.88 -24.41
C VAL A 381 -12.01 17.78 -24.14
N THR A 382 -13.30 18.10 -24.26
CA THR A 382 -14.34 17.10 -24.09
C THR A 382 -15.00 16.83 -25.43
N ASN A 383 -15.13 15.55 -25.76
CA ASN A 383 -15.82 15.07 -26.94
C ASN A 383 -16.91 14.10 -26.50
N SER A 384 -18.03 14.11 -27.20
CA SER A 384 -19.08 13.14 -26.94
C SER A 384 -19.17 12.19 -28.14
N PHE A 385 -19.53 10.94 -27.86
CA PHE A 385 -19.57 9.90 -28.86
C PHE A 385 -20.90 9.18 -28.78
N PRO A 386 -21.45 8.74 -29.90
CA PRO A 386 -22.70 7.98 -29.86
C PRO A 386 -22.54 6.72 -29.03
N MET A 387 -23.51 6.50 -28.14
CA MET A 387 -23.55 5.31 -27.31
C MET A 387 -24.01 4.10 -28.08
N GLY A 388 -23.23 3.02 -28.01
CA GLY A 388 -23.65 1.71 -28.47
C GLY A 388 -23.81 0.76 -27.29
N VAL A 389 -24.81 -0.11 -27.35
CA VAL A 389 -24.98 -1.10 -26.32
C VAL A 389 -23.85 -2.11 -26.43
N GLY A 390 -23.29 -2.47 -25.30
CA GLY A 390 -22.19 -3.40 -25.31
C GLY A 390 -21.03 -2.80 -24.56
N SER A 391 -19.85 -3.35 -24.83
CA SER A 391 -18.66 -2.91 -24.13
C SER A 391 -18.12 -1.63 -24.75
N GLN A 392 -17.35 -0.90 -23.95
CA GLN A 392 -16.84 0.41 -24.32
C GLN A 392 -15.33 0.40 -24.16
N ALA A 393 -14.65 0.99 -25.13
CA ALA A 393 -13.20 0.98 -25.14
C ALA A 393 -12.72 2.33 -25.64
N PHE A 394 -11.59 2.74 -25.08
CA PHE A 394 -10.98 4.04 -25.32
C PHE A 394 -9.51 3.82 -25.55
N SER A 395 -8.94 4.58 -26.48
CA SER A 395 -7.49 4.59 -26.62
C SER A 395 -7.07 5.90 -27.23
N VAL A 396 -5.94 6.44 -26.77
CA VAL A 396 -5.38 7.68 -27.28
C VAL A 396 -4.05 7.36 -27.96
N THR A 397 -3.91 7.74 -29.22
CA THR A 397 -2.71 7.44 -29.97
C THR A 397 -2.01 8.71 -30.42
N ARG A 398 -0.69 8.67 -30.37
CA ARG A 398 0.13 9.76 -30.86
C ARG A 398 1.33 9.09 -31.51
N ASP A 399 1.63 9.47 -32.75
CA ASP A 399 2.74 8.89 -33.51
C ASP A 399 2.61 7.36 -33.61
N GLY A 400 1.38 6.88 -33.80
CA GLY A 400 1.18 5.44 -33.89
C GLY A 400 1.18 4.72 -32.56
N GLU A 401 1.98 5.16 -31.59
CA GLU A 401 1.95 4.53 -30.27
C GLU A 401 0.67 4.87 -29.51
N GLU A 402 0.10 3.85 -28.85
CA GLU A 402 -0.95 4.08 -27.89
C GLU A 402 -0.30 4.55 -26.59
N ILE A 403 -0.73 5.71 -26.09
CA ILE A 403 -0.15 6.25 -24.87
C ILE A 403 -1.04 5.96 -23.67
N LEU A 404 -2.34 5.84 -23.87
CA LEU A 404 -3.22 5.40 -22.79
C LEU A 404 -4.48 4.81 -23.39
N GLY A 405 -5.11 3.92 -22.65
CA GLY A 405 -6.30 3.29 -23.18
C GLY A 405 -6.72 2.14 -22.29
N GLY A 406 -7.92 1.65 -22.58
CA GLY A 406 -8.44 0.49 -21.90
C GLY A 406 -9.93 0.36 -22.17
N ASP A 407 -10.55 -0.58 -21.45
CA ASP A 407 -11.99 -0.75 -21.50
C ASP A 407 -12.67 0.01 -20.37
N GLY A 408 -13.88 0.48 -20.64
CA GLY A 408 -14.65 1.10 -19.60
C GLY A 408 -15.08 0.07 -18.57
N GLY A 409 -15.17 0.51 -17.31
CA GLY A 409 -15.51 -0.44 -16.27
C GLY A 409 -16.91 -1.02 -16.38
N LEU A 410 -17.73 -0.52 -17.31
CA LEU A 410 -19.15 -0.85 -17.33
C LEU A 410 -19.63 -0.99 -18.77
N ASP A 411 -20.27 -2.11 -19.07
CA ASP A 411 -20.88 -2.32 -20.38
C ASP A 411 -22.24 -1.66 -20.42
N VAL A 412 -22.53 -0.97 -21.52
CA VAL A 412 -23.85 -0.38 -21.69
C VAL A 412 -24.85 -1.50 -21.96
N GLN A 413 -25.95 -1.52 -21.23
CA GLN A 413 -26.93 -2.58 -21.33
C GLN A 413 -28.17 -2.04 -22.03
N ASP A 414 -28.95 -2.94 -22.62
CA ASP A 414 -30.22 -2.50 -23.21
C ASP A 414 -31.41 -3.08 -22.46
N ARG A 415 -31.19 -3.63 -21.28
CA ARG A 415 -32.24 -3.99 -20.34
C ARG A 415 -31.87 -3.35 -19.01
N CYS A 416 -32.84 -3.25 -18.09
CA CYS A 416 -32.43 -2.86 -16.74
C CYS A 416 -33.60 -3.07 -15.77
N ASP A 417 -33.26 -3.19 -14.48
CA ASP A 417 -34.27 -3.42 -13.45
C ASP A 417 -34.87 -2.12 -12.96
N TYR A 418 -34.02 -1.11 -12.76
CA TYR A 418 -34.40 0.17 -12.19
C TYR A 418 -33.86 1.28 -13.05
N TYR A 419 -34.64 2.35 -13.18
CA TYR A 419 -34.20 3.54 -13.91
C TYR A 419 -32.98 4.17 -13.25
N ASN A 420 -31.85 4.14 -13.94
CA ASN A 420 -30.59 4.68 -13.41
C ASN A 420 -30.05 5.69 -14.41
N PHE A 421 -30.19 6.99 -14.12
CA PHE A 421 -29.63 8.01 -15.01
C PHE A 421 -28.43 8.72 -14.40
N ASN A 422 -27.86 8.17 -13.33
CA ASN A 422 -26.49 8.40 -12.95
C ASN A 422 -25.55 7.94 -14.07
N VAL A 423 -24.25 8.30 -13.95
CA VAL A 423 -23.24 7.86 -14.92
C VAL A 423 -22.15 7.09 -14.21
N TYR A 424 -21.54 6.16 -14.95
CA TYR A 424 -20.27 5.51 -14.57
C TYR A 424 -19.12 6.38 -15.07
N VAL A 425 -18.15 6.66 -14.21
CA VAL A 425 -16.99 7.47 -14.61
C VAL A 425 -15.72 6.65 -14.39
N GLY A 426 -14.78 6.76 -15.33
CA GLY A 426 -13.50 6.09 -15.23
C GLY A 426 -12.43 6.94 -15.88
N SER A 427 -11.18 6.49 -15.79
CA SER A 427 -10.06 7.23 -16.36
C SER A 427 -8.96 6.27 -16.80
N PHE A 428 -8.05 6.82 -17.60
CA PHE A 428 -6.79 6.20 -17.91
C PHE A 428 -5.71 7.26 -17.79
N SER A 429 -4.52 6.85 -17.40
CA SER A 429 -3.43 7.78 -17.23
C SER A 429 -2.18 7.21 -17.90
N ALA A 430 -1.33 8.11 -18.37
CA ALA A 430 0.02 7.76 -18.75
C ALA A 430 0.92 8.21 -17.62
N SER B 34 27.78 -27.62 -24.45
CA SER B 34 26.82 -27.17 -25.44
C SER B 34 27.48 -26.11 -26.36
N ASN B 35 26.66 -25.25 -26.96
CA ASN B 35 27.14 -24.02 -27.59
C ASN B 35 27.28 -22.92 -26.54
N LYS B 36 27.71 -21.74 -27.00
CA LYS B 36 27.73 -20.54 -26.16
C LYS B 36 26.51 -19.68 -26.47
N TYR B 37 25.95 -19.05 -25.43
CA TYR B 37 24.80 -18.19 -25.60
C TYR B 37 24.99 -16.90 -24.80
N VAL B 38 24.28 -15.86 -25.23
CA VAL B 38 24.31 -14.56 -24.57
C VAL B 38 22.89 -14.23 -24.17
N THR B 39 22.71 -13.77 -22.93
CA THR B 39 21.37 -13.46 -22.45
C THR B 39 21.34 -12.03 -21.90
N ALA B 40 20.16 -11.50 -21.71
CA ALA B 40 20.09 -10.16 -21.15
C ALA B 40 19.03 -10.14 -20.05
N HIS B 41 19.45 -9.60 -18.89
CA HIS B 41 18.59 -9.32 -17.75
C HIS B 41 17.47 -8.35 -18.12
N PHE B 42 16.23 -8.83 -17.98
CA PHE B 42 15.03 -8.03 -18.26
C PHE B 42 14.23 -7.85 -16.97
N MET B 43 13.92 -6.60 -16.64
CA MET B 43 13.06 -6.26 -15.51
C MET B 43 11.59 -6.46 -15.84
N VAL B 44 11.00 -7.55 -15.35
CA VAL B 44 9.55 -7.71 -15.44
C VAL B 44 8.86 -6.74 -14.51
N GLY B 45 9.49 -6.40 -13.39
CA GLY B 45 8.85 -5.53 -12.43
C GLY B 45 8.36 -4.21 -13.00
N ILE B 46 8.96 -3.72 -14.08
CA ILE B 46 8.63 -2.39 -14.59
C ILE B 46 7.79 -2.44 -15.87
N VAL B 47 7.34 -3.63 -16.28
CA VAL B 47 6.55 -3.77 -17.50
C VAL B 47 5.13 -4.24 -17.22
N GLU B 48 4.55 -3.78 -16.09
CA GLU B 48 3.17 -4.15 -15.75
C GLU B 48 2.21 -3.93 -16.93
N ASN B 49 2.39 -2.84 -17.68
CA ASN B 49 1.46 -2.52 -18.78
C ASN B 49 1.91 -3.02 -20.13
N TYR B 50 2.90 -3.90 -20.19
CA TYR B 50 3.34 -4.40 -21.48
C TYR B 50 2.26 -5.25 -22.14
N THR B 51 2.11 -5.09 -23.45
CA THR B 51 1.34 -6.04 -24.23
C THR B 51 2.31 -7.06 -24.82
N VAL B 52 1.74 -8.09 -25.45
CA VAL B 52 2.59 -9.07 -26.12
C VAL B 52 3.47 -8.37 -27.16
N ASP B 53 2.97 -7.30 -27.76
CA ASP B 53 3.72 -6.63 -28.83
C ASP B 53 4.89 -5.84 -28.27
N ASP B 54 4.69 -5.16 -27.14
CA ASP B 54 5.80 -4.52 -26.45
C ASP B 54 6.94 -5.50 -26.24
N TRP B 55 6.65 -6.69 -25.71
CA TRP B 55 7.67 -7.72 -25.62
C TRP B 55 8.33 -7.97 -26.96
N LYS B 56 7.52 -8.11 -28.02
CA LYS B 56 8.05 -8.56 -29.30
C LYS B 56 9.01 -7.55 -29.89
N HIS B 57 8.79 -6.26 -29.60
CA HIS B 57 9.69 -5.21 -30.04
C HIS B 57 11.05 -5.30 -29.36
N ASP B 58 11.06 -5.38 -28.02
CA ASP B 58 12.32 -5.61 -27.32
C ASP B 58 13.00 -6.85 -27.86
N MET B 59 12.21 -7.90 -28.08
CA MET B 59 12.77 -9.19 -28.45
C MET B 59 13.43 -9.12 -29.81
N GLU B 60 12.79 -8.43 -30.75
CA GLU B 60 13.40 -8.22 -32.05
C GLU B 60 14.70 -7.44 -31.93
N LEU B 61 14.73 -6.37 -31.12
CA LEU B 61 15.98 -5.61 -31.00
C LEU B 61 17.08 -6.44 -30.33
N ALA B 62 16.73 -7.33 -29.41
CA ALA B 62 17.74 -8.20 -28.84
C ALA B 62 18.23 -9.20 -29.88
N LYS B 63 17.33 -9.68 -30.74
CA LYS B 63 17.72 -10.63 -31.77
C LYS B 63 18.69 -10.01 -32.78
N GLU B 64 18.46 -8.75 -33.16
CA GLU B 64 19.40 -8.05 -34.04
C GLU B 64 20.76 -7.87 -33.40
N THR B 65 20.85 -7.89 -32.08
CA THR B 65 22.15 -7.74 -31.43
C THR B 65 22.89 -9.05 -31.33
N GLY B 66 22.19 -10.18 -31.50
CA GLY B 66 22.78 -11.48 -31.29
C GLY B 66 22.46 -12.06 -29.94
N ILE B 67 21.53 -11.46 -29.20
CA ILE B 67 21.16 -11.97 -27.90
C ILE B 67 20.21 -13.15 -28.07
N ASP B 68 20.45 -14.20 -27.31
CA ASP B 68 19.70 -15.44 -27.44
C ASP B 68 18.48 -15.48 -26.56
N ALA B 69 18.50 -14.82 -25.40
CA ALA B 69 17.38 -14.94 -24.47
C ALA B 69 17.36 -13.80 -23.49
N PHE B 70 16.16 -13.46 -23.02
CA PHE B 70 15.97 -12.53 -21.90
C PHE B 70 15.88 -13.31 -20.60
N ALA B 71 16.64 -12.89 -19.59
CA ALA B 71 16.34 -13.38 -18.23
C ALA B 71 15.17 -12.59 -17.70
N LEU B 72 14.04 -13.26 -17.45
CA LEU B 72 12.87 -12.53 -16.98
C LEU B 72 12.94 -12.36 -15.47
N ASN B 73 13.40 -11.20 -15.02
CA ASN B 73 13.60 -10.98 -13.59
C ASN B 73 12.30 -10.52 -12.97
N CYS B 74 11.60 -11.43 -12.29
CA CYS B 74 10.31 -11.17 -11.71
C CYS B 74 10.36 -11.33 -10.19
N ALA B 75 9.40 -10.71 -9.54
CA ALA B 75 9.25 -10.74 -8.10
C ALA B 75 7.92 -11.38 -7.73
N SER B 76 7.88 -11.99 -6.55
CA SER B 76 6.64 -12.58 -6.07
C SER B 76 5.62 -11.53 -5.65
N ILE B 77 6.04 -10.30 -5.44
CA ILE B 77 5.19 -9.27 -4.84
C ILE B 77 4.49 -8.45 -5.91
N ASP B 78 4.66 -8.80 -7.18
CA ASP B 78 3.99 -8.08 -8.25
C ASP B 78 2.78 -8.87 -8.71
N SER B 79 1.61 -8.24 -8.57
CA SER B 79 0.37 -8.89 -9.01
C SER B 79 0.46 -9.35 -10.45
N TYR B 80 1.23 -8.65 -11.27
CA TYR B 80 1.30 -8.90 -12.72
C TYR B 80 2.41 -9.85 -13.13
N THR B 81 3.07 -10.53 -12.20
CA THR B 81 4.18 -11.40 -12.61
C THR B 81 3.70 -12.47 -13.57
N ASP B 82 2.64 -13.20 -13.21
CA ASP B 82 2.25 -14.31 -14.07
C ASP B 82 1.70 -13.83 -15.41
N LYS B 83 1.02 -12.68 -15.42
CA LYS B 83 0.57 -12.11 -16.69
C LYS B 83 1.75 -11.77 -17.59
N GLN B 84 2.68 -10.97 -17.09
CA GLN B 84 3.79 -10.57 -17.93
C GLN B 84 4.73 -11.73 -18.23
N LEU B 85 4.77 -12.75 -17.39
CA LEU B 85 5.47 -13.97 -17.80
C LEU B 85 4.76 -14.62 -18.97
N ALA B 86 3.41 -14.61 -18.96
CA ALA B 86 2.66 -15.24 -20.04
C ALA B 86 2.90 -14.53 -21.37
N TYR B 87 2.73 -13.19 -21.39
CA TYR B 87 3.04 -12.45 -22.62
C TYR B 87 4.48 -12.67 -23.07
N ALA B 88 5.43 -12.66 -22.14
CA ALA B 88 6.83 -12.85 -22.53
C ALA B 88 7.03 -14.17 -23.24
N TYR B 89 6.51 -15.26 -22.70
CA TYR B 89 6.72 -16.57 -23.31
C TYR B 89 5.97 -16.66 -24.63
N GLU B 90 4.75 -16.09 -24.69
CA GLU B 90 4.05 -16.07 -25.95
C GLU B 90 4.84 -15.29 -27.00
N ALA B 91 5.30 -14.09 -26.61
CA ALA B 91 6.06 -13.27 -27.56
C ALA B 91 7.31 -14.00 -28.05
N ALA B 92 8.01 -14.68 -27.15
CA ALA B 92 9.21 -15.41 -27.55
C ALA B 92 8.89 -16.44 -28.63
N GLU B 93 7.81 -17.21 -28.45
CA GLU B 93 7.53 -18.23 -29.46
C GLU B 93 7.11 -17.61 -30.78
N GLU B 94 6.39 -16.49 -30.75
CA GLU B 94 5.97 -15.84 -31.98
C GLU B 94 7.12 -15.28 -32.80
N VAL B 95 8.25 -14.90 -32.18
CA VAL B 95 9.34 -14.30 -32.94
C VAL B 95 10.60 -15.17 -32.90
N ASP B 96 10.46 -16.45 -32.57
CA ASP B 96 11.60 -17.36 -32.52
C ASP B 96 12.71 -16.81 -31.61
N PHE B 97 12.31 -16.27 -30.46
CA PHE B 97 13.21 -15.81 -29.42
C PHE B 97 13.02 -16.71 -28.19
N LYS B 98 13.95 -16.63 -27.26
CA LYS B 98 13.88 -17.48 -26.08
C LYS B 98 13.90 -16.64 -24.82
N VAL B 99 13.27 -17.17 -23.77
CA VAL B 99 13.29 -16.53 -22.48
C VAL B 99 13.42 -17.60 -21.40
N PHE B 100 13.87 -17.17 -20.22
CA PHE B 100 13.91 -18.01 -19.05
C PHE B 100 13.68 -17.10 -17.85
N ILE B 101 13.32 -17.73 -16.73
CA ILE B 101 12.92 -16.98 -15.56
C ILE B 101 14.12 -16.75 -14.64
N SER B 102 14.24 -15.51 -14.17
CA SER B 102 15.16 -15.15 -13.11
C SER B 102 14.28 -14.76 -11.92
N PHE B 103 14.26 -15.62 -10.90
CA PHE B 103 13.46 -15.35 -9.71
C PHE B 103 14.23 -14.38 -8.82
N ASP B 104 13.69 -13.18 -8.62
CA ASP B 104 14.41 -12.16 -7.87
C ASP B 104 14.22 -12.41 -6.38
N PHE B 105 15.23 -12.97 -5.74
CA PHE B 105 15.05 -13.40 -4.36
C PHE B 105 15.29 -12.26 -3.38
N ALA B 106 15.43 -11.03 -3.87
CA ALA B 106 15.11 -9.90 -3.00
C ALA B 106 13.63 -9.90 -2.63
N TYR B 107 12.81 -10.64 -3.38
CA TYR B 107 11.37 -10.67 -3.14
C TYR B 107 10.88 -12.10 -2.91
N TRP B 108 11.13 -13.01 -3.85
CA TRP B 108 10.87 -14.41 -3.58
C TRP B 108 11.64 -14.87 -2.35
N SER B 109 11.13 -15.91 -1.69
CA SER B 109 11.84 -16.56 -0.59
C SER B 109 11.71 -18.07 -0.70
N ASN B 110 12.42 -18.77 0.19
CA ASN B 110 12.35 -20.24 0.19
C ASN B 110 10.96 -20.75 0.56
N GLY B 111 10.16 -19.92 1.22
CA GLY B 111 8.77 -20.25 1.44
C GLY B 111 7.93 -20.33 0.19
N ASP B 112 8.47 -19.92 -0.95
CA ASP B 112 7.71 -19.86 -2.18
C ASP B 112 7.91 -21.08 -3.07
N THR B 113 8.51 -22.16 -2.55
CA THR B 113 8.86 -23.31 -3.37
C THR B 113 7.67 -23.87 -4.15
N ALA B 114 6.50 -23.95 -3.51
CA ALA B 114 5.35 -24.51 -4.23
C ALA B 114 5.01 -23.66 -5.44
N ARG B 115 5.00 -22.34 -5.28
CA ARG B 115 4.73 -21.46 -6.41
C ARG B 115 5.82 -21.56 -7.46
N ILE B 116 7.09 -21.58 -7.03
CA ILE B 116 8.17 -21.67 -8.00
C ILE B 116 8.07 -22.97 -8.78
N THR B 117 7.80 -24.07 -8.08
CA THR B 117 7.60 -25.35 -8.76
C THR B 117 6.46 -25.27 -9.76
N SER B 118 5.32 -24.68 -9.37
CA SER B 118 4.21 -24.67 -10.32
C SER B 118 4.52 -23.78 -11.52
N ILE B 119 5.32 -22.73 -11.34
CA ILE B 119 5.73 -21.91 -12.48
C ILE B 119 6.65 -22.71 -13.40
N MET B 120 7.64 -23.40 -12.82
CA MET B 120 8.53 -24.25 -13.62
C MET B 120 7.76 -25.33 -14.38
N GLN B 121 6.72 -25.91 -13.76
CA GLN B 121 5.91 -26.92 -14.43
C GLN B 121 5.20 -26.34 -15.65
N THR B 122 4.71 -25.10 -15.54
CA THR B 122 4.14 -24.43 -16.71
C THR B 122 5.17 -24.25 -17.82
N TYR B 123 6.33 -23.65 -17.53
CA TYR B 123 7.14 -23.10 -18.61
C TYR B 123 8.39 -23.90 -18.97
N ALA B 124 8.78 -24.91 -18.16
CA ALA B 124 10.04 -25.59 -18.45
C ALA B 124 10.05 -26.22 -19.85
N ASP B 125 8.89 -26.58 -20.37
CA ASP B 125 8.80 -27.10 -21.73
C ASP B 125 7.89 -26.25 -22.61
N HIS B 126 7.67 -24.99 -22.24
CA HIS B 126 7.05 -24.05 -23.15
C HIS B 126 7.94 -23.89 -24.39
N PRO B 127 7.33 -23.69 -25.57
CA PRO B 127 8.13 -23.52 -26.79
C PRO B 127 9.04 -22.29 -26.76
N GLY B 128 8.72 -21.27 -25.94
CA GLY B 128 9.57 -20.12 -25.79
C GLY B 128 10.68 -20.27 -24.78
N GLN B 129 10.64 -21.33 -23.98
CA GLN B 129 11.61 -21.51 -22.91
C GLN B 129 12.98 -21.78 -23.48
N PHE B 130 13.97 -21.01 -23.04
CA PHE B 130 15.33 -21.19 -23.51
C PHE B 130 15.88 -22.49 -22.94
N GLN B 131 16.42 -23.34 -23.80
CA GLN B 131 16.92 -24.65 -23.36
C GLN B 131 18.43 -24.72 -23.50
N TYR B 132 19.10 -25.13 -22.43
CA TYR B 132 20.55 -25.26 -22.41
C TYR B 132 20.91 -26.73 -22.27
N ASN B 133 21.38 -27.34 -23.35
CA ASN B 133 21.65 -28.77 -23.42
C ASN B 133 20.42 -29.55 -22.95
N GLY B 134 19.27 -29.21 -23.54
CA GLY B 134 18.02 -29.92 -23.34
C GLY B 134 17.28 -29.62 -22.06
N ALA B 135 17.88 -28.88 -21.14
CA ALA B 135 17.24 -28.51 -19.89
C ALA B 135 16.78 -27.06 -19.95
N ALA B 136 15.65 -26.79 -19.31
CA ALA B 136 15.16 -25.42 -19.19
C ALA B 136 16.09 -24.61 -18.28
N LEU B 137 16.72 -23.59 -18.83
CA LEU B 137 17.50 -22.69 -17.98
C LEU B 137 16.58 -21.99 -16.99
N VAL B 138 17.10 -21.88 -15.77
CA VAL B 138 16.43 -21.07 -14.72
C VAL B 138 17.54 -20.35 -13.95
N SER B 139 17.29 -19.13 -13.51
CA SER B 139 18.28 -18.39 -12.69
C SER B 139 17.57 -17.56 -11.63
N THR B 140 18.34 -16.69 -10.99
CA THR B 140 17.81 -15.85 -9.92
C THR B 140 18.63 -14.59 -9.71
N PHE B 141 18.11 -13.70 -8.88
CA PHE B 141 18.94 -12.60 -8.37
C PHE B 141 19.07 -13.03 -6.90
N VAL B 142 20.28 -13.14 -6.40
CA VAL B 142 20.54 -13.69 -5.03
C VAL B 142 19.77 -15.01 -4.85
N GLY B 143 19.35 -15.33 -3.65
CA GLY B 143 18.69 -16.61 -3.38
C GLY B 143 19.69 -17.74 -3.35
N ASP B 144 20.87 -17.47 -2.79
CA ASP B 144 21.94 -18.46 -2.84
C ASP B 144 21.51 -19.78 -2.21
N SER B 145 20.73 -19.71 -1.14
CA SER B 145 20.39 -20.89 -0.37
C SER B 145 19.13 -21.55 -0.87
N PHE B 146 18.46 -21.00 -1.89
CA PHE B 146 17.27 -21.65 -2.39
C PHE B 146 17.64 -23.00 -3.00
N ASP B 147 16.93 -24.05 -2.57
CA ASP B 147 17.22 -25.40 -3.00
C ASP B 147 16.40 -25.75 -4.25
N TRP B 148 17.10 -26.01 -5.37
CA TRP B 148 16.46 -26.44 -6.61
C TRP B 148 16.15 -27.94 -6.65
N GLY B 149 16.67 -28.72 -5.71
CA GLY B 149 16.38 -30.14 -5.65
C GLY B 149 14.89 -30.47 -5.65
N PRO B 150 14.15 -29.95 -4.67
CA PRO B 150 12.69 -30.22 -4.67
C PRO B 150 12.02 -29.76 -5.95
N VAL B 151 12.43 -28.63 -6.53
CA VAL B 151 11.81 -28.16 -7.78
C VAL B 151 12.08 -29.14 -8.92
N LYS B 152 13.35 -29.55 -9.09
CA LYS B 152 13.72 -30.42 -10.20
C LYS B 152 13.04 -31.79 -10.08
N ARG B 153 12.95 -32.33 -8.86
CA ARG B 153 12.28 -33.61 -8.68
C ARG B 153 10.77 -33.53 -8.85
N ALA B 154 10.20 -32.32 -8.94
CA ALA B 154 8.76 -32.18 -9.14
C ALA B 154 8.36 -31.78 -10.55
N VAL B 155 9.32 -31.52 -11.42
CA VAL B 155 9.03 -31.08 -12.79
C VAL B 155 9.58 -32.14 -13.73
N ASP B 156 8.75 -32.59 -14.67
CA ASP B 156 9.17 -33.64 -15.57
C ASP B 156 10.33 -33.20 -16.45
N HIS B 157 10.21 -32.03 -17.05
CA HIS B 157 11.23 -31.55 -17.95
C HIS B 157 12.52 -31.25 -17.19
N PRO B 158 13.68 -31.62 -17.73
CA PRO B 158 14.95 -31.29 -17.06
C PRO B 158 15.13 -29.78 -16.94
N ILE B 159 15.72 -29.35 -15.82
CA ILE B 159 15.93 -27.94 -15.50
C ILE B 159 17.43 -27.72 -15.29
N PHE B 160 17.94 -26.61 -15.80
CA PHE B 160 19.35 -26.26 -15.65
C PHE B 160 19.44 -25.03 -14.74
N ALA B 161 19.78 -25.26 -13.47
CA ALA B 161 19.76 -24.20 -12.45
C ALA B 161 21.10 -23.51 -12.39
N VAL B 162 21.13 -22.23 -12.77
CA VAL B 162 22.35 -21.42 -12.72
C VAL B 162 21.99 -20.18 -11.91
N PRO B 163 21.87 -20.30 -10.59
CA PRO B 163 21.48 -19.15 -9.79
C PRO B 163 22.61 -18.14 -9.66
N ASN B 164 22.24 -16.92 -9.27
CA ASN B 164 23.19 -15.91 -8.84
C ASN B 164 23.72 -16.25 -7.44
N LEU B 165 25.01 -16.52 -7.33
CA LEU B 165 25.62 -16.83 -6.04
C LEU B 165 26.56 -15.69 -5.67
N GLN B 166 26.49 -15.24 -4.42
CA GLN B 166 27.36 -14.15 -4.01
C GLN B 166 28.77 -14.63 -3.67
N ASP B 167 28.90 -15.91 -3.31
CA ASP B 167 30.15 -16.49 -2.83
C ASP B 167 30.70 -17.44 -3.88
N PRO B 168 31.81 -17.09 -4.56
CA PRO B 168 32.44 -18.02 -5.50
C PRO B 168 32.67 -19.39 -4.91
N ASN B 169 33.07 -19.43 -3.64
CA ASN B 169 33.38 -20.70 -3.01
C ASN B 169 32.13 -21.56 -2.82
N TRP B 170 30.99 -20.91 -2.53
CA TRP B 170 29.76 -21.68 -2.37
C TRP B 170 29.27 -22.18 -3.70
N ALA B 171 29.74 -21.57 -4.79
CA ALA B 171 29.44 -22.11 -6.11
C ALA B 171 30.09 -23.46 -6.33
N GLY B 172 31.01 -23.85 -5.47
CA GLY B 172 31.74 -25.09 -5.64
C GLY B 172 31.27 -26.17 -4.69
N HIS B 173 30.67 -25.78 -3.57
CA HIS B 173 30.20 -26.74 -2.58
C HIS B 173 28.69 -26.67 -2.42
N ALA B 174 27.98 -26.16 -3.43
CA ALA B 174 26.55 -25.87 -3.29
C ALA B 174 25.76 -27.16 -3.12
N THR B 175 24.94 -27.21 -2.08
CA THR B 175 24.07 -28.35 -1.78
C THR B 175 22.67 -28.19 -2.37
N THR B 176 22.48 -27.19 -3.24
CA THR B 176 21.17 -26.76 -3.68
C THR B 176 20.82 -27.30 -5.06
N SER B 177 21.55 -28.30 -5.56
CA SER B 177 21.30 -28.96 -6.85
C SER B 177 21.37 -27.98 -8.02
N ILE B 178 22.44 -27.19 -8.04
CA ILE B 178 22.66 -26.23 -9.11
C ILE B 178 23.50 -26.87 -10.21
N ASP B 179 23.39 -26.34 -11.43
CA ASP B 179 24.22 -26.76 -12.54
C ASP B 179 25.27 -25.73 -12.94
N GLY B 180 25.32 -24.59 -12.27
CA GLY B 180 26.28 -23.56 -12.57
C GLY B 180 25.99 -22.37 -11.69
N ALA B 181 26.76 -21.30 -11.90
CA ALA B 181 26.57 -20.11 -11.08
C ALA B 181 26.61 -18.89 -11.96
N PHE B 182 25.77 -17.91 -11.65
CA PHE B 182 25.74 -16.64 -12.34
C PHE B 182 26.37 -15.61 -11.39
N SER B 183 27.45 -14.98 -11.83
CA SER B 183 28.09 -13.94 -11.03
C SER B 183 27.45 -12.59 -11.32
N TRP B 184 27.24 -11.81 -10.26
CA TRP B 184 26.80 -10.42 -10.35
C TRP B 184 27.94 -9.45 -10.10
N TYR B 185 29.20 -9.91 -10.11
CA TYR B 185 30.34 -9.01 -9.98
C TYR B 185 30.69 -8.41 -11.34
N ALA B 186 29.78 -7.58 -11.83
CA ALA B 186 29.95 -7.03 -13.17
C ALA B 186 30.84 -5.79 -13.20
N TRP B 187 31.21 -5.25 -12.06
CA TRP B 187 31.88 -3.96 -11.93
C TRP B 187 33.07 -4.08 -10.98
N PRO B 188 33.99 -3.12 -11.02
CA PRO B 188 35.14 -3.21 -10.11
C PRO B 188 34.68 -3.08 -8.67
N THR B 189 35.10 -4.03 -7.83
CA THR B 189 34.66 -4.02 -6.44
C THR B 189 35.59 -4.88 -5.61
N ASP B 190 35.67 -4.56 -4.32
CA ASP B 190 36.37 -5.40 -3.36
C ASP B 190 35.41 -6.23 -2.51
N GLY B 191 34.12 -6.25 -2.85
CA GLY B 191 33.11 -6.98 -2.12
C GLY B 191 32.27 -6.06 -1.26
N GLY B 192 31.12 -6.58 -0.83
CA GLY B 192 30.21 -5.77 -0.02
C GLY B 192 29.71 -4.54 -0.72
N ASN B 193 29.74 -4.53 -2.06
CA ASN B 193 29.39 -3.37 -2.87
C ASN B 193 30.34 -2.21 -2.63
N SER B 194 31.60 -2.52 -2.35
CA SER B 194 32.61 -1.48 -2.28
C SER B 194 32.94 -0.98 -3.69
N ILE B 195 33.20 0.32 -3.78
CA ILE B 195 33.55 1.02 -5.00
C ILE B 195 35.06 1.22 -5.01
N ILE B 196 35.70 0.87 -6.12
CA ILE B 196 37.14 1.02 -6.28
C ILE B 196 37.39 1.52 -7.69
N LYS B 197 38.52 2.18 -7.87
CA LYS B 197 38.93 2.65 -9.19
C LYS B 197 38.99 1.47 -10.16
N GLY B 198 38.76 1.75 -11.44
CA GLY B 198 38.91 0.72 -12.42
C GLY B 198 40.38 0.53 -12.77
N PRO B 199 40.66 -0.09 -13.92
CA PRO B 199 39.64 -0.68 -14.82
C PRO B 199 39.15 -2.03 -14.31
N MET B 200 37.96 -2.49 -14.71
CA MET B 200 37.55 -3.90 -14.55
C MET B 200 38.67 -4.92 -14.76
N THR B 201 38.86 -5.79 -13.77
CA THR B 201 39.70 -6.97 -13.89
C THR B 201 38.82 -8.21 -13.84
N THR B 202 39.44 -9.38 -14.07
CA THR B 202 38.75 -10.66 -14.06
C THR B 202 38.99 -11.43 -12.77
N ILE B 203 39.40 -10.74 -11.71
CA ILE B 203 39.69 -11.38 -10.43
C ILE B 203 38.48 -12.17 -9.91
N TRP B 204 37.26 -11.62 -10.04
CA TRP B 204 36.11 -12.36 -9.49
C TRP B 204 35.68 -13.46 -10.43
N ASP B 205 35.84 -13.22 -11.72
CA ASP B 205 35.51 -14.25 -12.68
C ASP B 205 36.38 -15.48 -12.47
N ASP B 206 37.65 -15.28 -12.13
CA ASP B 206 38.54 -16.44 -11.98
C ASP B 206 38.19 -17.22 -10.71
N ARG B 207 37.79 -16.52 -9.64
CA ARG B 207 37.36 -17.24 -8.43
C ARG B 207 36.17 -18.12 -8.74
N PHE B 208 35.24 -17.63 -9.57
CA PHE B 208 34.08 -18.44 -9.90
C PHE B 208 34.48 -19.62 -10.77
N ARG B 209 35.31 -19.37 -11.79
CA ARG B 209 35.70 -20.48 -12.65
C ARG B 209 36.61 -21.46 -11.91
N ASN B 210 37.49 -20.95 -11.02
CA ASN B 210 38.24 -21.85 -10.14
C ASN B 210 37.31 -22.78 -9.38
N ASN B 211 36.31 -22.21 -8.72
CA ASN B 211 35.49 -23.02 -7.83
C ASN B 211 34.42 -23.81 -8.56
N LEU B 212 33.99 -23.35 -9.74
CA LEU B 212 32.97 -24.12 -10.47
C LEU B 212 33.54 -25.39 -11.07
N LYS B 213 34.82 -25.41 -11.40
CA LYS B 213 35.43 -26.55 -12.10
C LYS B 213 34.63 -26.88 -13.33
N ASP B 214 33.93 -28.02 -13.26
CA ASP B 214 33.19 -28.57 -14.39
C ASP B 214 31.80 -27.96 -14.57
N LYS B 215 31.28 -27.23 -13.58
CA LYS B 215 29.94 -26.68 -13.72
C LYS B 215 29.97 -25.45 -14.64
N VAL B 216 28.79 -24.98 -15.01
CA VAL B 216 28.68 -23.89 -15.99
C VAL B 216 28.88 -22.53 -15.31
N TYR B 217 29.56 -21.61 -15.98
CA TYR B 217 29.74 -20.25 -15.46
C TYR B 217 29.04 -19.27 -16.38
N MET B 218 28.08 -18.53 -15.82
CA MET B 218 27.45 -17.42 -16.53
C MET B 218 28.08 -16.12 -16.04
N ALA B 219 28.91 -15.51 -16.92
CA ALA B 219 29.65 -14.30 -16.61
C ALA B 219 28.77 -13.07 -16.86
N PRO B 220 28.83 -12.06 -15.97
CA PRO B 220 28.05 -10.84 -16.21
C PRO B 220 28.78 -9.86 -17.10
N VAL B 221 28.03 -9.20 -17.98
CA VAL B 221 28.55 -8.10 -18.81
C VAL B 221 27.66 -6.88 -18.57
N SER B 222 28.25 -5.80 -18.07
CA SER B 222 27.50 -4.57 -17.78
C SER B 222 28.31 -3.37 -18.25
N PRO B 223 27.67 -2.39 -18.92
CA PRO B 223 28.43 -1.25 -19.44
C PRO B 223 28.67 -0.18 -18.41
N TRP B 224 27.85 -0.09 -17.38
CA TRP B 224 27.79 1.09 -16.53
C TRP B 224 27.12 0.70 -15.22
N PHE B 225 27.08 1.64 -14.29
CA PHE B 225 26.32 1.53 -13.06
C PHE B 225 26.18 2.90 -12.44
N SER B 226 24.97 3.41 -12.37
CA SER B 226 24.71 4.62 -11.61
C SER B 226 23.26 4.56 -11.18
N THR B 227 23.04 4.77 -9.89
CA THR B 227 21.70 4.65 -9.35
C THR B 227 21.48 5.73 -8.31
N HIS B 228 20.23 6.20 -8.20
CA HIS B 228 19.98 7.44 -7.46
C HIS B 228 18.61 7.34 -6.77
N PHE B 229 18.52 6.44 -5.79
CA PHE B 229 17.34 6.29 -4.97
C PHE B 229 17.73 6.39 -3.50
N ASN B 230 16.71 6.44 -2.64
CA ASN B 230 16.94 6.36 -1.20
C ASN B 230 17.69 5.09 -0.82
N THR B 231 17.28 3.94 -1.35
CA THR B 231 17.91 2.68 -0.95
C THR B 231 19.24 2.43 -1.62
N LYS B 232 19.54 3.10 -2.72
CA LYS B 232 20.81 2.90 -3.39
C LYS B 232 21.19 4.17 -4.13
N ASN B 233 22.36 4.72 -3.81
CA ASN B 233 22.76 6.02 -4.36
C ASN B 233 24.28 6.00 -4.54
N TRP B 234 24.72 5.36 -5.63
CA TRP B 234 26.14 5.24 -5.88
C TRP B 234 26.39 4.91 -7.35
N VAL B 235 27.66 5.00 -7.72
CA VAL B 235 28.16 4.64 -9.03
C VAL B 235 29.25 3.61 -8.79
N PHE B 236 29.36 2.64 -9.69
CA PHE B 236 30.63 1.93 -9.81
C PHE B 236 31.45 2.63 -10.89
N ILE B 237 32.74 2.32 -10.91
CA ILE B 237 33.69 3.04 -11.75
C ILE B 237 33.85 2.19 -13.00
N CYS B 238 33.09 2.53 -14.03
CA CYS B 238 33.01 1.68 -15.20
C CYS B 238 33.90 2.20 -16.31
N GLU B 239 33.54 3.37 -16.88
CA GLU B 239 34.39 4.17 -17.75
C GLU B 239 34.49 3.58 -19.15
N ASP B 240 35.57 2.85 -19.46
CA ASP B 240 35.66 2.13 -20.73
C ASP B 240 35.03 0.74 -20.64
N LEU B 241 34.34 0.45 -19.53
CA LEU B 241 33.70 -0.84 -19.33
C LEU B 241 32.80 -1.28 -20.49
N PRO B 242 32.03 -0.39 -21.13
CA PRO B 242 31.13 -0.84 -22.22
C PRO B 242 31.82 -1.59 -23.34
N HIS B 243 33.11 -1.33 -23.57
CA HIS B 243 33.95 -2.09 -24.47
C HIS B 243 34.83 -3.10 -23.74
N LEU B 244 35.53 -2.67 -22.70
CA LEU B 244 36.58 -3.50 -22.12
C LEU B 244 36.04 -4.84 -21.63
N ARG B 245 34.79 -4.87 -21.14
CA ARG B 245 34.24 -6.13 -20.67
C ARG B 245 34.02 -7.10 -21.82
N TRP B 246 33.59 -6.60 -22.98
CA TRP B 246 33.41 -7.53 -24.10
C TRP B 246 34.74 -8.16 -24.50
N GLN B 247 35.83 -7.37 -24.52
CA GLN B 247 37.14 -7.97 -24.80
C GLN B 247 37.49 -9.04 -23.78
N GLN B 248 37.15 -8.80 -22.50
CA GLN B 248 37.43 -9.79 -21.47
C GLN B 248 36.67 -11.09 -21.73
N MET B 249 35.49 -11.02 -22.33
CA MET B 249 34.71 -12.22 -22.63
C MET B 249 35.35 -13.08 -23.73
N LEU B 250 35.89 -12.46 -24.79
CA LEU B 250 36.58 -13.26 -25.80
C LEU B 250 37.74 -14.02 -25.20
N GLU B 251 38.51 -13.35 -24.34
CA GLU B 251 39.64 -13.97 -23.67
C GLU B 251 39.19 -15.09 -22.74
N MET B 252 38.01 -14.96 -22.13
CA MET B 252 37.63 -15.82 -21.02
C MET B 252 36.75 -16.99 -21.47
N GLN B 253 35.91 -16.75 -22.46
CA GLN B 253 34.99 -17.76 -23.00
C GLN B 253 34.20 -18.47 -21.91
N PRO B 254 33.40 -17.76 -21.13
CA PRO B 254 32.51 -18.45 -20.19
C PRO B 254 31.47 -19.25 -20.94
N GLU B 255 30.92 -20.25 -20.26
CA GLU B 255 29.86 -21.04 -20.89
C GLU B 255 28.65 -20.18 -21.26
N LEU B 256 28.39 -19.12 -20.51
CA LEU B 256 27.23 -18.30 -20.78
C LEU B 256 27.55 -16.87 -20.35
N ILE B 257 26.78 -15.93 -20.89
CA ILE B 257 26.94 -14.50 -20.61
C ILE B 257 25.55 -13.94 -20.35
N GLU B 258 25.42 -13.14 -19.30
CA GLU B 258 24.19 -12.38 -19.12
C GLU B 258 24.54 -10.89 -19.09
N ILE B 259 23.90 -10.14 -19.97
CA ILE B 259 24.10 -8.71 -20.03
C ILE B 259 23.25 -8.08 -18.93
N ILE B 260 23.89 -7.34 -18.04
CA ILE B 260 23.18 -6.53 -17.05
C ILE B 260 23.29 -5.10 -17.54
N SER B 261 22.24 -4.58 -18.17
CA SER B 261 20.95 -5.24 -18.38
C SER B 261 20.30 -4.73 -19.66
N TRP B 262 19.15 -5.33 -19.98
CA TRP B 262 18.33 -4.82 -21.06
C TRP B 262 17.67 -3.49 -20.67
N ASN B 263 16.97 -3.46 -19.55
CA ASN B 263 16.15 -2.29 -19.32
C ASN B 263 16.11 -1.87 -17.85
N ASP B 264 17.16 -2.13 -17.07
CA ASP B 264 17.15 -1.59 -15.71
C ASP B 264 17.56 -0.11 -15.73
N TYR B 265 16.57 0.75 -15.99
CA TYR B 265 16.88 2.17 -16.06
C TYR B 265 17.43 2.68 -14.74
N GLY B 266 16.86 2.21 -13.63
CA GLY B 266 17.24 2.68 -12.31
C GLY B 266 18.70 2.47 -11.96
N GLU B 267 19.37 1.54 -12.62
CA GLU B 267 20.81 1.38 -12.39
C GLU B 267 21.67 1.80 -13.57
N SER B 268 21.07 2.32 -14.64
CA SER B 268 21.77 2.92 -15.77
C SER B 268 22.60 1.94 -16.56
N HIS B 269 22.38 0.63 -16.40
CA HIS B 269 23.12 -0.29 -17.26
C HIS B 269 22.24 -0.92 -18.34
N TYR B 270 21.11 -0.30 -18.66
CA TYR B 270 20.30 -0.75 -19.78
C TYR B 270 21.06 -0.57 -21.09
N ILE B 271 20.98 -1.58 -21.95
CA ILE B 271 21.45 -1.48 -23.33
C ILE B 271 20.30 -1.50 -24.31
N GLY B 272 19.07 -1.76 -23.86
CA GLY B 272 17.90 -1.80 -24.69
C GLY B 272 17.29 -0.43 -24.78
N PRO B 273 16.24 -0.26 -25.59
CA PRO B 273 15.63 1.06 -25.75
C PRO B 273 14.94 1.49 -24.48
N TYR B 274 14.71 2.80 -24.39
CA TYR B 274 13.85 3.40 -23.36
C TYR B 274 12.41 3.19 -23.81
N SER B 275 11.74 2.22 -23.24
CA SER B 275 10.47 1.76 -23.78
C SER B 275 9.32 2.63 -23.28
N GLU B 276 8.35 2.88 -24.16
CA GLU B 276 7.26 3.77 -23.76
C GLU B 276 6.27 3.12 -22.82
N ALA B 277 6.22 1.79 -22.78
CA ALA B 277 5.22 1.11 -21.98
C ALA B 277 5.69 0.78 -20.56
N HIS B 278 6.99 0.89 -20.26
CA HIS B 278 7.40 0.55 -18.92
C HIS B 278 6.89 1.58 -17.92
N SER B 279 6.85 1.20 -16.66
CA SER B 279 6.40 2.09 -15.60
C SER B 279 7.60 2.76 -14.95
N ASP B 280 7.53 4.08 -14.83
CA ASP B 280 8.61 4.84 -14.24
C ASP B 280 8.70 4.55 -12.75
N ASP B 281 9.90 4.21 -12.27
CA ASP B 281 10.12 4.04 -10.84
C ASP B 281 10.75 5.26 -10.18
N GLY B 282 10.84 6.38 -10.90
CA GLY B 282 11.65 7.52 -10.52
C GLY B 282 12.87 7.71 -11.40
N SER B 283 13.30 6.67 -12.12
CA SER B 283 14.52 6.74 -12.89
C SER B 283 14.36 7.52 -14.19
N ALA B 284 13.16 7.92 -14.58
CA ALA B 284 13.04 8.70 -15.81
C ALA B 284 13.83 9.99 -15.69
N GLN B 285 13.97 10.50 -14.47
CA GLN B 285 14.73 11.71 -14.18
C GLN B 285 16.14 11.67 -14.75
N TRP B 286 16.79 10.51 -14.74
CA TRP B 286 18.15 10.45 -15.28
C TRP B 286 18.28 9.54 -16.47
N THR B 287 17.17 9.05 -17.05
CA THR B 287 17.27 8.18 -18.22
C THR B 287 16.36 8.59 -19.37
N LYS B 288 15.29 9.35 -19.13
CA LYS B 288 14.37 9.68 -20.20
C LYS B 288 15.10 10.19 -21.44
N ASP B 289 16.09 11.06 -21.24
CA ASP B 289 16.84 11.65 -22.34
C ASP B 289 18.23 11.05 -22.50
N PHE B 290 18.42 9.79 -22.13
CA PHE B 290 19.74 9.19 -22.16
C PHE B 290 19.63 7.83 -22.86
N PRO B 291 19.49 7.83 -24.18
CA PRO B 291 19.54 6.58 -24.93
C PRO B 291 20.84 5.82 -24.67
N HIS B 292 20.73 4.51 -24.56
CA HIS B 292 21.92 3.66 -24.52
C HIS B 292 21.95 2.69 -25.67
N ASP B 293 21.10 2.85 -26.68
CA ASP B 293 21.03 1.88 -27.76
C ASP B 293 22.37 1.70 -28.44
N ALA B 294 23.16 2.77 -28.60
CA ALA B 294 24.37 2.66 -29.39
C ALA B 294 25.36 1.65 -28.80
N TRP B 295 25.29 1.40 -27.49
CA TRP B 295 26.15 0.36 -26.93
C TRP B 295 25.89 -0.99 -27.57
N ARG B 296 24.74 -1.20 -28.21
CA ARG B 296 24.51 -2.48 -28.88
C ARG B 296 25.39 -2.61 -30.09
N ILE B 297 25.80 -1.49 -30.67
CA ILE B 297 26.77 -1.48 -31.76
C ILE B 297 28.07 -2.12 -31.32
N ILE B 298 28.48 -1.89 -30.08
CA ILE B 298 29.68 -2.54 -29.57
C ILE B 298 29.40 -4.00 -29.27
N ALA B 299 28.21 -4.30 -28.75
CA ALA B 299 27.95 -5.66 -28.27
C ALA B 299 27.92 -6.65 -29.42
N LYS B 300 27.30 -6.25 -30.54
CA LYS B 300 26.97 -7.21 -31.60
C LYS B 300 28.19 -7.93 -32.12
N PRO B 301 29.25 -7.26 -32.59
CA PRO B 301 30.41 -8.02 -33.10
C PRO B 301 31.10 -8.83 -32.03
N TYR B 302 31.05 -8.41 -30.78
CA TYR B 302 31.73 -9.19 -29.75
C TYR B 302 30.92 -10.43 -29.39
N ILE B 303 29.58 -10.31 -29.36
CA ILE B 303 28.71 -11.47 -29.17
C ILE B 303 28.99 -12.52 -30.24
N ALA B 304 29.08 -12.09 -31.50
CA ALA B 304 29.42 -12.99 -32.60
C ALA B 304 30.79 -13.64 -32.39
N ALA B 305 31.83 -12.83 -32.19
CA ALA B 305 33.13 -13.44 -31.91
C ALA B 305 33.05 -14.42 -30.74
N TYR B 306 32.28 -14.10 -29.69
CA TYR B 306 32.20 -14.97 -28.52
C TYR B 306 31.55 -16.31 -28.85
N LYS B 307 30.45 -16.29 -29.60
CA LYS B 307 29.83 -17.56 -29.98
C LYS B 307 30.73 -18.35 -30.93
N ALA B 308 31.45 -17.64 -31.81
CA ALA B 308 32.40 -18.31 -32.67
C ALA B 308 33.66 -18.77 -31.94
N GLY B 309 33.84 -18.41 -30.67
CA GLY B 309 35.11 -18.69 -30.01
C GLY B 309 36.30 -17.96 -30.62
N GLU B 310 36.05 -16.95 -31.44
CA GLU B 310 37.15 -16.16 -31.98
C GLU B 310 37.77 -15.30 -30.88
N ARG B 311 39.05 -15.02 -31.02
CA ARG B 311 39.76 -14.27 -30.00
C ARG B 311 39.71 -12.75 -30.21
N GLU B 312 39.19 -12.31 -31.35
CA GLU B 312 39.14 -10.91 -31.74
C GLU B 312 37.86 -10.69 -32.53
N PRO B 313 37.23 -9.53 -32.42
CA PRO B 313 36.00 -9.29 -33.15
C PRO B 313 36.30 -9.00 -34.61
N THR B 314 35.26 -9.10 -35.45
CA THR B 314 35.35 -8.72 -36.85
C THR B 314 34.55 -7.45 -37.09
N VAL B 315 35.18 -6.44 -37.68
CA VAL B 315 34.53 -5.17 -37.97
C VAL B 315 34.06 -5.23 -39.42
N GLU B 316 32.76 -5.00 -39.63
CA GLU B 316 32.19 -5.06 -40.97
C GLU B 316 32.08 -3.72 -41.64
N SER B 317 31.98 -2.65 -40.87
CA SER B 317 31.81 -1.33 -41.44
C SER B 317 32.31 -0.32 -40.43
N ASP B 318 32.56 0.89 -40.90
CA ASP B 318 33.15 1.91 -40.07
C ASP B 318 32.09 2.54 -39.20
N GLN B 319 32.35 2.56 -37.89
CA GLN B 319 31.37 3.06 -36.93
C GLN B 319 32.08 3.62 -35.70
N LEU B 320 31.38 4.49 -34.99
CA LEU B 320 31.90 5.08 -33.79
C LEU B 320 30.79 5.14 -32.73
N VAL B 321 31.14 4.76 -31.50
CA VAL B 321 30.23 4.87 -30.34
C VAL B 321 30.83 5.84 -29.31
N TYR B 322 30.04 6.80 -28.86
CA TYR B 322 30.51 7.70 -27.82
C TYR B 322 29.59 7.68 -26.60
N TRP B 323 30.18 7.95 -25.44
CA TRP B 323 29.37 8.17 -24.25
C TRP B 323 30.06 9.13 -23.31
N TYR B 324 29.26 9.84 -22.52
CA TYR B 324 29.81 10.69 -21.46
C TYR B 324 28.69 11.09 -20.50
N ARG B 325 29.08 11.38 -19.26
CA ARG B 325 28.13 11.90 -18.29
C ARG B 325 27.67 13.31 -18.68
N PRO B 326 26.55 13.79 -18.13
CA PRO B 326 26.03 15.11 -18.55
C PRO B 326 26.67 16.33 -17.90
N THR B 327 27.45 16.19 -16.84
CA THR B 327 28.05 17.29 -16.11
C THR B 327 29.44 16.87 -15.65
N PRO B 328 30.33 17.82 -15.38
CA PRO B 328 31.54 17.47 -14.64
C PRO B 328 31.16 16.90 -13.28
N LYS B 329 32.03 16.08 -12.73
CA LYS B 329 31.65 15.33 -11.52
C LYS B 329 31.53 16.24 -10.31
N ALA B 330 32.19 17.39 -10.32
CA ALA B 330 32.20 18.25 -9.14
C ALA B 330 31.03 19.24 -9.11
N VAL B 331 30.04 19.08 -9.97
CA VAL B 331 28.89 19.97 -9.97
C VAL B 331 28.07 19.77 -8.70
N THR B 332 27.50 20.86 -8.18
CA THR B 332 26.69 20.81 -6.97
C THR B 332 25.23 20.97 -7.35
N CYS B 333 24.38 20.09 -6.82
CA CYS B 333 22.95 20.08 -7.13
C CYS B 333 22.25 20.16 -5.80
N SER B 334 22.07 21.41 -5.38
CA SER B 334 21.74 21.80 -4.01
C SER B 334 20.34 21.40 -3.60
N LYS B 335 19.44 21.22 -4.55
CA LYS B 335 18.09 20.89 -4.21
C LYS B 335 17.81 19.39 -4.21
N ASP B 336 18.77 18.56 -4.60
CA ASP B 336 18.56 17.14 -4.68
C ASP B 336 18.66 16.52 -3.30
N PRO B 337 17.53 16.13 -2.69
CA PRO B 337 17.56 15.68 -1.29
C PRO B 337 18.30 14.37 -1.08
N LEU B 338 18.67 13.66 -2.15
CA LEU B 338 19.47 12.46 -1.98
C LEU B 338 20.94 12.76 -1.86
N GLY B 339 21.38 13.96 -2.25
CA GLY B 339 22.78 14.29 -2.27
C GLY B 339 23.54 13.47 -3.30
N PRO B 340 24.82 13.78 -3.48
CA PRO B 340 25.56 13.16 -4.59
C PRO B 340 25.75 11.68 -4.37
N PRO B 341 25.84 10.90 -5.42
CA PRO B 341 26.05 9.46 -5.24
C PRO B 341 27.44 9.17 -4.68
N ASN B 342 27.50 8.10 -3.91
CA ASN B 342 28.78 7.60 -3.45
C ASN B 342 29.62 7.15 -4.64
N GLY B 343 30.94 7.32 -4.52
CA GLY B 343 31.86 6.87 -5.53
C GLY B 343 32.27 7.90 -6.57
N ILE B 344 31.56 9.03 -6.69
CA ILE B 344 31.82 9.91 -7.82
C ILE B 344 33.22 10.51 -7.82
N ASN B 345 33.85 10.59 -6.65
CA ASN B 345 35.20 11.16 -6.62
C ASN B 345 36.19 10.29 -7.36
N LEU B 346 35.86 9.01 -7.61
CA LEU B 346 36.75 8.12 -8.35
C LEU B 346 36.50 8.11 -9.85
N LEU B 347 35.48 8.79 -10.33
CA LEU B 347 35.26 8.93 -11.76
C LEU B 347 36.23 9.96 -12.33
N GLU B 348 36.37 9.95 -13.65
CA GLU B 348 37.05 11.00 -14.40
C GLU B 348 36.04 11.73 -15.27
N ASP B 349 36.30 13.02 -15.49
CA ASP B 349 35.49 13.74 -16.46
C ASP B 349 36.10 13.45 -17.83
N SER B 350 35.56 12.43 -18.49
CA SER B 350 36.04 12.08 -19.81
C SER B 350 34.87 11.87 -20.75
N VAL B 351 35.15 12.11 -22.03
CA VAL B 351 34.34 11.60 -23.12
C VAL B 351 35.01 10.32 -23.57
N PHE B 352 34.22 9.25 -23.75
CA PHE B 352 34.70 7.95 -24.16
C PHE B 352 34.27 7.69 -25.59
N VAL B 353 35.19 7.21 -26.44
CA VAL B 353 34.88 6.95 -27.84
C VAL B 353 35.40 5.58 -28.21
N THR B 354 34.49 4.70 -28.63
CA THR B 354 34.86 3.42 -29.21
C THR B 354 34.74 3.51 -30.72
N THR B 355 35.83 3.28 -31.41
CA THR B 355 35.82 3.26 -32.87
C THR B 355 35.77 1.81 -33.34
N LEU B 356 34.93 1.57 -34.35
CA LEU B 356 34.81 0.27 -35.00
C LEU B 356 35.26 0.49 -36.44
N LEU B 357 36.50 0.11 -36.73
CA LEU B 357 37.16 0.52 -37.95
C LEU B 357 37.72 -0.68 -38.70
N THR B 358 37.38 -0.74 -39.99
CA THR B 358 37.93 -1.74 -40.90
C THR B 358 39.39 -1.46 -41.25
N GLU B 359 39.82 -0.22 -41.11
CA GLU B 359 41.12 0.28 -41.54
C GLU B 359 41.55 1.34 -40.56
N PRO B 360 42.87 1.52 -40.37
CA PRO B 360 43.34 2.65 -39.55
C PRO B 360 42.74 3.96 -40.03
N ALA B 361 42.57 4.88 -39.08
CA ALA B 361 42.01 6.19 -39.38
C ALA B 361 42.37 7.15 -38.25
N THR B 362 41.96 8.39 -38.40
CA THR B 362 42.25 9.44 -37.44
C THR B 362 40.95 9.84 -36.75
N LEU B 363 40.97 9.80 -35.41
CA LEU B 363 39.85 10.23 -34.59
C LEU B 363 40.15 11.63 -34.06
N THR B 364 39.20 12.54 -34.25
CA THR B 364 39.26 13.86 -33.65
C THR B 364 38.01 14.06 -32.84
N VAL B 365 38.17 14.63 -31.65
CA VAL B 365 37.05 14.90 -30.76
C VAL B 365 37.13 16.33 -30.27
N GLY B 366 36.02 17.06 -30.35
CA GLY B 366 35.89 18.34 -29.71
C GLY B 366 34.97 18.21 -28.51
N SER B 367 35.47 18.66 -27.35
CA SER B 367 34.72 18.62 -26.09
C SER B 367 34.75 20.00 -25.47
N GLY B 368 33.66 20.76 -25.63
CA GLY B 368 33.69 22.16 -25.23
C GLY B 368 34.78 22.89 -25.98
N SER B 369 35.72 23.50 -25.27
CA SER B 369 36.86 24.12 -25.93
C SER B 369 38.06 23.18 -26.04
N LEU B 370 37.95 21.96 -25.55
CA LEU B 370 39.07 21.04 -25.69
C LEU B 370 39.08 20.44 -27.10
N GLU B 371 40.29 20.09 -27.57
CA GLU B 371 40.51 19.58 -28.91
C GLU B 371 41.48 18.41 -28.86
N PHE B 372 41.08 17.26 -29.40
CA PHE B 372 41.94 16.08 -29.36
C PHE B 372 41.99 15.42 -30.72
N SER B 373 43.09 14.72 -30.96
CA SER B 373 43.18 13.89 -32.14
C SER B 373 44.06 12.69 -31.81
N VAL B 374 43.62 11.50 -32.22
CA VAL B 374 44.41 10.28 -32.05
C VAL B 374 44.31 9.42 -33.29
N ASP B 375 45.45 8.84 -33.66
CA ASP B 375 45.50 7.77 -34.62
C ASP B 375 44.89 6.54 -33.98
N VAL B 376 43.84 5.98 -34.57
CA VAL B 376 43.18 4.79 -34.04
C VAL B 376 43.41 3.65 -35.02
N ASP B 377 43.85 2.51 -34.48
CA ASP B 377 44.12 1.35 -35.32
C ASP B 377 42.81 0.75 -35.83
N ALA B 378 42.93 -0.15 -36.79
CA ALA B 378 41.74 -0.87 -37.22
C ALA B 378 41.33 -1.87 -36.15
N GLY B 379 40.06 -2.21 -36.17
CA GLY B 379 39.49 -3.02 -35.12
C GLY B 379 38.61 -2.17 -34.22
N ILE B 380 38.45 -2.65 -32.99
CA ILE B 380 37.60 -2.00 -32.00
C ILE B 380 38.50 -1.48 -30.88
N VAL B 381 38.50 -0.16 -30.74
CA VAL B 381 39.47 0.57 -29.92
C VAL B 381 38.70 1.61 -29.13
N THR B 382 38.95 1.68 -27.83
CA THR B 382 38.35 2.73 -27.01
C THR B 382 39.41 3.77 -26.65
N ASN B 383 39.05 5.05 -26.78
CA ASN B 383 39.85 6.17 -26.35
C ASN B 383 38.98 7.04 -25.47
N SER B 384 39.57 7.66 -24.45
CA SER B 384 38.86 8.63 -23.62
C SER B 384 39.66 9.91 -23.57
N PHE B 385 38.94 11.03 -23.43
CA PHE B 385 39.56 12.34 -23.51
C PHE B 385 38.99 13.19 -22.40
N PRO B 386 39.78 14.13 -21.86
CA PRO B 386 39.23 15.04 -20.85
C PRO B 386 37.96 15.70 -21.32
N MET B 387 36.97 15.72 -20.44
CA MET B 387 35.68 16.36 -20.69
C MET B 387 35.79 17.88 -20.65
N GLY B 388 35.19 18.55 -21.62
CA GLY B 388 35.02 19.99 -21.57
C GLY B 388 33.54 20.34 -21.60
N VAL B 389 33.17 21.39 -20.85
CA VAL B 389 31.78 21.85 -20.80
C VAL B 389 31.38 22.43 -22.14
N GLY B 390 30.16 22.16 -22.56
CA GLY B 390 29.71 22.65 -23.85
C GLY B 390 29.42 21.55 -24.85
N SER B 391 29.47 21.88 -26.13
CA SER B 391 29.04 20.92 -27.13
C SER B 391 30.17 19.97 -27.48
N GLN B 392 29.79 18.74 -27.76
CA GLN B 392 30.71 17.67 -28.09
C GLN B 392 30.63 17.37 -29.57
N ALA B 393 31.77 16.98 -30.14
CA ALA B 393 31.85 16.76 -31.58
C ALA B 393 32.81 15.61 -31.87
N PHE B 394 32.49 14.82 -32.89
CA PHE B 394 33.27 13.63 -33.17
C PHE B 394 33.46 13.47 -34.68
N SER B 395 34.64 13.02 -35.07
CA SER B 395 35.00 12.92 -36.48
C SER B 395 36.03 11.83 -36.66
N VAL B 396 35.84 10.99 -37.68
CA VAL B 396 36.87 10.05 -38.08
C VAL B 396 37.25 10.39 -39.51
N THR B 397 38.54 10.56 -39.74
CA THR B 397 39.00 10.85 -41.09
C THR B 397 40.06 9.84 -41.47
N ARG B 398 40.12 9.60 -42.77
CA ARG B 398 41.04 8.66 -43.39
C ARG B 398 41.48 9.29 -44.69
N ASP B 399 42.80 9.38 -44.87
CA ASP B 399 43.39 10.09 -46.00
C ASP B 399 42.80 11.50 -46.09
N GLY B 400 42.72 12.16 -44.94
CA GLY B 400 42.19 13.51 -44.89
C GLY B 400 40.77 13.67 -45.38
N GLU B 401 40.03 12.57 -45.53
CA GLU B 401 38.62 12.63 -45.88
C GLU B 401 37.78 12.13 -44.71
N GLU B 402 36.72 12.86 -44.38
CA GLU B 402 35.93 12.50 -43.21
C GLU B 402 34.99 11.37 -43.58
N ILE B 403 35.05 10.27 -42.84
CA ILE B 403 34.28 9.09 -43.16
C ILE B 403 33.10 8.85 -42.24
N LEU B 404 33.03 9.53 -41.10
CA LEU B 404 31.83 9.60 -40.26
C LEU B 404 32.05 10.70 -39.24
N GLY B 405 30.96 11.24 -38.71
CA GLY B 405 31.11 12.23 -37.68
C GLY B 405 29.82 12.99 -37.46
N GLY B 406 29.88 13.89 -36.50
CA GLY B 406 28.72 14.67 -36.14
C GLY B 406 28.82 15.19 -34.71
N ASP B 407 27.75 15.85 -34.30
CA ASP B 407 27.70 16.47 -33.00
C ASP B 407 27.09 15.53 -31.98
N GLY B 408 27.73 15.43 -30.82
CA GLY B 408 27.16 14.71 -29.70
C GLY B 408 25.75 15.15 -29.41
N GLY B 409 24.87 14.19 -29.16
CA GLY B 409 23.46 14.48 -28.93
C GLY B 409 23.21 15.36 -27.73
N LEU B 410 24.17 15.47 -26.82
CA LEU B 410 23.92 16.24 -25.60
C LEU B 410 25.09 17.13 -25.28
N ASP B 411 24.79 18.38 -24.90
CA ASP B 411 25.79 19.32 -24.43
C ASP B 411 26.12 19.07 -22.96
N VAL B 412 27.42 18.99 -22.64
CA VAL B 412 27.84 18.87 -21.24
C VAL B 412 27.66 20.22 -20.54
N GLN B 413 27.11 20.19 -19.32
CA GLN B 413 26.78 21.41 -18.60
C GLN B 413 27.33 21.40 -17.18
N ASP B 414 27.55 22.60 -16.63
CA ASP B 414 28.13 22.70 -15.29
C ASP B 414 27.10 23.02 -14.23
N ARG B 415 25.81 23.09 -14.59
CA ARG B 415 24.73 23.26 -13.63
C ARG B 415 23.76 22.10 -13.74
N CYS B 416 22.99 21.88 -12.69
CA CYS B 416 22.14 20.71 -12.68
C CYS B 416 21.11 20.83 -11.57
N ASP B 417 19.92 20.30 -11.82
CA ASP B 417 18.89 20.22 -10.78
C ASP B 417 19.09 19.00 -9.90
N TYR B 418 19.32 17.83 -10.50
CA TYR B 418 19.54 16.60 -9.77
C TYR B 418 20.83 15.94 -10.22
N TYR B 419 21.50 15.27 -9.30
CA TYR B 419 22.69 14.52 -9.65
C TYR B 419 22.35 13.42 -10.65
N ASN B 420 23.01 13.45 -11.80
CA ASN B 420 22.85 12.42 -12.81
C ASN B 420 24.23 11.92 -13.20
N PHE B 421 24.53 10.66 -12.86
CA PHE B 421 25.81 10.06 -13.23
C PHE B 421 25.61 8.92 -14.21
N ASN B 422 24.44 8.87 -14.85
CA ASN B 422 24.20 8.15 -16.08
C ASN B 422 25.00 8.78 -17.23
N VAL B 423 25.02 8.10 -18.39
CA VAL B 423 25.73 8.64 -19.53
C VAL B 423 24.76 8.77 -20.69
N TYR B 424 24.98 9.79 -21.52
CA TYR B 424 24.40 9.85 -22.85
C TYR B 424 25.26 9.03 -23.80
N VAL B 425 24.63 8.17 -24.61
CA VAL B 425 25.34 7.34 -25.57
C VAL B 425 24.82 7.62 -26.96
N GLY B 426 25.74 7.70 -27.93
CA GLY B 426 25.41 8.01 -29.29
C GLY B 426 26.35 7.24 -30.20
N SER B 427 26.10 7.35 -31.50
CA SER B 427 26.94 6.68 -32.48
C SER B 427 26.87 7.42 -33.80
N PHE B 428 27.79 7.05 -34.68
CA PHE B 428 27.84 7.53 -36.06
C PHE B 428 28.28 6.36 -36.90
N SER B 429 27.68 6.22 -38.08
CA SER B 429 28.02 5.11 -38.96
C SER B 429 28.28 5.62 -40.37
N ALA B 430 29.26 5.01 -41.03
CA ALA B 430 29.46 5.26 -42.44
C ALA B 430 28.46 4.43 -43.22
N SER C 34 18.71 -7.22 27.55
CA SER C 34 19.29 -6.10 26.82
C SER C 34 18.91 -4.73 27.42
N ASN C 35 17.60 -4.51 27.64
CA ASN C 35 16.97 -3.21 27.95
C ASN C 35 16.92 -2.28 26.73
N LYS C 36 16.16 -1.20 26.84
CA LYS C 36 15.97 -0.22 25.78
C LYS C 36 16.79 1.04 26.06
N TYR C 37 17.29 1.68 25.00
CA TYR C 37 18.15 2.84 25.17
C TYR C 37 17.88 3.86 24.07
N VAL C 38 18.08 5.12 24.43
CA VAL C 38 17.91 6.26 23.52
C VAL C 38 19.25 6.96 23.43
N THR C 39 19.71 7.19 22.20
CA THR C 39 20.94 7.88 21.90
C THR C 39 20.61 9.16 21.14
N ALA C 40 21.56 10.07 21.08
CA ALA C 40 21.43 11.30 20.33
C ALA C 40 22.66 11.49 19.44
N HIS C 41 22.41 11.96 18.21
CA HIS C 41 23.46 12.22 17.23
C HIS C 41 24.20 13.53 17.55
N PHE C 42 25.50 13.45 17.78
CA PHE C 42 26.33 14.61 18.12
C PHE C 42 27.35 14.86 17.02
N MET C 43 27.34 16.07 16.47
CA MET C 43 28.28 16.55 15.46
C MET C 43 29.63 16.91 16.07
N VAL C 44 30.61 16.01 15.96
CA VAL C 44 31.94 16.34 16.48
C VAL C 44 32.60 17.37 15.58
N GLY C 45 32.25 17.38 14.30
CA GLY C 45 32.86 18.30 13.37
C GLY C 45 32.72 19.76 13.72
N ILE C 46 31.74 20.11 14.54
CA ILE C 46 31.49 21.53 14.85
C ILE C 46 31.95 21.90 16.26
N VAL C 47 32.67 21.02 16.96
CA VAL C 47 33.12 21.37 18.30
C VAL C 47 34.64 21.28 18.39
N GLU C 48 35.33 21.85 17.40
CA GLU C 48 36.79 21.86 17.44
C GLU C 48 37.30 22.45 18.75
N ASN C 49 36.63 23.48 19.25
CA ASN C 49 37.10 24.26 20.40
C ASN C 49 36.45 23.84 21.70
N TYR C 50 35.70 22.75 21.71
CA TYR C 50 35.09 22.33 22.96
C TYR C 50 36.17 22.03 23.99
N THR C 51 35.84 22.24 25.26
CA THR C 51 36.59 21.65 26.35
C THR C 51 35.81 20.49 26.93
N VAL C 52 36.43 19.78 27.86
CA VAL C 52 35.73 18.73 28.61
C VAL C 52 34.47 19.30 29.25
N ASP C 53 34.53 20.54 29.75
CA ASP C 53 33.39 21.12 30.44
C ASP C 53 32.23 21.38 29.49
N ASP C 54 32.50 21.86 28.28
CA ASP C 54 31.43 22.04 27.28
C ASP C 54 30.73 20.72 27.00
N TRP C 55 31.52 19.66 26.81
CA TRP C 55 30.95 18.32 26.64
C TRP C 55 30.07 17.96 27.83
N LYS C 56 30.57 18.16 29.06
CA LYS C 56 29.79 17.79 30.24
C LYS C 56 28.47 18.57 30.29
N HIS C 57 28.48 19.83 29.86
CA HIS C 57 27.23 20.58 29.89
C HIS C 57 26.21 19.95 28.95
N ASP C 58 26.65 19.58 27.76
CA ASP C 58 25.74 18.89 26.85
C ASP C 58 25.25 17.58 27.46
N MET C 59 26.16 16.75 27.97
CA MET C 59 25.65 15.47 28.43
C MET C 59 24.75 15.62 29.65
N GLU C 60 25.02 16.61 30.49
CA GLU C 60 24.16 16.85 31.65
C GLU C 60 22.73 17.15 31.18
N LEU C 61 22.58 17.98 30.14
CA LEU C 61 21.24 18.26 29.63
C LEU C 61 20.69 17.06 28.89
N ALA C 62 21.55 16.23 28.33
CA ALA C 62 21.09 14.99 27.72
C ALA C 62 20.59 14.01 28.77
N LYS C 63 21.35 13.85 29.87
CA LYS C 63 20.93 12.99 30.98
C LYS C 63 19.56 13.38 31.51
N GLU C 64 19.35 14.66 31.79
CA GLU C 64 18.07 15.05 32.37
C GLU C 64 16.92 14.98 31.38
N THR C 65 17.15 14.68 30.10
CA THR C 65 16.09 14.35 29.16
C THR C 65 15.77 12.85 29.11
N GLY C 66 16.62 12.00 29.68
CA GLY C 66 16.46 10.58 29.56
C GLY C 66 17.40 9.95 28.58
N ILE C 67 18.21 10.74 27.90
CA ILE C 67 19.08 10.18 26.87
C ILE C 67 20.21 9.43 27.55
N ASP C 68 20.54 8.26 27.00
CA ASP C 68 21.59 7.42 27.56
C ASP C 68 22.98 7.71 27.02
N ALA C 69 23.11 8.22 25.80
CA ALA C 69 24.42 8.28 25.15
C ALA C 69 24.37 9.19 23.92
N PHE C 70 25.52 9.74 23.58
CA PHE C 70 25.71 10.57 22.39
C PHE C 70 26.38 9.70 21.32
N ALA C 71 25.83 9.68 20.12
CA ALA C 71 26.57 9.16 18.97
C ALA C 71 27.52 10.27 18.49
N LEU C 72 28.84 10.07 18.65
CA LEU C 72 29.84 11.09 18.33
C LEU C 72 30.18 10.99 16.86
N ASN C 73 29.56 11.81 16.04
CA ASN C 73 29.69 11.69 14.60
C ASN C 73 30.93 12.45 14.15
N CYS C 74 31.97 11.72 13.74
CA CYS C 74 33.26 12.32 13.50
C CYS C 74 33.75 11.94 12.11
N ALA C 75 34.73 12.72 11.64
CA ALA C 75 35.23 12.66 10.29
C ALA C 75 36.73 12.43 10.32
N SER C 76 37.22 11.62 9.38
CA SER C 76 38.65 11.41 9.21
C SER C 76 39.41 12.70 8.90
N ILE C 77 38.77 13.68 8.26
CA ILE C 77 39.51 14.86 7.79
C ILE C 77 39.66 15.93 8.84
N ASP C 78 39.05 15.78 10.02
CA ASP C 78 39.14 16.83 11.02
C ASP C 78 40.37 16.59 11.87
N SER C 79 41.24 17.61 11.95
CA SER C 79 42.45 17.51 12.77
C SER C 79 42.11 17.41 14.25
N TYR C 80 40.90 17.79 14.64
CA TYR C 80 40.55 17.79 16.04
C TYR C 80 39.79 16.55 16.45
N THR C 81 39.70 15.53 15.57
CA THR C 81 38.87 14.37 15.90
C THR C 81 39.43 13.60 17.08
N ASP C 82 40.73 13.31 17.07
CA ASP C 82 41.32 12.53 18.16
C ASP C 82 41.24 13.29 19.49
N LYS C 83 41.50 14.59 19.46
CA LYS C 83 41.33 15.41 20.66
C LYS C 83 39.88 15.38 21.16
N GLN C 84 38.92 15.64 20.28
CA GLN C 84 37.55 15.79 20.77
C GLN C 84 36.93 14.44 21.13
N LEU C 85 37.34 13.35 20.49
CA LEU C 85 36.89 12.05 21.01
C LEU C 85 37.39 11.87 22.44
N ALA C 86 38.65 12.23 22.70
CA ALA C 86 39.20 12.14 24.05
C ALA C 86 38.38 12.95 25.05
N TYR C 87 38.11 14.22 24.74
CA TYR C 87 37.32 15.05 25.65
C TYR C 87 35.95 14.45 25.92
N ALA C 88 35.31 13.91 24.88
CA ALA C 88 33.95 13.39 25.04
C ALA C 88 33.95 12.17 25.97
N TYR C 89 34.92 11.26 25.79
CA TYR C 89 34.93 10.07 26.63
C TYR C 89 35.32 10.42 28.05
N GLU C 90 36.22 11.38 28.21
CA GLU C 90 36.53 11.87 29.54
C GLU C 90 35.30 12.48 30.19
N ALA C 91 34.65 13.41 29.49
CA ALA C 91 33.42 14.00 30.01
C ALA C 91 32.39 12.93 30.36
N ALA C 92 32.19 11.95 29.47
CA ALA C 92 31.21 10.92 29.77
C ALA C 92 31.53 10.23 31.08
N GLU C 93 32.82 9.97 31.32
CA GLU C 93 33.27 9.27 32.53
C GLU C 93 33.08 10.13 33.78
N GLU C 94 33.28 11.44 33.66
CA GLU C 94 33.15 12.32 34.82
C GLU C 94 31.70 12.54 35.24
N VAL C 95 30.77 12.57 34.28
CA VAL C 95 29.36 12.83 34.58
C VAL C 95 28.53 11.57 34.51
N ASP C 96 29.16 10.43 34.26
CA ASP C 96 28.49 9.14 34.21
C ASP C 96 27.40 9.14 33.11
N PHE C 97 27.76 9.71 31.96
CA PHE C 97 27.11 9.53 30.67
C PHE C 97 27.86 8.45 29.90
N LYS C 98 27.31 8.03 28.76
CA LYS C 98 28.01 7.13 27.86
C LYS C 98 28.09 7.73 26.46
N VAL C 99 29.10 7.30 25.71
CA VAL C 99 29.26 7.73 24.32
C VAL C 99 29.71 6.55 23.47
N PHE C 100 29.38 6.61 22.18
CA PHE C 100 29.89 5.67 21.19
C PHE C 100 30.18 6.45 19.93
N ILE C 101 30.99 5.89 19.07
CA ILE C 101 31.49 6.65 17.94
C ILE C 101 30.62 6.39 16.73
N SER C 102 30.29 7.46 16.00
CA SER C 102 29.61 7.33 14.71
C SER C 102 30.59 7.73 13.62
N PHE C 103 31.12 6.74 12.90
CA PHE C 103 32.07 7.01 11.83
C PHE C 103 31.30 7.55 10.62
N ASP C 104 31.48 8.84 10.36
CA ASP C 104 30.74 9.52 9.28
C ASP C 104 31.45 9.21 7.99
N PHE C 105 30.88 8.30 7.22
CA PHE C 105 31.52 7.80 6.01
C PHE C 105 31.26 8.68 4.81
N ALA C 106 30.69 9.87 5.01
CA ALA C 106 30.89 10.86 3.98
C ALA C 106 32.34 11.30 3.94
N TYR C 107 33.09 11.04 5.01
CA TYR C 107 34.51 11.41 5.11
C TYR C 107 35.41 10.19 5.31
N TRP C 108 35.09 9.32 6.26
CA TRP C 108 35.85 8.10 6.39
C TRP C 108 35.68 7.27 5.14
N SER C 109 36.69 6.45 4.86
CA SER C 109 36.70 5.60 3.68
C SER C 109 36.98 4.16 4.09
N ASN C 110 36.63 3.23 3.20
CA ASN C 110 36.98 1.84 3.43
C ASN C 110 38.49 1.66 3.64
N GLY C 111 39.31 2.48 3.00
CA GLY C 111 40.73 2.36 3.26
C GLY C 111 41.20 2.85 4.61
N ASP C 112 40.32 3.38 5.47
CA ASP C 112 40.73 3.83 6.80
C ASP C 112 40.65 2.73 7.87
N THR C 113 40.45 1.47 7.47
CA THR C 113 40.26 0.38 8.42
C THR C 113 41.27 0.45 9.56
N ALA C 114 42.56 0.58 9.20
CA ALA C 114 43.62 0.56 10.20
C ALA C 114 43.39 1.64 11.24
N ARG C 115 43.06 2.86 10.81
CA ARG C 115 42.85 3.93 11.79
C ARG C 115 41.65 3.64 12.66
N ILE C 116 40.54 3.25 12.04
CA ILE C 116 39.31 2.95 12.78
C ILE C 116 39.56 1.87 13.82
N THR C 117 40.35 0.87 13.47
CA THR C 117 40.72 -0.16 14.43
C THR C 117 41.47 0.44 15.61
N SER C 118 42.45 1.29 15.33
CA SER C 118 43.25 1.81 16.42
C SER C 118 42.40 2.69 17.35
N ILE C 119 41.43 3.40 16.78
CA ILE C 119 40.51 4.18 17.62
C ILE C 119 39.65 3.25 18.48
N MET C 120 39.10 2.19 17.89
CA MET C 120 38.31 1.24 18.70
C MET C 120 39.15 0.60 19.79
N GLN C 121 40.43 0.31 19.50
CA GLN C 121 41.33 -0.23 20.51
C GLN C 121 41.44 0.71 21.70
N THR C 122 41.42 2.02 21.46
CA THR C 122 41.51 3.00 22.54
C THR C 122 40.24 3.07 23.36
N TYR C 123 39.06 2.97 22.72
CA TYR C 123 37.82 3.35 23.39
C TYR C 123 36.81 2.23 23.57
N ALA C 124 36.99 1.05 22.94
CA ALA C 124 35.97 0.02 23.11
C ALA C 124 35.87 -0.43 24.55
N ASP C 125 36.98 -0.40 25.29
CA ASP C 125 36.97 -0.78 26.70
C ASP C 125 37.09 0.43 27.64
N HIS C 126 36.78 1.62 27.17
CA HIS C 126 36.80 2.80 28.02
C HIS C 126 35.53 2.85 28.88
N PRO C 127 35.63 3.25 30.15
CA PRO C 127 34.42 3.24 31.00
C PRO C 127 33.30 4.11 30.46
N GLY C 128 33.61 5.13 29.67
CA GLY C 128 32.57 5.96 29.11
C GLY C 128 31.93 5.45 27.84
N GLN C 129 32.41 4.31 27.33
CA GLN C 129 31.91 3.74 26.09
C GLN C 129 30.56 3.09 26.33
N PHE C 130 29.56 3.52 25.57
CA PHE C 130 28.26 2.87 25.66
C PHE C 130 28.38 1.40 25.27
N GLN C 131 27.87 0.53 26.12
CA GLN C 131 27.97 -0.92 25.93
C GLN C 131 26.57 -1.45 25.72
N TYR C 132 26.39 -2.22 24.66
CA TYR C 132 25.09 -2.83 24.38
C TYR C 132 25.29 -4.32 24.43
N ASN C 133 24.66 -4.97 25.41
CA ASN C 133 24.78 -6.42 25.57
C ASN C 133 26.25 -6.84 25.71
N GLY C 134 27.03 -6.03 26.41
CA GLY C 134 28.40 -6.38 26.72
C GLY C 134 29.41 -6.01 25.66
N ALA C 135 28.97 -5.37 24.58
CA ALA C 135 29.85 -5.01 23.48
C ALA C 135 29.82 -3.50 23.27
N ALA C 136 30.95 -2.97 22.78
CA ALA C 136 31.04 -1.53 22.50
C ALA C 136 30.19 -1.20 21.27
N LEU C 137 29.14 -0.41 21.50
CA LEU C 137 28.35 0.04 20.33
C LEU C 137 29.22 0.88 19.39
N VAL C 138 29.08 0.67 18.10
CA VAL C 138 29.76 1.51 17.08
C VAL C 138 28.76 1.69 15.93
N SER C 139 28.61 2.91 15.45
CA SER C 139 27.70 3.13 14.31
C SER C 139 28.39 3.97 13.24
N THR C 140 27.59 4.52 12.33
CA THR C 140 28.15 5.30 11.22
C THR C 140 27.11 6.19 10.56
N PHE C 141 27.55 7.10 9.71
CA PHE C 141 26.64 7.77 8.76
C PHE C 141 27.10 7.12 7.45
N VAL C 142 26.18 6.59 6.67
CA VAL C 142 26.48 5.76 5.49
C VAL C 142 27.64 4.79 5.81
N GLY C 143 28.49 4.49 4.84
CA GLY C 143 29.47 3.44 5.06
C GLY C 143 28.90 2.04 4.97
N ASP C 144 27.81 1.88 4.20
CA ASP C 144 27.18 0.57 4.02
C ASP C 144 28.15 -0.53 3.63
N SER C 145 29.24 -0.20 2.97
CA SER C 145 30.15 -1.25 2.51
C SER C 145 31.30 -1.48 3.48
N PHE C 146 31.38 -0.75 4.59
CA PHE C 146 32.53 -0.91 5.45
C PHE C 146 32.43 -2.23 6.21
N ASP C 147 33.48 -3.03 6.15
CA ASP C 147 33.51 -4.34 6.76
C ASP C 147 33.95 -4.19 8.21
N TRP C 148 33.06 -4.50 9.15
CA TRP C 148 33.49 -4.44 10.54
C TRP C 148 34.25 -5.70 10.98
N GLY C 149 34.30 -6.75 10.17
CA GLY C 149 34.94 -7.98 10.56
C GLY C 149 36.40 -7.84 10.97
N PRO C 150 37.23 -7.24 10.10
CA PRO C 150 38.63 -7.00 10.46
C PRO C 150 38.81 -6.07 11.66
N VAL C 151 37.93 -5.08 11.86
CA VAL C 151 37.98 -4.26 13.07
C VAL C 151 37.71 -5.13 14.31
N LYS C 152 36.66 -5.95 14.25
CA LYS C 152 36.30 -6.77 15.40
C LYS C 152 37.38 -7.76 15.73
N ARG C 153 38.03 -8.33 14.71
CA ARG C 153 39.04 -9.35 14.96
C ARG C 153 40.31 -8.79 15.58
N ALA C 154 40.59 -7.50 15.39
CA ALA C 154 41.82 -6.91 15.89
C ALA C 154 41.66 -6.24 17.24
N VAL C 155 40.43 -6.11 17.75
CA VAL C 155 40.15 -5.47 19.04
C VAL C 155 39.70 -6.55 20.01
N ASP C 156 40.37 -6.62 21.17
CA ASP C 156 40.01 -7.62 22.17
C ASP C 156 38.56 -7.46 22.60
N HIS C 157 38.26 -6.34 23.21
CA HIS C 157 36.92 -6.06 23.70
C HIS C 157 35.90 -6.24 22.59
N PRO C 158 34.78 -6.89 22.86
CA PRO C 158 33.77 -7.09 21.82
C PRO C 158 33.18 -5.77 21.36
N ILE C 159 32.73 -5.76 20.09
CA ILE C 159 32.15 -4.59 19.44
C ILE C 159 30.79 -4.96 18.90
N PHE C 160 29.83 -4.05 19.05
CA PHE C 160 28.47 -4.22 18.57
C PHE C 160 28.21 -3.21 17.46
N ALA C 161 28.34 -3.64 16.20
CA ALA C 161 28.39 -2.71 15.07
C ALA C 161 26.99 -2.50 14.50
N VAL C 162 26.45 -1.29 14.64
CA VAL C 162 25.14 -0.97 14.09
C VAL C 162 25.30 0.19 13.11
N PRO C 163 25.82 -0.04 11.91
CA PRO C 163 26.02 1.06 10.96
C PRO C 163 24.69 1.57 10.44
N ASN C 164 24.71 2.79 9.92
CA ASN C 164 23.57 3.31 9.20
C ASN C 164 23.54 2.72 7.80
N LEU C 165 22.48 2.00 7.49
CA LEU C 165 22.38 1.36 6.17
C LEU C 165 21.21 1.98 5.42
N GLN C 166 21.36 2.11 4.10
CA GLN C 166 20.36 2.75 3.25
C GLN C 166 19.29 1.80 2.75
N ASP C 167 19.65 0.55 2.53
CA ASP C 167 18.75 -0.45 1.96
C ASP C 167 18.33 -1.44 3.05
N PRO C 168 17.04 -1.50 3.43
CA PRO C 168 16.61 -2.60 4.33
C PRO C 168 17.05 -3.98 3.86
N ASN C 169 16.96 -4.25 2.56
CA ASN C 169 17.43 -5.55 2.07
C ASN C 169 18.88 -5.80 2.47
N TRP C 170 19.74 -4.78 2.32
CA TRP C 170 21.14 -4.90 2.72
C TRP C 170 21.25 -5.13 4.22
N ALA C 171 20.40 -4.46 5.00
CA ALA C 171 20.46 -4.66 6.44
C ALA C 171 20.17 -6.12 6.82
N GLY C 172 19.34 -6.80 6.05
CA GLY C 172 19.05 -8.19 6.36
C GLY C 172 20.02 -9.20 5.79
N HIS C 173 20.96 -8.76 4.94
CA HIS C 173 21.87 -9.71 4.33
C HIS C 173 23.30 -9.18 4.24
N ALA C 174 23.63 -8.15 5.02
CA ALA C 174 24.94 -7.54 4.91
C ALA C 174 26.04 -8.56 5.17
N THR C 175 27.14 -8.44 4.45
CA THR C 175 28.25 -9.35 4.58
C THR C 175 29.36 -8.76 5.43
N THR C 176 29.11 -7.65 6.10
CA THR C 176 30.11 -6.80 6.72
C THR C 176 30.19 -6.96 8.24
N SER C 177 29.64 -8.07 8.78
CA SER C 177 29.78 -8.44 10.19
C SER C 177 29.06 -7.44 11.10
N ILE C 178 27.83 -7.11 10.77
CA ILE C 178 27.09 -6.13 11.53
C ILE C 178 26.21 -6.85 12.53
N ASP C 179 25.77 -6.14 13.55
CA ASP C 179 24.88 -6.70 14.56
C ASP C 179 23.50 -6.05 14.56
N GLY C 180 23.27 -5.12 13.65
CA GLY C 180 21.98 -4.45 13.52
C GLY C 180 22.16 -3.28 12.59
N ALA C 181 21.08 -2.54 12.38
CA ALA C 181 21.12 -1.40 11.48
C ALA C 181 20.46 -0.16 12.08
N PHE C 182 21.00 1.01 11.71
CA PHE C 182 20.48 2.32 12.06
C PHE C 182 19.88 2.93 10.81
N SER C 183 18.59 3.22 10.85
CA SER C 183 17.92 3.81 9.71
C SER C 183 18.02 5.33 9.82
N TRP C 184 18.27 5.99 8.70
CA TRP C 184 18.28 7.44 8.65
C TRP C 184 16.95 7.98 8.08
N TYR C 185 15.93 7.13 8.01
CA TYR C 185 14.64 7.51 7.45
C TYR C 185 13.78 8.14 8.55
N ALA C 186 14.19 9.33 8.94
CA ALA C 186 13.54 10.06 10.01
C ALA C 186 12.38 10.93 9.54
N TRP C 187 12.19 11.07 8.23
CA TRP C 187 11.27 12.04 7.67
C TRP C 187 10.47 11.38 6.57
N PRO C 188 9.33 11.94 6.20
CA PRO C 188 8.53 11.33 5.12
C PRO C 188 9.33 11.29 3.81
N THR C 189 9.44 10.09 3.23
CA THR C 189 10.03 9.93 1.92
C THR C 189 9.47 8.67 1.26
N ASP C 190 9.39 8.68 -0.07
CA ASP C 190 8.76 7.57 -0.80
C ASP C 190 9.76 6.66 -1.50
N GLY C 191 11.04 6.94 -1.46
CA GLY C 191 12.03 6.19 -2.19
C GLY C 191 12.81 6.99 -3.22
N GLY C 192 12.31 8.16 -3.61
CA GLY C 192 12.98 8.99 -4.58
C GLY C 192 13.47 10.30 -4.01
N ASN C 193 13.92 11.17 -4.90
CA ASN C 193 14.36 12.50 -4.49
C ASN C 193 13.28 13.56 -4.71
N SER C 194 12.01 13.16 -4.62
CA SER C 194 10.90 14.09 -4.43
C SER C 194 10.71 14.38 -2.95
N ILE C 195 10.46 15.64 -2.63
CA ILE C 195 9.93 15.96 -1.32
C ILE C 195 8.46 15.56 -1.29
N ILE C 196 8.07 14.74 -0.31
CA ILE C 196 6.66 14.33 -0.22
C ILE C 196 6.03 14.88 1.04
N LYS C 197 4.70 14.98 1.02
CA LYS C 197 3.99 15.53 2.16
C LYS C 197 4.00 14.52 3.31
N GLY C 198 3.65 14.99 4.50
CA GLY C 198 3.49 14.10 5.61
C GLY C 198 2.10 13.48 5.61
N PRO C 199 1.70 12.89 6.75
CA PRO C 199 2.59 12.78 7.92
C PRO C 199 3.53 11.59 7.82
N MET C 200 4.59 11.60 8.62
CA MET C 200 5.49 10.47 8.80
C MET C 200 4.73 9.15 8.94
N THR C 201 5.14 8.13 8.20
CA THR C 201 4.64 6.77 8.42
C THR C 201 5.78 5.87 8.84
N THR C 202 5.44 4.68 9.34
CA THR C 202 6.47 3.76 9.78
C THR C 202 6.88 2.79 8.70
N ILE C 203 6.52 3.07 7.44
CA ILE C 203 6.74 2.10 6.36
C ILE C 203 8.21 1.69 6.29
N TRP C 204 9.13 2.66 6.41
CA TRP C 204 10.53 2.28 6.29
C TRP C 204 11.00 1.54 7.54
N ASP C 205 10.48 1.91 8.70
CA ASP C 205 10.78 1.15 9.90
C ASP C 205 10.33 -0.30 9.78
N ASP C 206 9.18 -0.54 9.13
CA ASP C 206 8.69 -1.90 8.98
C ASP C 206 9.55 -2.67 8.00
N ARG C 207 9.99 -2.02 6.92
CA ARG C 207 10.89 -2.69 6.00
C ARG C 207 12.18 -3.07 6.69
N PHE C 208 12.79 -2.14 7.41
CA PHE C 208 13.99 -2.47 8.17
C PHE C 208 13.71 -3.59 9.17
N ARG C 209 12.58 -3.51 9.88
CA ARG C 209 12.33 -4.45 10.97
C ARG C 209 12.14 -5.88 10.46
N ASN C 210 11.45 -6.04 9.32
CA ASN C 210 11.25 -7.36 8.72
C ASN C 210 12.56 -8.00 8.28
N ASN C 211 13.59 -7.20 7.96
CA ASN C 211 14.88 -7.70 7.54
C ASN C 211 15.83 -7.94 8.70
N LEU C 212 15.56 -7.36 9.85
CA LEU C 212 16.45 -7.37 11.00
C LEU C 212 15.91 -8.25 12.12
N LYS C 213 15.09 -9.23 11.75
CA LYS C 213 14.39 -10.12 12.67
C LYS C 213 15.21 -10.39 13.93
N ASP C 214 16.28 -11.19 13.80
CA ASP C 214 17.16 -11.57 14.90
C ASP C 214 18.37 -10.67 14.98
N LYS C 215 18.19 -9.37 14.79
CA LYS C 215 19.24 -8.39 14.96
C LYS C 215 18.61 -7.13 15.51
N VAL C 216 19.43 -6.16 15.80
CA VAL C 216 19.00 -4.95 16.45
C VAL C 216 18.60 -3.89 15.42
N TYR C 217 17.56 -3.14 15.71
CA TYR C 217 17.15 -2.03 14.85
C TYR C 217 17.22 -0.75 15.67
N MET C 218 18.04 0.19 15.25
CA MET C 218 18.08 1.53 15.81
C MET C 218 17.23 2.48 14.97
N ALA C 219 16.08 2.81 15.49
CA ALA C 219 15.13 3.68 14.80
C ALA C 219 15.48 5.15 14.99
N PRO C 220 15.30 5.97 13.97
CA PRO C 220 15.60 7.39 14.11
C PRO C 220 14.39 8.16 14.59
N VAL C 221 14.68 9.22 15.34
CA VAL C 221 13.68 10.15 15.79
C VAL C 221 14.19 11.55 15.51
N SER C 222 13.44 12.32 14.72
CA SER C 222 13.89 13.64 14.33
C SER C 222 12.68 14.56 14.45
N PRO C 223 12.85 15.75 15.00
CA PRO C 223 11.73 16.69 15.07
C PRO C 223 11.44 17.42 13.77
N TRP C 224 12.44 17.65 12.92
CA TRP C 224 12.38 18.72 11.92
C TRP C 224 13.50 18.50 10.90
N PHE C 225 13.40 19.21 9.78
CA PHE C 225 14.50 19.24 8.82
C PHE C 225 14.39 20.50 7.98
N SER C 226 15.43 21.31 8.00
CA SER C 226 15.52 22.43 7.07
C SER C 226 16.99 22.75 6.94
N THR C 227 17.49 22.72 5.72
CA THR C 227 18.91 23.00 5.49
C THR C 227 19.01 24.05 4.40
N HIS C 228 20.00 24.91 4.52
CA HIS C 228 20.05 26.08 3.65
C HIS C 228 21.50 26.47 3.36
N PHE C 229 22.25 25.52 2.82
CA PHE C 229 23.63 25.70 2.36
C PHE C 229 23.67 25.65 0.84
N ASN C 230 24.74 26.20 0.28
CA ASN C 230 24.83 26.08 -1.17
C ASN C 230 25.12 24.65 -1.65
N THR C 231 25.40 23.70 -0.76
CA THR C 231 25.51 22.30 -1.14
C THR C 231 24.29 21.48 -0.74
N LYS C 232 23.32 22.07 -0.04
CA LYS C 232 22.10 21.37 0.32
C LYS C 232 21.09 22.39 0.81
N ASN C 233 19.91 22.41 0.17
CA ASN C 233 18.96 23.50 0.35
C ASN C 233 17.56 22.92 0.16
N TRP C 234 17.05 22.23 1.20
CA TRP C 234 15.70 21.67 1.14
C TRP C 234 15.15 21.48 2.54
N VAL C 235 13.86 21.22 2.60
CA VAL C 235 13.17 20.87 3.83
C VAL C 235 12.54 19.52 3.62
N PHE C 236 12.28 18.84 4.72
CA PHE C 236 11.32 17.74 4.68
C PHE C 236 10.07 18.21 5.40
N ILE C 237 8.97 17.51 5.18
CA ILE C 237 7.66 17.96 5.63
C ILE C 237 7.40 17.24 6.95
N CYS C 238 7.62 17.94 8.06
CA CYS C 238 7.60 17.33 9.39
C CYS C 238 6.39 17.72 10.21
N GLU C 239 6.16 19.02 10.42
CA GLU C 239 4.97 19.59 11.02
C GLU C 239 4.74 19.12 12.45
N ASP C 240 3.89 18.12 12.64
CA ASP C 240 3.67 17.58 13.98
C ASP C 240 4.69 16.52 14.34
N LEU C 241 5.67 16.28 13.47
CA LEU C 241 6.73 15.30 13.72
C LEU C 241 7.39 15.38 15.10
N PRO C 242 7.67 16.55 15.68
CA PRO C 242 8.29 16.57 17.03
C PRO C 242 7.51 15.79 18.08
N HIS C 243 6.20 15.60 17.90
CA HIS C 243 5.43 14.79 18.82
C HIS C 243 5.16 13.41 18.26
N LEU C 244 4.65 13.35 17.03
CA LEU C 244 4.07 12.13 16.50
C LEU C 244 5.11 11.02 16.38
N ARG C 245 6.35 11.38 16.08
CA ARG C 245 7.36 10.33 15.92
C ARG C 245 7.51 9.54 17.21
N TRP C 246 7.48 10.23 18.36
CA TRP C 246 7.58 9.54 19.65
C TRP C 246 6.39 8.61 19.87
N GLN C 247 5.17 9.06 19.51
CA GLN C 247 4.02 8.17 19.55
C GLN C 247 4.30 6.91 18.73
N GLN C 248 4.98 7.04 17.59
CA GLN C 248 5.28 5.85 16.81
C GLN C 248 6.29 4.98 17.53
N MET C 249 7.19 5.57 18.31
CA MET C 249 8.19 4.75 18.98
C MET C 249 7.57 3.86 20.04
N LEU C 250 6.50 4.31 20.69
CA LEU C 250 5.87 3.44 21.69
C LEU C 250 5.17 2.28 21.02
N GLU C 251 4.50 2.53 19.88
CA GLU C 251 3.90 1.45 19.11
C GLU C 251 4.93 0.43 18.68
N MET C 252 6.10 0.88 18.22
CA MET C 252 6.98 -0.01 17.46
C MET C 252 8.03 -0.67 18.32
N GLN C 253 8.43 -0.04 19.42
CA GLN C 253 9.40 -0.59 20.36
C GLN C 253 10.68 -1.12 19.71
N PRO C 254 11.43 -0.27 19.02
CA PRO C 254 12.73 -0.71 18.49
C PRO C 254 13.69 -1.03 19.64
N GLU C 255 14.73 -1.79 19.31
CA GLU C 255 15.75 -2.10 20.31
C GLU C 255 16.52 -0.87 20.76
N LEU C 256 16.72 0.10 19.87
CA LEU C 256 17.45 1.31 20.20
C LEU C 256 16.80 2.49 19.48
N ILE C 257 16.98 3.69 20.01
CA ILE C 257 16.57 4.92 19.33
C ILE C 257 17.76 5.85 19.26
N GLU C 258 17.96 6.50 18.11
CA GLU C 258 18.91 7.60 18.00
C GLU C 258 18.16 8.84 17.57
N ILE C 259 18.28 9.91 18.38
CA ILE C 259 17.64 11.19 18.07
C ILE C 259 18.51 11.92 17.06
N ILE C 260 17.95 12.29 15.93
CA ILE C 260 18.60 13.14 14.95
C ILE C 260 17.95 14.50 15.10
N SER C 261 18.59 15.43 15.82
CA SER C 261 19.93 15.30 16.35
C SER C 261 20.08 16.09 17.63
N TRP C 262 21.24 15.98 18.28
CA TRP C 262 21.49 16.88 19.40
C TRP C 262 21.90 18.26 18.94
N ASN C 263 22.79 18.39 17.95
CA ASN C 263 23.33 19.72 17.67
C ASN C 263 23.70 19.90 16.21
N ASP C 264 22.92 19.33 15.29
CA ASP C 264 23.20 19.58 13.87
C ASP C 264 22.40 20.80 13.46
N TYR C 265 22.92 21.97 13.82
CA TYR C 265 22.23 23.23 13.52
C TYR C 265 21.96 23.36 12.03
N GLY C 266 22.88 22.86 11.20
CA GLY C 266 22.78 23.06 9.77
C GLY C 266 21.62 22.35 9.10
N GLU C 267 21.04 21.35 9.75
CA GLU C 267 19.86 20.70 9.21
C GLU C 267 18.62 20.93 10.07
N SER C 268 18.74 21.75 11.12
CA SER C 268 17.61 22.21 11.94
C SER C 268 16.93 21.10 12.75
N HIS C 269 17.53 19.93 12.91
CA HIS C 269 16.86 18.95 13.75
C HIS C 269 17.49 18.82 15.14
N TYR C 270 18.24 19.83 15.56
CA TYR C 270 18.84 19.81 16.89
C TYR C 270 17.77 19.98 17.96
N ILE C 271 17.87 19.17 19.01
CA ILE C 271 17.05 19.36 20.20
C ILE C 271 17.89 19.81 21.37
N GLY C 272 19.20 19.96 21.17
CA GLY C 272 20.10 20.37 22.21
C GLY C 272 20.18 21.87 22.27
N PRO C 273 20.94 22.41 23.23
CA PRO C 273 21.12 23.87 23.29
C PRO C 273 21.98 24.34 22.12
N TYR C 274 21.85 25.64 21.84
CA TYR C 274 22.74 26.32 20.91
C TYR C 274 23.99 26.73 21.66
N SER C 275 25.05 25.93 21.56
CA SER C 275 26.21 26.09 22.42
C SER C 275 27.07 27.27 22.00
N GLU C 276 27.60 27.99 22.98
CA GLU C 276 28.48 29.13 22.69
C GLU C 276 29.75 28.69 21.98
N ALA C 277 30.22 27.46 22.22
CA ALA C 277 31.56 27.05 21.84
C ALA C 277 31.63 26.33 20.50
N HIS C 278 30.51 25.94 19.91
CA HIS C 278 30.60 25.27 18.62
C HIS C 278 31.07 26.27 17.57
N SER C 279 31.61 25.74 16.48
CA SER C 279 32.08 26.56 15.37
C SER C 279 30.98 26.67 14.32
N ASP C 280 30.56 27.89 14.04
CA ASP C 280 29.48 28.13 13.09
C ASP C 280 29.90 27.66 11.70
N ASP C 281 29.03 26.89 11.05
CA ASP C 281 29.31 26.45 9.69
C ASP C 281 28.53 27.24 8.66
N GLY C 282 27.83 28.29 9.10
CA GLY C 282 26.88 29.02 8.29
C GLY C 282 25.46 28.94 8.82
N SER C 283 25.14 27.92 9.63
CA SER C 283 23.79 27.75 10.12
C SER C 283 23.41 28.71 11.25
N ALA C 284 24.36 29.49 11.76
CA ALA C 284 23.98 30.49 12.75
C ALA C 284 22.88 31.38 12.20
N GLN C 285 22.90 31.62 10.90
CA GLN C 285 21.91 32.44 10.23
C GLN C 285 20.48 32.01 10.54
N TRP C 286 20.22 30.71 10.59
CA TRP C 286 18.86 30.26 10.83
C TRP C 286 18.70 29.51 12.15
N THR C 287 19.74 29.46 12.98
CA THR C 287 19.65 28.76 14.25
C THR C 287 19.99 29.60 15.47
N LYS C 288 20.71 30.72 15.32
CA LYS C 288 21.23 31.46 16.47
C LYS C 288 20.11 31.95 17.39
N ASP C 289 19.04 32.51 16.82
CA ASP C 289 17.91 33.02 17.59
C ASP C 289 16.71 32.06 17.59
N PHE C 290 16.97 30.76 17.53
CA PHE C 290 15.92 29.74 17.38
C PHE C 290 16.22 28.59 18.31
N PRO C 291 15.93 28.76 19.60
CA PRO C 291 16.08 27.65 20.53
C PRO C 291 15.18 26.49 20.12
N HIS C 292 15.67 25.27 20.32
CA HIS C 292 14.86 24.06 20.17
C HIS C 292 14.71 23.29 21.47
N ASP C 293 15.18 23.85 22.59
CA ASP C 293 15.28 23.08 23.83
C ASP C 293 13.94 22.59 24.32
N ALA C 294 12.88 23.35 24.08
CA ALA C 294 11.58 22.94 24.60
C ALA C 294 11.15 21.61 24.00
N TRP C 295 11.70 21.20 22.87
CA TRP C 295 11.33 19.89 22.37
C TRP C 295 11.79 18.79 23.30
N ARG C 296 12.79 19.05 24.13
CA ARG C 296 13.13 18.04 25.12
C ARG C 296 12.01 17.87 26.14
N ILE C 297 11.12 18.86 26.31
CA ILE C 297 9.98 18.67 27.20
C ILE C 297 9.08 17.56 26.68
N ILE C 298 8.94 17.47 25.34
CA ILE C 298 8.12 16.42 24.73
C ILE C 298 8.82 15.07 24.80
N ALA C 299 10.12 15.04 24.48
CA ALA C 299 10.84 13.77 24.41
C ALA C 299 10.90 13.07 25.76
N LYS C 300 11.03 13.84 26.85
CA LYS C 300 11.28 13.25 28.17
C LYS C 300 10.22 12.25 28.60
N PRO C 301 8.93 12.59 28.67
CA PRO C 301 7.93 11.55 29.01
C PRO C 301 7.90 10.39 28.02
N TYR C 302 8.18 10.63 26.74
CA TYR C 302 8.15 9.52 25.79
C TYR C 302 9.40 8.63 25.92
N ILE C 303 10.55 9.21 26.23
CA ILE C 303 11.72 8.39 26.48
C ILE C 303 11.48 7.49 27.68
N ALA C 304 10.86 8.01 28.74
CA ALA C 304 10.57 7.18 29.90
C ALA C 304 9.61 6.06 29.55
N ALA C 305 8.51 6.41 28.88
CA ALA C 305 7.55 5.39 28.50
C ALA C 305 8.19 4.34 27.62
N TYR C 306 9.03 4.76 26.67
CA TYR C 306 9.61 3.82 25.74
C TYR C 306 10.50 2.83 26.45
N LYS C 307 11.34 3.33 27.37
CA LYS C 307 12.23 2.45 28.12
C LYS C 307 11.45 1.55 29.07
N ALA C 308 10.28 2.00 29.54
CA ALA C 308 9.44 1.17 30.38
C ALA C 308 8.51 0.26 29.58
N GLY C 309 8.47 0.39 28.26
CA GLY C 309 7.54 -0.41 27.51
C GLY C 309 6.10 0.02 27.64
N GLU C 310 5.82 1.17 28.25
CA GLU C 310 4.46 1.68 28.24
C GLU C 310 4.02 2.00 26.82
N ARG C 311 2.72 1.94 26.59
CA ARG C 311 2.16 2.31 25.29
C ARG C 311 1.72 3.76 25.23
N GLU C 312 1.71 4.46 26.37
CA GLU C 312 1.27 5.85 26.40
C GLU C 312 2.14 6.58 27.42
N PRO C 313 2.48 7.84 27.17
CA PRO C 313 3.33 8.58 28.09
C PRO C 313 2.51 9.00 29.30
N THR C 314 3.21 9.39 30.35
CA THR C 314 2.59 9.85 31.59
C THR C 314 2.99 11.30 31.82
N VAL C 315 1.99 12.18 31.92
CA VAL C 315 2.18 13.61 32.11
C VAL C 315 2.25 13.91 33.60
N GLU C 316 3.35 14.52 34.05
CA GLU C 316 3.48 14.78 35.48
C GLU C 316 3.02 16.17 35.90
N SER C 317 3.13 17.16 35.02
CA SER C 317 2.62 18.48 35.34
C SER C 317 2.20 19.17 34.05
N ASP C 318 1.41 20.22 34.20
CA ASP C 318 0.89 20.90 33.02
C ASP C 318 1.99 21.72 32.36
N GLN C 319 2.27 21.39 31.09
CA GLN C 319 3.22 22.11 30.27
C GLN C 319 2.67 22.28 28.87
N LEU C 320 3.34 23.12 28.10
CA LEU C 320 2.91 23.48 26.76
C LEU C 320 4.17 23.73 25.96
N VAL C 321 4.26 23.17 24.76
CA VAL C 321 5.36 23.38 23.85
C VAL C 321 4.80 23.89 22.54
N TYR C 322 5.47 24.89 21.95
CA TYR C 322 4.99 25.44 20.70
C TYR C 322 6.14 25.63 19.72
N TRP C 323 5.82 25.55 18.42
CA TRP C 323 6.84 25.81 17.42
C TRP C 323 6.19 26.35 16.17
N TYR C 324 6.89 27.25 15.50
CA TYR C 324 6.42 27.79 14.23
C TYR C 324 7.58 28.38 13.46
N ARG C 325 7.41 28.40 12.14
CA ARG C 325 8.41 29.02 11.28
C ARG C 325 8.29 30.54 11.38
N PRO C 326 9.37 31.26 11.07
CA PRO C 326 9.35 32.73 11.21
C PRO C 326 8.45 33.45 10.20
N THR C 327 8.18 32.90 9.03
CA THR C 327 7.35 33.62 8.06
C THR C 327 6.37 32.65 7.43
N PRO C 328 5.27 33.16 6.86
CA PRO C 328 4.49 32.33 5.93
C PRO C 328 5.41 31.85 4.83
N LYS C 329 5.07 30.68 4.28
CA LYS C 329 5.96 30.02 3.34
C LYS C 329 6.12 30.77 2.02
N ALA C 330 5.21 31.68 1.71
CA ALA C 330 5.24 32.38 0.43
C ALA C 330 5.95 33.72 0.51
N VAL C 331 6.56 34.06 1.66
CA VAL C 331 7.18 35.36 1.82
C VAL C 331 8.51 35.34 1.08
N THR C 332 8.62 36.10 -0.01
CA THR C 332 9.88 36.16 -0.73
C THR C 332 10.85 37.08 0.01
N CYS C 333 12.07 36.60 0.22
CA CYS C 333 13.04 37.33 1.02
C CYS C 333 13.80 38.33 0.15
N SER C 334 14.61 39.16 0.78
CA SER C 334 15.13 40.33 0.07
C SER C 334 16.63 40.27 -0.25
N LYS C 335 17.37 39.35 0.35
CA LYS C 335 18.84 39.41 0.39
C LYS C 335 19.52 38.07 0.16
N ASP C 336 18.79 36.97 0.01
CA ASP C 336 19.40 35.68 0.24
C ASP C 336 20.23 35.28 -0.97
N PRO C 337 21.53 35.02 -0.80
CA PRO C 337 22.35 34.52 -1.92
C PRO C 337 22.01 33.10 -2.35
N LEU C 338 21.10 32.43 -1.64
CA LEU C 338 20.63 31.09 -1.97
C LEU C 338 19.16 31.17 -2.33
N GLY C 339 18.72 30.29 -3.19
CA GLY C 339 17.32 30.28 -3.55
C GLY C 339 16.44 29.75 -2.43
N PRO C 340 15.14 29.88 -2.58
CA PRO C 340 14.24 29.26 -1.63
C PRO C 340 14.48 27.76 -1.61
N PRO C 341 14.38 27.13 -0.43
CA PRO C 341 14.64 25.69 -0.33
C PRO C 341 13.65 24.86 -1.14
N ASN C 342 14.14 23.72 -1.62
CA ASN C 342 13.27 22.75 -2.27
C ASN C 342 12.23 22.17 -1.32
N GLY C 343 10.97 22.12 -1.75
CA GLY C 343 9.90 21.49 -1.00
C GLY C 343 9.03 22.40 -0.15
N ILE C 344 9.29 23.71 -0.12
CA ILE C 344 8.61 24.52 0.88
C ILE C 344 7.14 24.71 0.57
N ASN C 345 6.74 24.57 -0.70
CA ASN C 345 5.33 24.70 -1.05
C ASN C 345 4.47 23.64 -0.37
N LEU C 346 5.07 22.53 0.08
CA LEU C 346 4.31 21.51 0.77
C LEU C 346 4.18 21.75 2.26
N LEU C 347 4.85 22.76 2.80
CA LEU C 347 4.68 23.08 4.22
C LEU C 347 3.31 23.71 4.46
N GLU C 348 2.84 23.65 5.70
CA GLU C 348 1.68 24.44 6.09
C GLU C 348 2.09 25.62 6.96
N ASP C 349 1.39 26.74 6.75
CA ASP C 349 1.57 27.92 7.59
C ASP C 349 0.76 27.65 8.84
N SER C 350 1.37 27.00 9.81
CA SER C 350 0.70 26.68 11.04
C SER C 350 1.60 27.00 12.23
N VAL C 351 0.96 27.23 13.37
CA VAL C 351 1.63 27.19 14.68
C VAL C 351 1.26 25.87 15.31
N PHE C 352 2.25 25.13 15.78
CA PHE C 352 2.01 23.83 16.39
C PHE C 352 2.14 23.94 17.90
N VAL C 353 1.21 23.30 18.62
CA VAL C 353 1.19 23.38 20.07
C VAL C 353 0.97 21.98 20.61
N THR C 354 1.94 21.48 21.38
CA THR C 354 1.78 20.25 22.14
C THR C 354 1.46 20.63 23.58
N THR C 355 0.30 20.20 24.07
CA THR C 355 -0.04 20.36 25.47
C THR C 355 0.17 19.05 26.18
N LEU C 356 0.79 19.12 27.36
CA LEU C 356 1.01 18.00 28.27
C LEU C 356 0.25 18.36 29.55
N LEU C 357 -0.97 17.85 29.68
CA LEU C 357 -1.85 18.28 30.76
C LEU C 357 -2.28 17.09 31.62
N THR C 358 -2.42 17.33 32.92
CA THR C 358 -2.90 16.26 33.80
C THR C 358 -4.41 16.10 33.76
N GLU C 359 -5.14 17.13 33.38
CA GLU C 359 -6.59 17.10 33.23
C GLU C 359 -6.96 17.89 31.98
N PRO C 360 -8.12 17.61 31.38
CA PRO C 360 -8.49 18.34 30.17
C PRO C 360 -8.62 19.82 30.44
N ALA C 361 -8.56 20.61 29.37
CA ALA C 361 -8.53 22.06 29.48
C ALA C 361 -8.93 22.67 28.15
N THR C 362 -8.89 24.00 28.08
CA THR C 362 -9.17 24.72 26.85
C THR C 362 -7.91 25.47 26.45
N LEU C 363 -7.42 25.19 25.23
CA LEU C 363 -6.24 25.82 24.68
C LEU C 363 -6.69 26.97 23.78
N THR C 364 -6.19 28.17 24.05
CA THR C 364 -6.48 29.34 23.22
C THR C 364 -5.19 29.85 22.60
N VAL C 365 -5.19 30.03 21.29
CA VAL C 365 -4.02 30.49 20.58
C VAL C 365 -4.38 31.74 19.83
N GLY C 366 -3.58 32.79 20.01
CA GLY C 366 -3.63 33.98 19.19
C GLY C 366 -2.43 33.96 18.26
N SER C 367 -2.72 34.08 16.97
CA SER C 367 -1.66 34.12 15.95
C SER C 367 -1.89 35.36 15.09
N GLY C 368 -1.22 36.45 15.45
CA GLY C 368 -1.44 37.69 14.74
C GLY C 368 -2.83 38.21 15.05
N SER C 369 -3.57 38.55 14.00
CA SER C 369 -4.91 39.08 14.20
C SER C 369 -5.95 38.00 14.48
N LEU C 370 -5.59 36.73 14.45
CA LEU C 370 -6.56 35.64 14.55
C LEU C 370 -6.49 34.99 15.93
N GLU C 371 -7.64 34.51 16.40
CA GLU C 371 -7.68 33.80 17.68
C GLU C 371 -8.42 32.49 17.52
N PHE C 372 -7.92 31.44 18.17
CA PHE C 372 -8.53 30.13 18.05
C PHE C 372 -8.62 29.51 19.44
N SER C 373 -9.53 28.55 19.56
CA SER C 373 -9.68 27.80 20.79
C SER C 373 -10.08 26.35 20.46
N VAL C 374 -9.50 25.42 21.19
CA VAL C 374 -9.86 24.01 21.13
C VAL C 374 -9.87 23.46 22.54
N ASP C 375 -10.86 22.63 22.84
CA ASP C 375 -10.74 21.78 24.02
C ASP C 375 -9.66 20.74 23.78
N VAL C 376 -8.85 20.50 24.80
CA VAL C 376 -7.75 19.55 24.72
C VAL C 376 -7.85 18.65 25.92
N ASP C 377 -7.67 17.36 25.69
CA ASP C 377 -7.80 16.34 26.71
C ASP C 377 -6.55 16.27 27.57
N ALA C 378 -6.67 15.57 28.70
CA ALA C 378 -5.49 15.17 29.45
C ALA C 378 -4.57 14.35 28.54
N GLY C 379 -3.29 14.33 28.90
CA GLY C 379 -2.27 13.65 28.12
C GLY C 379 -1.46 14.61 27.27
N ILE C 380 -0.75 14.02 26.31
CA ILE C 380 0.12 14.78 25.41
C ILE C 380 -0.58 14.83 24.05
N VAL C 381 -0.91 16.04 23.62
CA VAL C 381 -1.81 16.28 22.49
C VAL C 381 -1.26 17.43 21.68
N THR C 382 -1.11 17.24 20.37
CA THR C 382 -0.63 18.30 19.48
C THR C 382 -1.78 18.80 18.64
N ASN C 383 -1.94 20.13 18.58
CA ASN C 383 -2.87 20.83 17.71
C ASN C 383 -2.14 21.85 16.84
N SER C 384 -2.66 22.10 15.64
CA SER C 384 -2.10 23.08 14.73
C SER C 384 -3.11 24.18 14.47
N PHE C 385 -2.64 25.43 14.49
CA PHE C 385 -3.40 26.64 14.33
C PHE C 385 -2.91 27.42 13.12
N PRO C 386 -3.81 28.02 12.34
CA PRO C 386 -3.36 28.84 11.20
C PRO C 386 -2.43 29.94 11.69
N MET C 387 -1.36 30.17 10.93
CA MET C 387 -0.34 31.09 11.38
C MET C 387 -0.71 32.47 10.83
N GLY C 388 -0.67 33.47 11.69
CA GLY C 388 -0.94 34.84 11.29
C GLY C 388 0.27 35.70 11.57
N VAL C 389 0.51 36.67 10.70
CA VAL C 389 1.64 37.58 10.89
C VAL C 389 1.41 38.42 12.14
N GLY C 390 2.45 38.57 12.96
CA GLY C 390 2.39 39.40 14.14
C GLY C 390 2.68 38.59 15.40
N SER C 391 2.09 39.03 16.50
CA SER C 391 2.37 38.43 17.79
C SER C 391 1.72 37.05 17.93
N GLN C 392 2.39 36.16 18.66
CA GLN C 392 1.85 34.85 18.96
C GLN C 392 1.62 34.76 20.46
N ALA C 393 0.47 34.23 20.84
CA ALA C 393 0.08 34.15 22.23
C ALA C 393 -0.62 32.83 22.47
N PHE C 394 -0.41 32.28 23.65
CA PHE C 394 -0.85 30.94 23.99
C PHE C 394 -1.43 31.00 25.38
N SER C 395 -2.60 30.42 25.57
CA SER C 395 -3.17 30.34 26.90
C SER C 395 -3.89 29.02 27.09
N VAL C 396 -3.76 28.45 28.28
CA VAL C 396 -4.45 27.21 28.63
C VAL C 396 -5.23 27.49 29.90
N THR C 397 -6.54 27.25 29.83
CA THR C 397 -7.44 27.53 30.94
C THR C 397 -8.21 26.27 31.28
N ARG C 398 -8.45 26.08 32.56
CA ARG C 398 -9.14 24.93 33.12
C ARG C 398 -10.11 25.47 34.15
N ASP C 399 -11.39 25.10 34.04
CA ASP C 399 -12.49 25.81 34.69
C ASP C 399 -12.34 27.24 34.18
N GLY C 400 -12.06 28.25 35.01
CA GLY C 400 -11.80 29.57 34.50
C GLY C 400 -10.36 30.02 34.72
N GLU C 401 -9.60 29.20 35.43
CA GLU C 401 -8.23 29.52 35.82
C GLU C 401 -7.29 29.42 34.61
N GLU C 402 -6.57 30.50 34.29
CA GLU C 402 -5.47 30.36 33.33
C GLU C 402 -4.33 29.60 33.99
N ILE C 403 -4.15 28.34 33.60
CA ILE C 403 -3.12 27.48 34.18
C ILE C 403 -1.72 27.75 33.66
N LEU C 404 -1.57 28.12 32.39
CA LEU C 404 -0.29 28.58 31.86
C LEU C 404 -0.52 29.29 30.55
N GLY C 405 0.48 30.02 30.11
CA GLY C 405 0.30 30.88 28.97
C GLY C 405 1.37 31.94 28.91
N GLY C 406 1.41 32.61 27.77
CA GLY C 406 2.36 33.69 27.55
C GLY C 406 2.46 34.00 26.08
N ASP C 407 3.34 34.96 25.78
CA ASP C 407 3.66 35.31 24.40
C ASP C 407 4.72 34.37 23.81
N GLY C 408 4.51 33.97 22.56
CA GLY C 408 5.59 33.30 21.85
C GLY C 408 6.80 34.20 21.75
N GLY C 409 7.99 33.60 21.83
CA GLY C 409 9.22 34.37 21.84
C GLY C 409 9.61 35.02 20.53
N LEU C 410 8.84 34.83 19.46
CA LEU C 410 9.21 35.43 18.18
C LEU C 410 7.94 35.82 17.45
N ASP C 411 7.96 37.01 16.86
CA ASP C 411 6.84 37.50 16.07
C ASP C 411 6.92 36.90 14.67
N VAL C 412 5.80 36.38 14.16
CA VAL C 412 5.78 35.96 12.75
C VAL C 412 5.85 37.20 11.87
N GLN C 413 6.66 37.15 10.83
CA GLN C 413 6.85 38.31 9.95
C GLN C 413 6.49 37.99 8.51
N ASP C 414 6.17 39.04 7.75
CA ASP C 414 5.89 38.89 6.32
C ASP C 414 7.00 39.48 5.46
N ARG C 415 8.17 39.75 6.06
CA ARG C 415 9.37 40.16 5.35
C ARG C 415 10.49 39.25 5.85
N CYS C 416 11.52 39.02 5.03
CA CYS C 416 12.69 38.32 5.53
C CYS C 416 13.93 38.70 4.74
N ASP C 417 15.08 38.67 5.40
CA ASP C 417 16.34 38.80 4.67
C ASP C 417 16.70 37.49 3.96
N TYR C 418 16.53 36.35 4.65
CA TYR C 418 17.01 35.05 4.18
C TYR C 418 15.92 34.01 4.38
N TYR C 419 15.79 33.08 3.42
CA TYR C 419 14.89 31.95 3.61
C TYR C 419 15.25 31.19 4.87
N ASN C 420 14.37 31.21 5.87
CA ASN C 420 14.55 30.51 7.15
C ASN C 420 13.35 29.60 7.35
N PHE C 421 13.55 28.31 7.13
CA PHE C 421 12.48 27.33 7.32
C PHE C 421 12.79 26.39 8.49
N ASN C 422 13.67 26.81 9.39
CA ASN C 422 13.79 26.28 10.74
C ASN C 422 12.61 26.79 11.56
N VAL C 423 12.47 26.29 12.78
CA VAL C 423 11.36 26.75 13.60
C VAL C 423 11.90 27.33 14.89
N TYR C 424 11.18 28.33 15.41
CA TYR C 424 11.33 28.77 16.79
C TYR C 424 10.53 27.85 17.68
N VAL C 425 11.12 27.37 18.78
CA VAL C 425 10.43 26.55 19.77
C VAL C 425 10.47 27.21 21.14
N GLY C 426 9.36 27.18 21.87
CA GLY C 426 9.27 27.73 23.21
C GLY C 426 8.27 26.94 24.02
N SER C 427 8.12 27.30 25.30
CA SER C 427 7.26 26.50 26.18
C SER C 427 6.78 27.32 27.37
N PHE C 428 5.73 26.82 28.00
CA PHE C 428 5.29 27.29 29.30
C PHE C 428 5.08 26.10 30.22
N SER C 429 5.40 26.29 31.49
CA SER C 429 5.28 25.23 32.48
C SER C 429 4.57 25.80 33.71
N ALA C 430 3.47 25.17 34.10
CA ALA C 430 2.79 25.59 35.31
C ALA C 430 3.50 24.95 36.49
N LYS D 32 -19.72 -3.51 13.81
CA LYS D 32 -20.25 -4.83 14.16
C LYS D 32 -21.74 -4.96 13.84
N ASP D 33 -22.09 -6.12 13.29
CA ASP D 33 -23.38 -6.34 12.68
C ASP D 33 -24.44 -6.68 13.72
N SER D 34 -25.61 -6.06 13.57
CA SER D 34 -26.74 -6.35 14.43
C SER D 34 -27.32 -7.74 14.19
N ASN D 35 -26.87 -8.43 13.13
CA ASN D 35 -27.43 -9.71 12.75
C ASN D 35 -26.38 -10.82 12.85
N LYS D 36 -26.89 -12.03 12.99
CA LYS D 36 -26.09 -13.23 13.07
C LYS D 36 -26.18 -13.96 11.75
N TYR D 37 -25.13 -14.74 11.45
CA TYR D 37 -25.11 -15.45 10.18
C TYR D 37 -24.48 -16.83 10.36
N VAL D 38 -24.83 -17.72 9.45
CA VAL D 38 -24.28 -19.06 9.41
C VAL D 38 -23.65 -19.27 8.06
N THR D 39 -22.44 -19.79 8.05
CA THR D 39 -21.74 -20.11 6.80
C THR D 39 -21.35 -21.58 6.82
N ALA D 40 -20.87 -22.09 5.69
CA ALA D 40 -20.43 -23.47 5.66
C ALA D 40 -19.14 -23.62 4.86
N HIS D 41 -18.18 -24.34 5.44
CA HIS D 41 -16.89 -24.57 4.79
C HIS D 41 -17.09 -25.40 3.52
N PHE D 42 -16.58 -24.89 2.40
CA PHE D 42 -16.67 -25.54 1.10
C PHE D 42 -15.27 -25.76 0.53
N MET D 43 -14.94 -27.03 0.22
CA MET D 43 -13.71 -27.40 -0.49
C MET D 43 -13.80 -27.07 -1.97
N VAL D 44 -13.18 -25.95 -2.34
CA VAL D 44 -12.94 -25.64 -3.74
C VAL D 44 -12.01 -26.65 -4.37
N GLY D 45 -11.09 -27.21 -3.58
CA GLY D 45 -10.07 -28.09 -4.15
C GLY D 45 -10.60 -29.36 -4.78
N ILE D 46 -11.83 -29.76 -4.44
CA ILE D 46 -12.40 -30.98 -5.00
C ILE D 46 -13.39 -30.70 -6.12
N VAL D 47 -13.53 -29.44 -6.54
CA VAL D 47 -14.59 -29.19 -7.52
C VAL D 47 -14.01 -28.55 -8.77
N GLU D 48 -12.90 -29.12 -9.24
CA GLU D 48 -12.27 -28.64 -10.46
C GLU D 48 -13.25 -28.64 -11.64
N ASN D 49 -14.04 -29.71 -11.78
CA ASN D 49 -14.98 -29.82 -12.90
C ASN D 49 -16.37 -29.30 -12.58
N TYR D 50 -16.52 -28.45 -11.56
CA TYR D 50 -17.83 -27.87 -11.33
C TYR D 50 -18.20 -26.90 -12.45
N THR D 51 -19.49 -26.77 -12.67
CA THR D 51 -20.02 -25.69 -13.50
C THR D 51 -20.74 -24.71 -12.59
N VAL D 52 -21.14 -23.57 -13.14
CA VAL D 52 -21.93 -22.63 -12.34
C VAL D 52 -23.19 -23.33 -11.83
N ASP D 53 -23.82 -24.14 -12.68
CA ASP D 53 -25.04 -24.83 -12.30
C ASP D 53 -24.81 -25.79 -11.15
N ASP D 54 -23.65 -26.48 -11.14
CA ASP D 54 -23.31 -27.33 -10.01
C ASP D 54 -23.22 -26.50 -8.74
N TRP D 55 -22.65 -25.31 -8.85
CA TRP D 55 -22.60 -24.41 -7.70
C TRP D 55 -24.01 -24.01 -7.27
N LYS D 56 -24.85 -23.61 -8.24
CA LYS D 56 -26.22 -23.21 -7.92
C LYS D 56 -26.93 -24.28 -7.14
N HIS D 57 -26.71 -25.55 -7.51
CA HIS D 57 -27.40 -26.62 -6.81
C HIS D 57 -27.02 -26.67 -5.34
N ASP D 58 -25.71 -26.63 -5.06
CA ASP D 58 -25.26 -26.60 -3.67
C ASP D 58 -25.82 -25.38 -2.95
N MET D 59 -25.76 -24.21 -3.60
CA MET D 59 -26.18 -23.03 -2.86
C MET D 59 -27.68 -23.06 -2.58
N GLU D 60 -28.46 -23.67 -3.45
CA GLU D 60 -29.90 -23.71 -3.22
C GLU D 60 -30.24 -24.60 -2.03
N LEU D 61 -29.53 -25.74 -1.89
CA LEU D 61 -29.76 -26.56 -0.71
C LEU D 61 -29.22 -25.92 0.55
N ALA D 62 -28.15 -25.13 0.45
CA ALA D 62 -27.67 -24.42 1.62
C ALA D 62 -28.65 -23.33 2.02
N LYS D 63 -29.20 -22.62 1.02
CA LYS D 63 -30.24 -21.62 1.30
C LYS D 63 -31.43 -22.26 2.00
N GLU D 64 -31.88 -23.41 1.48
CA GLU D 64 -33.02 -24.12 2.07
C GLU D 64 -32.81 -24.37 3.55
N THR D 65 -31.55 -24.55 3.97
CA THR D 65 -31.22 -24.84 5.35
C THR D 65 -31.16 -23.60 6.22
N GLY D 66 -31.15 -22.41 5.60
CA GLY D 66 -30.93 -21.15 6.29
C GLY D 66 -29.48 -20.71 6.36
N ILE D 67 -28.58 -21.40 5.66
CA ILE D 67 -27.18 -20.97 5.62
C ILE D 67 -27.06 -19.73 4.75
N ASP D 68 -26.22 -18.78 5.18
CA ASP D 68 -26.08 -17.51 4.47
C ASP D 68 -24.99 -17.49 3.41
N ALA D 69 -23.89 -18.23 3.61
CA ALA D 69 -22.77 -18.14 2.69
C ALA D 69 -21.90 -19.41 2.80
N PHE D 70 -21.18 -19.67 1.72
CA PHE D 70 -20.13 -20.69 1.70
C PHE D 70 -18.79 -19.99 1.97
N ALA D 71 -18.01 -20.55 2.88
CA ALA D 71 -16.57 -20.26 2.88
C ALA D 71 -15.92 -21.05 1.74
N LEU D 72 -15.38 -20.34 0.74
CA LEU D 72 -14.74 -21.02 -0.40
C LEU D 72 -13.29 -21.29 -0.02
N ASN D 73 -13.05 -22.50 0.49
CA ASN D 73 -11.70 -22.91 0.89
C ASN D 73 -10.90 -23.26 -0.36
N CYS D 74 -9.89 -22.46 -0.69
CA CYS D 74 -9.13 -22.68 -1.91
C CYS D 74 -7.64 -22.66 -1.60
N ALA D 75 -6.89 -23.17 -2.59
CA ALA D 75 -5.44 -23.34 -2.51
C ALA D 75 -4.76 -22.59 -3.65
N SER D 76 -3.61 -21.99 -3.35
CA SER D 76 -2.81 -21.28 -4.34
C SER D 76 -2.33 -22.20 -5.46
N ILE D 77 -2.09 -23.48 -5.18
CA ILE D 77 -1.47 -24.38 -6.16
C ILE D 77 -2.48 -25.08 -7.06
N ASP D 78 -3.77 -24.83 -6.91
CA ASP D 78 -4.77 -25.38 -7.82
C ASP D 78 -4.88 -24.48 -9.05
N SER D 79 -4.64 -25.05 -10.24
CA SER D 79 -4.77 -24.28 -11.48
C SER D 79 -6.19 -23.86 -11.76
N TYR D 80 -7.18 -24.42 -11.04
CA TYR D 80 -8.59 -24.13 -11.23
C TYR D 80 -9.18 -23.31 -10.10
N THR D 81 -8.35 -22.70 -9.25
CA THR D 81 -8.90 -21.89 -8.16
C THR D 81 -9.60 -20.64 -8.68
N ASP D 82 -8.95 -19.96 -9.64
CA ASP D 82 -9.55 -18.74 -10.19
C ASP D 82 -10.75 -19.09 -11.06
N LYS D 83 -10.69 -20.20 -11.78
CA LYS D 83 -11.87 -20.62 -12.53
C LYS D 83 -13.04 -20.90 -11.59
N GLN D 84 -12.78 -21.57 -10.47
CA GLN D 84 -13.90 -21.99 -9.62
C GLN D 84 -14.37 -20.87 -8.71
N LEU D 85 -13.46 -20.05 -8.18
CA LEU D 85 -13.90 -18.86 -7.48
C LEU D 85 -14.82 -18.04 -8.38
N ALA D 86 -14.44 -17.86 -9.64
CA ALA D 86 -15.30 -17.11 -10.56
C ALA D 86 -16.67 -17.78 -10.67
N TYR D 87 -16.71 -19.07 -11.02
CA TYR D 87 -17.98 -19.77 -11.11
C TYR D 87 -18.80 -19.60 -9.84
N ALA D 88 -18.15 -19.68 -8.67
CA ALA D 88 -18.88 -19.65 -7.42
C ALA D 88 -19.44 -18.26 -7.14
N TYR D 89 -18.70 -17.19 -7.50
CA TYR D 89 -19.25 -15.87 -7.28
C TYR D 89 -20.42 -15.62 -8.21
N GLU D 90 -20.30 -16.03 -9.49
CA GLU D 90 -21.44 -15.87 -10.40
C GLU D 90 -22.65 -16.64 -9.90
N ALA D 91 -22.47 -17.91 -9.52
CA ALA D 91 -23.59 -18.68 -9.01
C ALA D 91 -24.26 -17.97 -7.84
N ALA D 92 -23.45 -17.46 -6.91
CA ALA D 92 -24.03 -16.77 -5.75
C ALA D 92 -24.92 -15.61 -6.19
N GLU D 93 -24.38 -14.71 -7.03
CA GLU D 93 -25.17 -13.58 -7.49
C GLU D 93 -26.41 -14.04 -8.25
N GLU D 94 -26.32 -15.17 -8.94
CA GLU D 94 -27.47 -15.61 -9.73
C GLU D 94 -28.58 -16.24 -8.88
N VAL D 95 -28.29 -16.88 -7.75
CA VAL D 95 -29.32 -17.47 -6.89
C VAL D 95 -29.52 -16.70 -5.61
N ASP D 96 -28.96 -15.49 -5.52
CA ASP D 96 -29.11 -14.65 -4.36
C ASP D 96 -28.59 -15.35 -3.09
N PHE D 97 -27.44 -16.02 -3.25
CA PHE D 97 -26.61 -16.52 -2.16
C PHE D 97 -25.36 -15.64 -2.05
N LYS D 98 -24.59 -15.82 -0.98
CA LYS D 98 -23.35 -15.09 -0.80
C LYS D 98 -22.16 -16.04 -0.61
N VAL D 99 -20.97 -15.57 -0.96
CA VAL D 99 -19.75 -16.32 -0.72
C VAL D 99 -18.69 -15.39 -0.18
N PHE D 100 -17.72 -15.98 0.53
CA PHE D 100 -16.47 -15.32 0.89
C PHE D 100 -15.35 -16.34 0.77
N ILE D 101 -14.11 -15.85 0.77
CA ILE D 101 -12.94 -16.68 0.48
C ILE D 101 -12.30 -17.10 1.79
N SER D 102 -12.01 -18.40 1.89
CA SER D 102 -11.22 -18.96 2.97
C SER D 102 -9.89 -19.37 2.36
N PHE D 103 -8.84 -18.58 2.60
CA PHE D 103 -7.53 -18.91 2.06
C PHE D 103 -6.92 -20.03 2.91
N ASP D 104 -6.75 -21.20 2.29
CA ASP D 104 -6.24 -22.39 2.98
C ASP D 104 -4.73 -22.23 3.06
N PHE D 105 -4.22 -21.88 4.24
CA PHE D 105 -2.79 -21.60 4.34
C PHE D 105 -1.97 -22.86 4.61
N ALA D 106 -2.57 -24.03 4.43
CA ALA D 106 -1.75 -25.19 4.21
C ALA D 106 -1.13 -25.18 2.82
N TYR D 107 -1.54 -24.24 1.96
CA TYR D 107 -1.06 -24.15 0.58
C TYR D 107 -0.68 -22.71 0.25
N TRP D 108 -1.55 -21.77 0.57
CA TRP D 108 -1.17 -20.38 0.50
C TRP D 108 -0.04 -20.13 1.49
N SER D 109 0.81 -19.16 1.18
CA SER D 109 1.93 -18.83 2.03
C SER D 109 1.93 -17.32 2.30
N ASN D 110 2.64 -16.92 3.36
CA ASN D 110 2.71 -15.51 3.70
C ASN D 110 3.31 -14.69 2.56
N GLY D 111 4.09 -15.30 1.69
CA GLY D 111 4.63 -14.62 0.53
C GLY D 111 3.69 -14.47 -0.65
N ASP D 112 2.39 -14.75 -0.48
CA ASP D 112 1.42 -14.62 -1.56
C ASP D 112 0.54 -13.40 -1.38
N THR D 113 0.98 -12.43 -0.59
CA THR D 113 0.17 -11.25 -0.34
C THR D 113 -0.30 -10.61 -1.64
N ALA D 114 0.58 -10.48 -2.62
CA ALA D 114 0.20 -9.80 -3.86
C ALA D 114 -1.01 -10.47 -4.50
N ARG D 115 -0.99 -11.80 -4.63
CA ARG D 115 -2.12 -12.50 -5.26
C ARG D 115 -3.36 -12.48 -4.37
N ILE D 116 -3.19 -12.76 -3.07
CA ILE D 116 -4.31 -12.58 -2.14
C ILE D 116 -4.92 -11.20 -2.33
N THR D 117 -4.06 -10.18 -2.38
CA THR D 117 -4.56 -8.81 -2.49
C THR D 117 -5.39 -8.62 -3.75
N SER D 118 -4.95 -9.20 -4.88
CA SER D 118 -5.62 -8.95 -6.15
C SER D 118 -6.92 -9.75 -6.28
N ILE D 119 -6.98 -10.93 -5.67
CA ILE D 119 -8.24 -11.65 -5.62
C ILE D 119 -9.27 -10.86 -4.80
N MET D 120 -8.85 -10.25 -3.70
CA MET D 120 -9.76 -9.44 -2.90
C MET D 120 -10.26 -8.21 -3.68
N GLN D 121 -9.39 -7.57 -4.48
CA GLN D 121 -9.85 -6.45 -5.29
C GLN D 121 -10.87 -6.90 -6.33
N THR D 122 -10.73 -8.12 -6.85
CA THR D 122 -11.74 -8.63 -7.78
C THR D 122 -13.09 -8.85 -7.11
N TYR D 123 -13.09 -9.32 -5.86
CA TYR D 123 -14.32 -9.87 -5.28
C TYR D 123 -14.84 -9.13 -4.06
N ALA D 124 -14.08 -8.21 -3.46
CA ALA D 124 -14.56 -7.60 -2.23
C ALA D 124 -15.86 -6.85 -2.44
N ASP D 125 -16.13 -6.41 -3.67
CA ASP D 125 -17.33 -5.66 -3.99
C ASP D 125 -18.15 -6.38 -5.04
N HIS D 126 -17.89 -7.66 -5.25
CA HIS D 126 -18.73 -8.47 -6.13
C HIS D 126 -20.14 -8.60 -5.55
N PRO D 127 -21.19 -8.59 -6.38
CA PRO D 127 -22.55 -8.80 -5.89
C PRO D 127 -22.69 -10.05 -5.03
N GLY D 128 -21.93 -11.11 -5.33
CA GLY D 128 -22.06 -12.34 -4.57
C GLY D 128 -21.26 -12.39 -3.28
N GLN D 129 -20.46 -11.36 -3.00
CA GLN D 129 -19.58 -11.39 -1.84
C GLN D 129 -20.40 -11.17 -0.57
N PHE D 130 -20.22 -12.06 0.40
CA PHE D 130 -20.85 -11.85 1.70
C PHE D 130 -20.24 -10.62 2.36
N GLN D 131 -21.09 -9.72 2.83
CA GLN D 131 -20.68 -8.55 3.58
C GLN D 131 -21.07 -8.73 5.04
N TYR D 132 -20.10 -8.59 5.94
CA TYR D 132 -20.40 -8.56 7.37
C TYR D 132 -20.39 -7.09 7.78
N ASN D 133 -21.59 -6.55 7.99
CA ASN D 133 -21.75 -5.16 8.35
C ASN D 133 -20.98 -4.29 7.35
N GLY D 134 -21.24 -4.55 6.06
CA GLY D 134 -20.75 -3.71 5.00
C GLY D 134 -19.35 -4.03 4.49
N ALA D 135 -18.56 -4.82 5.23
CA ALA D 135 -17.22 -5.21 4.82
C ALA D 135 -17.20 -6.61 4.22
N ALA D 136 -16.25 -6.85 3.32
CA ALA D 136 -16.15 -8.18 2.70
C ALA D 136 -15.55 -9.17 3.69
N LEU D 137 -16.29 -10.22 4.02
CA LEU D 137 -15.77 -11.23 4.92
C LEU D 137 -14.66 -12.01 4.22
N VAL D 138 -13.59 -12.27 4.98
CA VAL D 138 -12.46 -13.09 4.53
C VAL D 138 -11.96 -13.93 5.69
N SER D 139 -11.59 -15.17 5.38
CA SER D 139 -11.22 -16.12 6.40
C SER D 139 -10.07 -16.96 5.90
N THR D 140 -9.58 -17.84 6.78
CA THR D 140 -8.47 -18.72 6.45
C THR D 140 -8.70 -20.09 7.03
N PHE D 141 -7.86 -21.02 6.59
CA PHE D 141 -7.50 -22.18 7.39
C PHE D 141 -6.04 -22.01 7.75
N VAL D 142 -5.72 -22.15 9.03
CA VAL D 142 -4.44 -21.72 9.60
C VAL D 142 -4.05 -20.35 9.02
N GLY D 143 -2.75 -20.11 8.81
CA GLY D 143 -2.33 -18.79 8.36
C GLY D 143 -2.34 -17.72 9.43
N ASP D 144 -2.08 -18.10 10.69
CA ASP D 144 -2.21 -17.20 11.85
C ASP D 144 -1.33 -15.96 11.75
N SER D 145 -0.20 -16.06 11.07
CA SER D 145 0.76 -14.98 11.03
C SER D 145 0.65 -14.17 9.76
N PHE D 146 -0.22 -14.56 8.84
CA PHE D 146 -0.44 -13.77 7.64
C PHE D 146 -1.05 -12.43 8.01
N ASP D 147 -0.45 -11.35 7.49
CA ASP D 147 -0.80 -9.98 7.85
C ASP D 147 -1.78 -9.40 6.84
N TRP D 148 -2.97 -9.03 7.31
CA TRP D 148 -4.05 -8.52 6.47
C TRP D 148 -3.92 -7.02 6.22
N GLY D 149 -3.12 -6.31 7.02
CA GLY D 149 -2.89 -4.90 6.87
C GLY D 149 -2.60 -4.47 5.44
N PRO D 150 -1.57 -5.08 4.84
CA PRO D 150 -1.24 -4.76 3.44
C PRO D 150 -2.36 -5.04 2.46
N VAL D 151 -3.14 -6.09 2.68
CA VAL D 151 -4.30 -6.36 1.83
C VAL D 151 -5.33 -5.25 1.99
N LYS D 152 -5.83 -5.07 3.22
CA LYS D 152 -6.81 -4.02 3.50
C LYS D 152 -6.37 -2.69 2.92
N ARG D 153 -5.11 -2.33 3.13
CA ARG D 153 -4.65 -1.01 2.69
C ARG D 153 -4.63 -0.88 1.18
N ALA D 154 -4.44 -2.00 0.46
CA ALA D 154 -4.41 -2.00 -1.00
C ALA D 154 -5.77 -2.26 -1.65
N VAL D 155 -6.79 -2.59 -0.89
CA VAL D 155 -8.11 -2.88 -1.44
C VAL D 155 -9.02 -1.73 -1.06
N ASP D 156 -9.75 -1.22 -2.04
CA ASP D 156 -10.57 -0.03 -1.80
C ASP D 156 -11.74 -0.37 -0.87
N HIS D 157 -12.56 -1.33 -1.30
CA HIS D 157 -13.68 -1.78 -0.48
C HIS D 157 -13.17 -2.35 0.86
N PRO D 158 -13.82 -2.02 1.96
CA PRO D 158 -13.38 -2.53 3.26
C PRO D 158 -13.46 -4.06 3.32
N ILE D 159 -12.69 -4.63 4.25
CA ILE D 159 -12.49 -6.07 4.36
C ILE D 159 -12.59 -6.45 5.84
N PHE D 160 -13.32 -7.53 6.14
CA PHE D 160 -13.52 -8.01 7.51
C PHE D 160 -12.75 -9.31 7.67
N ALA D 161 -11.61 -9.24 8.39
CA ALA D 161 -10.65 -10.34 8.44
C ALA D 161 -10.93 -11.21 9.66
N VAL D 162 -11.41 -12.43 9.43
CA VAL D 162 -11.65 -13.35 10.54
C VAL D 162 -10.88 -14.63 10.24
N PRO D 163 -9.57 -14.62 10.37
CA PRO D 163 -8.78 -15.81 10.02
C PRO D 163 -8.98 -16.89 11.06
N ASN D 164 -8.61 -18.11 10.68
CA ASN D 164 -8.53 -19.22 11.62
C ASN D 164 -7.25 -19.08 12.44
N LEU D 165 -7.39 -19.01 13.77
CA LEU D 165 -6.26 -18.87 14.68
C LEU D 165 -6.25 -20.03 15.65
N GLN D 166 -5.08 -20.64 15.82
CA GLN D 166 -4.97 -21.83 16.66
C GLN D 166 -4.83 -21.50 18.14
N ASP D 167 -4.18 -20.39 18.47
CA ASP D 167 -4.02 -19.98 19.85
C ASP D 167 -5.11 -19.00 20.25
N PRO D 168 -5.95 -19.32 21.25
CA PRO D 168 -6.86 -18.30 21.80
C PRO D 168 -6.14 -17.03 22.23
N ASN D 169 -5.07 -17.18 23.01
CA ASN D 169 -4.37 -16.02 23.55
C ASN D 169 -3.90 -15.07 22.45
N TRP D 170 -3.60 -15.61 21.26
CA TRP D 170 -3.12 -14.79 20.15
C TRP D 170 -4.28 -14.13 19.40
N ALA D 171 -5.49 -14.69 19.49
CA ALA D 171 -6.64 -13.97 18.97
C ALA D 171 -6.79 -12.62 19.66
N GLY D 172 -6.24 -12.46 20.86
CA GLY D 172 -6.49 -11.32 21.70
C GLY D 172 -5.55 -10.16 21.49
N HIS D 173 -4.34 -10.44 21.00
CA HIS D 173 -3.41 -9.36 20.67
C HIS D 173 -2.64 -9.70 19.41
N ALA D 174 -3.36 -10.11 18.37
CA ALA D 174 -2.74 -10.32 17.08
C ALA D 174 -2.34 -8.98 16.47
N THR D 175 -1.25 -9.00 15.70
CA THR D 175 -0.74 -7.81 15.04
C THR D 175 -1.01 -7.83 13.53
N THR D 176 -1.97 -8.64 13.09
CA THR D 176 -2.15 -8.96 11.68
C THR D 176 -3.38 -8.27 11.09
N SER D 177 -3.95 -7.28 11.82
CA SER D 177 -5.10 -6.46 11.37
C SER D 177 -6.36 -7.31 11.18
N ILE D 178 -6.74 -8.07 12.22
CA ILE D 178 -7.87 -8.98 12.16
C ILE D 178 -9.06 -8.37 12.89
N ASP D 179 -10.25 -8.68 12.39
CA ASP D 179 -11.49 -8.22 12.99
C ASP D 179 -12.17 -9.30 13.84
N GLY D 180 -11.58 -10.48 13.91
CA GLY D 180 -12.20 -11.59 14.64
C GLY D 180 -11.33 -12.82 14.52
N ALA D 181 -11.76 -13.90 15.15
CA ALA D 181 -11.08 -15.17 14.97
C ALA D 181 -12.08 -16.28 14.70
N PHE D 182 -11.68 -17.20 13.83
CA PHE D 182 -12.42 -18.40 13.47
C PHE D 182 -11.73 -19.58 14.16
N SER D 183 -12.44 -20.28 15.03
CA SER D 183 -11.85 -21.41 15.71
C SER D 183 -12.13 -22.71 14.95
N TRP D 184 -11.12 -23.58 14.89
CA TRP D 184 -11.24 -24.92 14.31
C TRP D 184 -11.38 -25.99 15.38
N TYR D 185 -11.68 -25.58 16.61
CA TYR D 185 -11.84 -26.51 17.73
C TYR D 185 -13.26 -27.09 17.75
N ALA D 186 -13.61 -27.79 16.67
CA ALA D 186 -15.00 -28.23 16.48
C ALA D 186 -15.33 -29.51 17.23
N TRP D 187 -14.33 -30.23 17.72
CA TRP D 187 -14.47 -31.57 18.29
C TRP D 187 -13.78 -31.63 19.64
N PRO D 188 -14.10 -32.61 20.47
CA PRO D 188 -13.42 -32.74 21.78
C PRO D 188 -11.92 -32.96 21.61
N THR D 189 -11.13 -32.12 22.29
CA THR D 189 -9.68 -32.24 22.18
C THR D 189 -8.99 -31.49 23.32
N ASP D 190 -7.80 -31.97 23.70
CA ASP D 190 -6.96 -31.25 24.65
C ASP D 190 -5.89 -30.44 23.94
N GLY D 191 -6.07 -30.19 22.65
CA GLY D 191 -5.04 -29.55 21.86
C GLY D 191 -4.11 -30.56 21.22
N GLY D 192 -3.28 -30.06 20.31
CA GLY D 192 -2.37 -30.93 19.57
C GLY D 192 -3.06 -31.98 18.75
N ASN D 193 -4.31 -31.75 18.35
CA ASN D 193 -5.17 -32.75 17.72
C ASN D 193 -5.27 -34.02 18.57
N SER D 194 -5.22 -33.88 19.88
CA SER D 194 -5.45 -35.03 20.77
C SER D 194 -6.92 -35.44 20.77
N ILE D 195 -7.15 -36.74 20.90
CA ILE D 195 -8.47 -37.33 20.87
C ILE D 195 -8.88 -37.65 22.31
N ILE D 196 -9.97 -37.05 22.77
CA ILE D 196 -10.50 -37.34 24.09
C ILE D 196 -11.96 -37.75 23.94
N LYS D 197 -12.47 -38.46 24.95
CA LYS D 197 -13.88 -38.81 24.99
C LYS D 197 -14.73 -37.55 25.12
N GLY D 198 -15.93 -37.60 24.60
CA GLY D 198 -16.85 -36.50 24.77
C GLY D 198 -17.52 -36.55 26.13
N PRO D 199 -18.64 -35.84 26.27
CA PRO D 199 -19.22 -35.04 25.18
C PRO D 199 -18.49 -33.72 24.98
N MET D 200 -18.65 -33.16 23.79
CA MET D 200 -18.08 -31.85 23.46
C MET D 200 -18.42 -30.81 24.53
N THR D 201 -17.46 -29.95 24.84
CA THR D 201 -17.75 -28.83 25.73
C THR D 201 -17.32 -27.52 25.05
N THR D 202 -17.67 -26.39 25.68
CA THR D 202 -17.34 -25.09 25.12
C THR D 202 -16.09 -24.48 25.75
N ILE D 203 -15.22 -25.32 26.33
CA ILE D 203 -14.00 -24.84 26.96
C ILE D 203 -13.18 -24.00 25.98
N TRP D 204 -13.07 -24.44 24.72
CA TRP D 204 -12.27 -23.69 23.76
C TRP D 204 -13.03 -22.49 23.22
N ASP D 205 -14.35 -22.57 23.11
CA ASP D 205 -15.09 -21.40 22.67
C ASP D 205 -14.95 -20.28 23.70
N ASP D 206 -14.95 -20.64 25.00
CA ASP D 206 -14.79 -19.65 26.06
C ASP D 206 -13.42 -18.97 25.99
N ARG D 207 -12.36 -19.77 25.87
CA ARG D 207 -11.02 -19.21 25.69
C ARG D 207 -10.98 -18.22 24.53
N PHE D 208 -11.47 -18.64 23.35
CA PHE D 208 -11.51 -17.74 22.20
C PHE D 208 -12.38 -16.51 22.47
N ARG D 209 -13.54 -16.70 23.10
CA ARG D 209 -14.42 -15.57 23.35
C ARG D 209 -13.81 -14.67 24.41
N ASN D 210 -13.05 -15.24 25.33
CA ASN D 210 -12.50 -14.43 26.39
C ASN D 210 -11.42 -13.49 25.86
N ASN D 211 -10.64 -13.94 24.87
CA ASN D 211 -9.61 -13.10 24.26
C ASN D 211 -10.13 -12.28 23.06
N LEU D 212 -11.33 -12.55 22.57
CA LEU D 212 -11.91 -11.76 21.48
C LEU D 212 -12.86 -10.71 22.02
N LYS D 213 -12.36 -9.91 22.97
CA LYS D 213 -13.17 -8.95 23.73
C LYS D 213 -14.16 -8.21 22.84
N ASP D 214 -13.73 -7.21 22.07
CA ASP D 214 -14.67 -6.53 21.20
C ASP D 214 -14.81 -7.19 19.84
N LYS D 215 -13.81 -7.97 19.43
CA LYS D 215 -13.81 -8.50 18.08
C LYS D 215 -14.82 -9.64 17.96
N VAL D 216 -14.98 -10.11 16.72
CA VAL D 216 -15.98 -11.10 16.35
C VAL D 216 -15.43 -12.50 16.56
N TYR D 217 -16.27 -13.38 17.08
CA TYR D 217 -15.95 -14.80 17.19
C TYR D 217 -16.80 -15.56 16.20
N MET D 218 -16.16 -16.27 15.25
CA MET D 218 -16.88 -17.20 14.39
C MET D 218 -16.61 -18.60 14.93
N ALA D 219 -17.65 -19.21 15.56
CA ALA D 219 -17.54 -20.51 16.19
C ALA D 219 -17.72 -21.63 15.16
N PRO D 220 -17.04 -22.75 15.33
CA PRO D 220 -17.25 -23.87 14.42
C PRO D 220 -18.32 -24.85 14.91
N VAL D 221 -19.08 -25.36 13.95
CA VAL D 221 -20.06 -26.41 14.19
C VAL D 221 -19.77 -27.52 13.22
N SER D 222 -19.44 -28.70 13.74
CA SER D 222 -19.13 -29.87 12.95
C SER D 222 -19.90 -31.07 13.49
N PRO D 223 -20.49 -31.89 12.65
CA PRO D 223 -21.25 -33.03 13.17
C PRO D 223 -20.41 -34.23 13.58
N TRP D 224 -19.30 -34.46 12.89
CA TRP D 224 -18.59 -35.75 12.93
C TRP D 224 -17.15 -35.50 12.51
N PHE D 225 -16.32 -36.53 12.64
CA PHE D 225 -14.96 -36.45 12.14
C PHE D 225 -14.43 -37.86 12.02
N SER D 226 -14.16 -38.28 10.79
CA SER D 226 -13.47 -39.55 10.57
C SER D 226 -12.71 -39.38 9.29
N THR D 227 -11.40 -39.57 9.37
CA THR D 227 -10.57 -39.42 8.19
C THR D 227 -9.61 -40.60 8.11
N HIS D 228 -9.32 -41.02 6.87
CA HIS D 228 -8.67 -42.29 6.61
C HIS D 228 -7.69 -42.13 5.43
N PHE D 229 -6.60 -41.40 5.65
CA PHE D 229 -5.56 -41.20 4.65
C PHE D 229 -4.19 -41.48 5.25
N ASN D 230 -3.17 -41.45 4.40
CA ASN D 230 -1.81 -41.56 4.90
C ASN D 230 -1.49 -40.44 5.88
N THR D 231 -1.78 -39.19 5.50
CA THR D 231 -1.41 -38.05 6.34
C THR D 231 -2.34 -37.86 7.54
N LYS D 232 -3.53 -38.45 7.52
CA LYS D 232 -4.46 -38.29 8.64
C LYS D 232 -5.37 -39.51 8.69
N ASN D 233 -5.35 -40.23 9.81
CA ASN D 233 -6.10 -41.48 9.96
C ASN D 233 -6.61 -41.56 11.40
N TRP D 234 -7.67 -40.81 11.73
CA TRP D 234 -8.19 -40.84 13.09
C TRP D 234 -9.66 -40.42 13.13
N VAL D 235 -10.27 -40.58 14.30
CA VAL D 235 -11.59 -40.06 14.61
C VAL D 235 -11.48 -39.17 15.84
N PHE D 236 -12.29 -38.13 15.88
CA PHE D 236 -12.64 -37.46 17.13
C PHE D 236 -13.92 -38.10 17.65
N ILE D 237 -14.16 -37.96 18.95
CA ILE D 237 -15.29 -38.65 19.58
C ILE D 237 -16.48 -37.70 19.52
N CYS D 238 -17.36 -37.88 18.54
CA CYS D 238 -18.42 -36.92 18.27
C CYS D 238 -19.78 -37.38 18.78
N GLU D 239 -20.27 -38.52 18.25
CA GLU D 239 -21.41 -39.22 18.81
C GLU D 239 -22.72 -38.45 18.69
N ASP D 240 -23.11 -37.75 19.75
CA ASP D 240 -24.30 -36.90 19.70
C ASP D 240 -23.96 -35.50 19.19
N LEU D 241 -22.71 -35.27 18.79
CA LEU D 241 -22.29 -33.96 18.31
C LEU D 241 -23.20 -33.33 17.24
N PRO D 242 -23.74 -34.05 16.27
CA PRO D 242 -24.54 -33.37 15.22
C PRO D 242 -25.72 -32.59 15.75
N HIS D 243 -26.16 -32.87 16.96
CA HIS D 243 -27.21 -32.10 17.61
C HIS D 243 -26.67 -31.30 18.78
N LEU D 244 -25.87 -31.94 19.65
CA LEU D 244 -25.35 -31.24 20.82
C LEU D 244 -24.76 -29.89 20.46
N ARG D 245 -23.99 -29.81 19.37
CA ARG D 245 -23.27 -28.58 19.12
C ARG D 245 -24.22 -27.45 18.78
N TRP D 246 -25.36 -27.76 18.17
CA TRP D 246 -26.31 -26.68 17.87
C TRP D 246 -26.94 -26.14 19.15
N GLN D 247 -27.27 -27.02 20.10
CA GLN D 247 -27.76 -26.55 21.39
C GLN D 247 -26.76 -25.63 22.05
N GLN D 248 -25.47 -25.96 21.96
CA GLN D 248 -24.45 -25.05 22.48
C GLN D 248 -24.46 -23.71 21.76
N MET D 249 -24.83 -23.69 20.48
CA MET D 249 -24.75 -22.42 19.78
C MET D 249 -25.83 -21.44 20.25
N LEU D 250 -26.98 -21.96 20.67
CA LEU D 250 -28.06 -21.09 21.14
C LEU D 250 -27.73 -20.45 22.48
N GLU D 251 -26.96 -21.15 23.33
CA GLU D 251 -26.51 -20.59 24.61
C GLU D 251 -25.35 -19.64 24.42
N MET D 252 -24.47 -19.90 23.45
CA MET D 252 -23.26 -19.11 23.25
C MET D 252 -23.51 -17.86 22.41
N GLN D 253 -24.45 -17.91 21.45
CA GLN D 253 -24.69 -16.84 20.50
C GLN D 253 -23.39 -16.19 20.04
N PRO D 254 -22.53 -16.92 19.33
CA PRO D 254 -21.37 -16.28 18.70
C PRO D 254 -21.86 -15.31 17.63
N GLU D 255 -20.97 -14.38 17.24
CA GLU D 255 -21.33 -13.43 16.19
C GLU D 255 -21.47 -14.11 14.84
N LEU D 256 -20.74 -15.20 14.59
CA LEU D 256 -20.89 -15.94 13.35
C LEU D 256 -20.64 -17.41 13.61
N ILE D 257 -21.10 -18.23 12.66
CA ILE D 257 -20.93 -19.68 12.71
C ILE D 257 -20.45 -20.13 11.35
N GLU D 258 -19.46 -21.03 11.35
CA GLU D 258 -19.09 -21.73 10.14
C GLU D 258 -19.32 -23.20 10.38
N ILE D 259 -20.07 -23.84 9.49
CA ILE D 259 -20.30 -25.27 9.60
C ILE D 259 -19.14 -25.97 8.90
N ILE D 260 -18.47 -26.83 9.63
CA ILE D 260 -17.42 -27.66 9.07
C ILE D 260 -18.06 -29.05 8.96
N SER D 261 -18.53 -29.42 7.77
CA SER D 261 -18.35 -28.69 6.49
C SER D 261 -19.53 -28.88 5.55
N TRP D 262 -19.50 -28.23 4.38
CA TRP D 262 -20.50 -28.58 3.38
C TRP D 262 -20.15 -29.88 2.68
N ASN D 263 -18.87 -30.01 2.26
CA ASN D 263 -18.55 -31.13 1.39
C ASN D 263 -17.15 -31.68 1.60
N ASP D 264 -16.58 -31.61 2.80
CA ASP D 264 -15.27 -32.26 3.00
C ASP D 264 -15.49 -33.75 3.21
N TYR D 265 -15.76 -34.45 2.11
CA TYR D 265 -16.00 -35.89 2.20
C TYR D 265 -14.85 -36.58 2.91
N GLY D 266 -13.62 -36.10 2.66
CA GLY D 266 -12.42 -36.72 3.23
C GLY D 266 -12.39 -36.80 4.75
N GLU D 267 -13.10 -35.91 5.46
CA GLU D 267 -13.11 -35.93 6.92
C GLU D 267 -14.47 -36.29 7.52
N SER D 268 -15.44 -36.66 6.68
CA SER D 268 -16.73 -37.18 7.07
C SER D 268 -17.60 -36.17 7.80
N HIS D 269 -17.29 -34.87 7.76
CA HIS D 269 -18.17 -33.90 8.43
C HIS D 269 -19.03 -33.12 7.45
N TYR D 270 -19.15 -33.59 6.22
CA TYR D 270 -20.04 -32.97 5.25
C TYR D 270 -21.50 -33.09 5.67
N ILE D 271 -22.25 -32.01 5.48
CA ILE D 271 -23.70 -32.02 5.61
C ILE D 271 -24.41 -31.73 4.30
N GLY D 272 -23.68 -31.31 3.26
CA GLY D 272 -24.21 -31.15 1.93
C GLY D 272 -24.30 -32.49 1.22
N PRO D 273 -24.89 -32.47 0.04
CA PRO D 273 -25.06 -33.72 -0.71
C PRO D 273 -23.70 -34.26 -1.14
N TYR D 274 -23.69 -35.55 -1.48
CA TYR D 274 -22.55 -36.15 -2.17
C TYR D 274 -22.71 -35.82 -3.65
N SER D 275 -21.94 -34.85 -4.14
CA SER D 275 -22.19 -34.28 -5.45
C SER D 275 -21.61 -35.15 -6.55
N GLU D 276 -22.27 -35.11 -7.72
CA GLU D 276 -21.80 -35.88 -8.87
C GLU D 276 -20.46 -35.38 -9.37
N ALA D 277 -20.26 -34.07 -9.37
CA ALA D 277 -19.18 -33.45 -10.12
C ALA D 277 -17.87 -33.31 -9.35
N HIS D 278 -17.85 -33.59 -8.05
CA HIS D 278 -16.61 -33.37 -7.33
C HIS D 278 -15.61 -34.45 -7.71
N SER D 279 -14.34 -34.16 -7.47
CA SER D 279 -13.26 -35.09 -7.76
C SER D 279 -12.99 -35.97 -6.55
N ASP D 280 -13.01 -37.27 -6.75
CA ASP D 280 -12.71 -38.19 -5.65
C ASP D 280 -11.26 -38.03 -5.24
N ASP D 281 -11.04 -37.77 -3.96
CA ASP D 281 -9.68 -37.74 -3.42
C ASP D 281 -9.29 -39.05 -2.75
N GLY D 282 -10.12 -40.09 -2.88
CA GLY D 282 -9.97 -41.33 -2.14
C GLY D 282 -11.03 -41.53 -1.08
N SER D 283 -11.77 -40.47 -0.71
CA SER D 283 -12.81 -40.60 0.31
C SER D 283 -14.10 -41.24 -0.21
N ALA D 284 -14.23 -41.42 -1.53
CA ALA D 284 -15.42 -42.09 -2.05
C ALA D 284 -15.64 -43.42 -1.36
N GLN D 285 -14.55 -44.15 -1.11
CA GLN D 285 -14.55 -45.40 -0.35
C GLN D 285 -15.42 -45.38 0.90
N TRP D 286 -15.42 -44.29 1.67
CA TRP D 286 -16.24 -44.23 2.87
C TRP D 286 -17.37 -43.23 2.79
N THR D 287 -17.62 -42.61 1.64
CA THR D 287 -18.66 -41.59 1.57
C THR D 287 -19.66 -41.75 0.44
N LYS D 288 -19.30 -42.44 -0.65
CA LYS D 288 -20.21 -42.55 -1.79
C LYS D 288 -21.57 -43.12 -1.39
N ASP D 289 -21.62 -44.02 -0.42
CA ASP D 289 -22.89 -44.59 -0.01
C ASP D 289 -23.30 -44.10 1.36
N PHE D 290 -22.77 -42.96 1.79
CA PHE D 290 -23.05 -42.47 3.14
C PHE D 290 -23.60 -41.04 3.06
N PRO D 291 -24.89 -40.91 2.73
CA PRO D 291 -25.51 -39.58 2.68
C PRO D 291 -25.56 -38.97 4.06
N HIS D 292 -25.26 -37.66 4.13
CA HIS D 292 -25.37 -36.88 5.36
C HIS D 292 -26.46 -35.82 5.31
N ASP D 293 -27.23 -35.74 4.22
CA ASP D 293 -28.23 -34.67 4.06
C ASP D 293 -29.20 -34.56 5.23
N ALA D 294 -29.62 -35.70 5.79
CA ALA D 294 -30.60 -35.62 6.86
C ALA D 294 -30.11 -34.76 8.01
N TRP D 295 -28.78 -34.63 8.19
CA TRP D 295 -28.28 -33.75 9.26
C TRP D 295 -28.71 -32.30 9.04
N ARG D 296 -28.95 -31.91 7.80
CA ARG D 296 -29.48 -30.56 7.60
C ARG D 296 -30.86 -30.40 8.23
N ILE D 297 -31.60 -31.49 8.48
CA ILE D 297 -32.90 -31.35 9.12
C ILE D 297 -32.72 -30.87 10.56
N ILE D 298 -31.65 -31.29 11.22
CA ILE D 298 -31.40 -30.76 12.57
C ILE D 298 -30.89 -29.33 12.45
N ALA D 299 -30.03 -29.07 11.47
CA ALA D 299 -29.39 -27.76 11.35
C ALA D 299 -30.43 -26.66 11.24
N LYS D 300 -31.36 -26.79 10.28
CA LYS D 300 -32.34 -25.76 9.93
C LYS D 300 -33.02 -25.07 11.13
N PRO D 301 -33.77 -25.77 12.00
CA PRO D 301 -34.43 -25.03 13.11
C PRO D 301 -33.45 -24.40 14.07
N TYR D 302 -32.26 -24.96 14.22
CA TYR D 302 -31.30 -24.35 15.12
C TYR D 302 -30.64 -23.13 14.51
N ILE D 303 -30.48 -23.13 13.18
CA ILE D 303 -30.00 -21.95 12.49
C ILE D 303 -30.99 -20.81 12.69
N ALA D 304 -32.27 -21.14 12.75
CA ALA D 304 -33.30 -20.13 12.91
C ALA D 304 -33.27 -19.56 14.32
N ALA D 305 -33.26 -20.41 15.34
CA ALA D 305 -33.22 -19.91 16.71
C ALA D 305 -31.94 -19.11 16.96
N TYR D 306 -30.83 -19.53 16.35
CA TYR D 306 -29.58 -18.80 16.51
C TYR D 306 -29.67 -17.40 15.93
N LYS D 307 -30.16 -17.29 14.68
CA LYS D 307 -30.29 -16.00 14.02
C LYS D 307 -31.30 -15.11 14.74
N ALA D 308 -32.32 -15.69 15.35
CA ALA D 308 -33.32 -14.93 16.10
C ALA D 308 -32.94 -14.75 17.55
N GLY D 309 -31.75 -15.20 17.95
CA GLY D 309 -31.31 -15.05 19.32
C GLY D 309 -32.16 -15.80 20.31
N GLU D 310 -32.83 -16.87 19.88
CA GLU D 310 -33.71 -17.63 20.76
C GLU D 310 -32.95 -18.79 21.42
N ARG D 311 -33.49 -19.24 22.55
CA ARG D 311 -32.85 -20.22 23.42
C ARG D 311 -33.29 -21.65 23.16
N GLU D 312 -34.34 -21.86 22.37
CA GLU D 312 -34.85 -23.17 21.99
C GLU D 312 -35.22 -23.13 20.52
N PRO D 313 -35.17 -24.28 19.84
CA PRO D 313 -35.59 -24.33 18.44
C PRO D 313 -37.10 -24.46 18.39
N THR D 314 -37.65 -24.12 17.24
CA THR D 314 -39.09 -24.25 17.02
C THR D 314 -39.29 -25.44 16.08
N VAL D 315 -39.99 -26.46 16.55
CA VAL D 315 -40.19 -27.62 15.71
C VAL D 315 -41.39 -27.36 14.81
N GLU D 316 -41.22 -27.58 13.51
CA GLU D 316 -42.27 -27.33 12.53
C GLU D 316 -43.20 -28.53 12.37
N SER D 317 -42.62 -29.72 12.17
CA SER D 317 -43.38 -30.97 12.02
C SER D 317 -42.65 -32.06 12.77
N ASP D 318 -43.34 -33.18 12.99
CA ASP D 318 -42.69 -34.31 13.62
C ASP D 318 -41.70 -34.94 12.63
N GLN D 319 -40.42 -35.03 13.02
CA GLN D 319 -39.42 -35.66 12.17
C GLN D 319 -38.44 -36.46 13.03
N LEU D 320 -37.68 -37.32 12.37
CA LEU D 320 -36.64 -38.11 13.04
C LEU D 320 -35.38 -38.14 12.19
N VAL D 321 -34.22 -37.95 12.81
CA VAL D 321 -32.93 -38.08 12.12
C VAL D 321 -32.12 -39.15 12.83
N TYR D 322 -31.57 -40.09 12.07
CA TYR D 322 -30.75 -41.15 12.66
C TYR D 322 -29.40 -41.24 11.98
N TRP D 323 -28.38 -41.63 12.75
CA TRP D 323 -27.09 -41.93 12.16
C TRP D 323 -26.43 -43.08 12.91
N TYR D 324 -25.52 -43.78 12.21
CA TYR D 324 -24.73 -44.83 12.86
C TYR D 324 -23.60 -45.23 11.93
N ARG D 325 -22.52 -45.77 12.53
CA ARG D 325 -21.39 -46.25 11.76
C ARG D 325 -21.76 -47.57 11.08
N PRO D 326 -21.02 -47.96 10.04
CA PRO D 326 -21.41 -49.17 9.31
C PRO D 326 -21.09 -50.49 10.01
N THR D 327 -20.24 -50.50 11.04
CA THR D 327 -19.79 -51.75 11.65
C THR D 327 -19.53 -51.48 13.12
N PRO D 328 -19.54 -52.52 13.96
CA PRO D 328 -18.99 -52.33 15.31
C PRO D 328 -17.55 -51.83 15.19
N LYS D 329 -17.07 -51.17 16.24
CA LYS D 329 -15.74 -50.59 16.16
C LYS D 329 -14.63 -51.64 16.26
N ALA D 330 -14.94 -52.86 16.66
CA ALA D 330 -13.90 -53.88 16.80
C ALA D 330 -13.71 -54.69 15.54
N VAL D 331 -14.42 -54.33 14.47
CA VAL D 331 -14.24 -55.01 13.20
C VAL D 331 -12.76 -54.94 12.77
N THR D 332 -12.27 -56.06 12.23
CA THR D 332 -10.89 -56.17 11.75
C THR D 332 -10.91 -56.19 10.21
N CYS D 333 -10.19 -55.26 9.59
CA CYS D 333 -10.10 -55.13 8.13
C CYS D 333 -8.66 -55.37 7.70
N SER D 334 -8.32 -56.62 7.44
CA SER D 334 -6.91 -56.98 7.24
C SER D 334 -6.37 -56.46 5.93
N LYS D 335 -7.24 -56.15 4.98
CA LYS D 335 -6.75 -55.73 3.69
C LYS D 335 -6.37 -54.26 3.64
N ASP D 336 -6.64 -53.51 4.72
CA ASP D 336 -6.58 -52.04 4.66
C ASP D 336 -5.20 -51.57 5.08
N PRO D 337 -4.36 -51.11 4.15
CA PRO D 337 -2.97 -50.81 4.51
C PRO D 337 -2.81 -49.63 5.48
N LEU D 338 -3.82 -48.79 5.62
CA LEU D 338 -3.77 -47.72 6.61
C LEU D 338 -3.97 -48.23 8.03
N GLY D 339 -4.53 -49.42 8.21
CA GLY D 339 -4.85 -49.91 9.53
C GLY D 339 -5.94 -49.07 10.17
N PRO D 340 -6.43 -49.48 11.35
CA PRO D 340 -7.56 -48.78 12.00
C PRO D 340 -7.20 -47.35 12.34
N PRO D 341 -8.17 -46.44 12.22
CA PRO D 341 -7.93 -45.06 12.64
C PRO D 341 -7.69 -44.96 14.14
N ASN D 342 -6.82 -44.02 14.50
CA ASN D 342 -6.58 -43.67 15.90
C ASN D 342 -7.84 -43.10 16.54
N GLY D 343 -8.04 -43.40 17.81
CA GLY D 343 -9.18 -42.91 18.54
C GLY D 343 -10.32 -43.89 18.68
N ILE D 344 -10.41 -44.92 17.84
CA ILE D 344 -11.66 -45.67 17.76
C ILE D 344 -12.00 -46.39 19.06
N ASN D 345 -11.03 -46.59 19.93
CA ASN D 345 -11.37 -47.27 21.18
C ASN D 345 -12.23 -46.41 22.09
N LEU D 346 -12.28 -45.11 21.87
CA LEU D 346 -13.12 -44.26 22.71
C LEU D 346 -14.52 -44.08 22.15
N LEU D 347 -14.79 -44.59 20.96
CA LEU D 347 -16.13 -44.55 20.39
C LEU D 347 -17.05 -45.56 21.08
N GLU D 348 -18.35 -45.43 20.85
CA GLU D 348 -19.36 -46.37 21.32
C GLU D 348 -20.01 -47.02 20.12
N ASP D 349 -20.33 -48.31 20.25
CA ASP D 349 -21.16 -48.98 19.26
C ASP D 349 -22.61 -48.60 19.51
N SER D 350 -23.01 -47.46 18.97
CA SER D 350 -24.33 -46.93 19.23
C SER D 350 -25.00 -46.49 17.93
N VAL D 351 -26.34 -46.48 17.99
CA VAL D 351 -27.23 -45.88 16.99
C VAL D 351 -27.76 -44.60 17.61
N PHE D 352 -27.66 -43.49 16.88
CA PHE D 352 -28.09 -42.19 17.38
C PHE D 352 -29.35 -41.74 16.67
N VAL D 353 -30.30 -41.21 17.44
CA VAL D 353 -31.60 -40.79 16.94
C VAL D 353 -31.90 -39.42 17.51
N THR D 354 -32.10 -38.44 16.64
CA THR D 354 -32.63 -37.16 17.07
C THR D 354 -34.07 -37.06 16.58
N THR D 355 -34.98 -36.84 17.52
CA THR D 355 -36.37 -36.63 17.21
C THR D 355 -36.68 -35.14 17.27
N LEU D 356 -37.48 -34.67 16.33
CA LEU D 356 -37.96 -33.30 16.27
C LEU D 356 -39.48 -33.41 16.33
N LEU D 357 -40.04 -33.21 17.53
CA LEU D 357 -41.45 -33.49 17.80
C LEU D 357 -42.18 -32.23 18.23
N THR D 358 -43.39 -32.04 17.73
CA THR D 358 -44.22 -30.94 18.25
C THR D 358 -44.84 -31.27 19.60
N GLU D 359 -45.10 -32.53 19.91
CA GLU D 359 -45.65 -32.95 21.18
C GLU D 359 -44.94 -34.24 21.59
N PRO D 360 -44.93 -34.55 22.89
CA PRO D 360 -44.21 -35.75 23.33
C PRO D 360 -44.73 -37.01 22.64
N ALA D 361 -43.86 -38.00 22.54
CA ALA D 361 -44.19 -39.24 21.85
C ALA D 361 -43.23 -40.33 22.33
N THR D 362 -43.33 -41.50 21.72
CA THR D 362 -42.50 -42.64 22.09
C THR D 362 -41.62 -43.05 20.92
N LEU D 363 -40.33 -43.15 21.18
CA LEU D 363 -39.34 -43.61 20.22
C LEU D 363 -39.07 -45.08 20.48
N THR D 364 -39.20 -45.89 19.43
CA THR D 364 -38.80 -47.29 19.46
C THR D 364 -37.72 -47.46 18.41
N VAL D 365 -36.69 -48.24 18.74
CA VAL D 365 -35.59 -48.51 17.82
C VAL D 365 -35.33 -50.01 17.82
N GLY D 366 -35.08 -50.56 16.65
CA GLY D 366 -34.61 -51.92 16.56
C GLY D 366 -33.26 -51.89 15.88
N SER D 367 -32.27 -52.54 16.46
CA SER D 367 -30.92 -52.58 15.92
C SER D 367 -30.48 -54.03 15.95
N GLY D 368 -30.49 -54.69 14.79
CA GLY D 368 -30.32 -56.13 14.78
C GLY D 368 -31.38 -56.76 15.66
N SER D 369 -30.96 -57.64 16.56
CA SER D 369 -31.91 -58.21 17.50
C SER D 369 -32.09 -57.35 18.76
N LEU D 370 -31.52 -56.15 18.81
CA LEU D 370 -31.75 -55.30 19.96
C LEU D 370 -33.05 -54.52 19.78
N GLU D 371 -33.66 -54.14 20.90
CA GLU D 371 -34.97 -53.51 20.87
C GLU D 371 -35.03 -52.47 21.98
N PHE D 372 -35.36 -51.25 21.61
CA PHE D 372 -35.39 -50.17 22.56
C PHE D 372 -36.66 -49.36 22.39
N SER D 373 -37.12 -48.79 23.50
CA SER D 373 -38.15 -47.78 23.45
C SER D 373 -37.86 -46.75 24.54
N VAL D 374 -38.10 -45.49 24.23
CA VAL D 374 -37.90 -44.44 25.22
C VAL D 374 -38.91 -43.35 24.94
N ASP D 375 -39.48 -42.79 26.01
CA ASP D 375 -40.33 -41.61 25.88
C ASP D 375 -39.48 -40.41 25.52
N VAL D 376 -40.00 -39.53 24.68
CA VAL D 376 -39.24 -38.38 24.20
C VAL D 376 -40.10 -37.14 24.30
N ASP D 377 -39.53 -36.08 24.86
CA ASP D 377 -40.32 -34.87 25.03
C ASP D 377 -40.53 -34.19 23.68
N ALA D 378 -41.43 -33.21 23.66
CA ALA D 378 -41.51 -32.29 22.53
C ALA D 378 -40.21 -31.52 22.44
N GLY D 379 -39.94 -31.02 21.25
CA GLY D 379 -38.69 -30.35 20.97
C GLY D 379 -37.72 -31.28 20.28
N ILE D 380 -36.44 -30.93 20.35
CA ILE D 380 -35.40 -31.68 19.65
C ILE D 380 -34.54 -32.39 20.69
N VAL D 381 -34.56 -33.73 20.65
CA VAL D 381 -33.94 -34.59 21.65
C VAL D 381 -33.14 -35.66 20.95
N THR D 382 -31.94 -35.92 21.44
CA THR D 382 -31.10 -36.99 20.93
C THR D 382 -31.01 -38.09 21.97
N ASN D 383 -31.22 -39.32 21.51
CA ASN D 383 -31.01 -40.54 22.27
C ASN D 383 -30.04 -41.42 21.48
N SER D 384 -29.29 -42.24 22.18
CA SER D 384 -28.36 -43.16 21.54
C SER D 384 -28.56 -44.53 22.17
N PHE D 385 -28.49 -45.57 21.36
CA PHE D 385 -28.79 -46.92 21.78
C PHE D 385 -27.70 -47.87 21.31
N PRO D 386 -27.42 -48.92 22.08
CA PRO D 386 -26.40 -49.88 21.64
C PRO D 386 -26.72 -50.39 20.24
N MET D 387 -25.67 -50.45 19.42
CA MET D 387 -25.72 -50.95 18.05
C MET D 387 -25.82 -52.47 18.00
N GLY D 388 -26.63 -52.96 17.07
CA GLY D 388 -26.73 -54.38 16.82
C GLY D 388 -26.48 -54.64 15.35
N VAL D 389 -25.87 -55.79 15.07
CA VAL D 389 -25.52 -56.13 13.70
C VAL D 389 -26.79 -56.52 12.94
N GLY D 390 -26.95 -55.99 11.73
CA GLY D 390 -28.06 -56.37 10.89
C GLY D 390 -28.99 -55.20 10.60
N SER D 391 -30.28 -55.50 10.47
CA SER D 391 -31.28 -54.51 10.08
C SER D 391 -31.52 -53.48 11.18
N GLN D 392 -31.64 -52.22 10.76
CA GLN D 392 -31.95 -51.10 11.65
C GLN D 392 -33.35 -50.59 11.36
N ALA D 393 -34.12 -50.33 12.41
CA ALA D 393 -35.50 -49.89 12.27
C ALA D 393 -35.83 -48.86 13.34
N PHE D 394 -36.72 -47.92 12.98
CA PHE D 394 -37.07 -46.78 13.83
C PHE D 394 -38.56 -46.52 13.71
N SER D 395 -39.18 -46.15 14.83
CA SER D 395 -40.61 -45.88 14.85
C SER D 395 -40.90 -44.83 15.90
N VAL D 396 -41.78 -43.88 15.58
CA VAL D 396 -42.29 -42.95 16.58
C VAL D 396 -43.81 -43.08 16.63
N THR D 397 -44.33 -43.33 17.82
CA THR D 397 -45.76 -43.45 18.04
C THR D 397 -46.20 -42.49 19.13
N ARG D 398 -47.46 -42.09 19.05
CA ARG D 398 -48.03 -41.18 20.02
C ARG D 398 -49.36 -41.75 20.47
N ASP D 399 -49.52 -41.93 21.77
CA ASP D 399 -50.69 -42.58 22.37
C ASP D 399 -51.12 -43.78 21.54
N GLY D 400 -50.16 -44.69 21.34
CA GLY D 400 -50.37 -45.93 20.61
C GLY D 400 -50.43 -45.80 19.11
N GLU D 401 -50.33 -44.60 18.56
N GLU D 401 -50.28 -44.60 18.56
CA GLU D 401 -50.52 -44.40 17.12
CA GLU D 401 -50.52 -44.31 17.15
C GLU D 401 -49.19 -44.05 16.47
C GLU D 401 -49.20 -44.01 16.44
N GLU D 402 -48.84 -44.82 15.44
CA GLU D 402 -47.65 -44.57 14.63
C GLU D 402 -47.73 -43.20 13.97
N ILE D 403 -46.65 -42.43 14.05
CA ILE D 403 -46.69 -41.17 13.33
C ILE D 403 -45.60 -41.15 12.26
N LEU D 404 -44.47 -41.83 12.50
CA LEU D 404 -43.45 -41.92 11.47
C LEU D 404 -42.58 -43.14 11.75
N GLY D 405 -41.72 -43.46 10.79
CA GLY D 405 -40.75 -44.51 11.02
C GLY D 405 -40.47 -45.33 9.78
N GLY D 406 -39.50 -46.23 9.85
CA GLY D 406 -39.15 -47.03 8.70
C GLY D 406 -37.83 -47.74 8.92
N ASP D 407 -37.31 -48.29 7.82
CA ASP D 407 -36.09 -49.09 7.87
C ASP D 407 -34.86 -48.21 7.72
N GLY D 408 -33.82 -48.51 8.49
CA GLY D 408 -32.55 -47.88 8.31
C GLY D 408 -32.11 -48.05 6.88
N GLY D 409 -31.52 -47.02 6.29
CA GLY D 409 -31.06 -47.17 4.93
C GLY D 409 -29.88 -48.09 4.76
N LEU D 410 -29.24 -48.53 5.85
CA LEU D 410 -28.03 -49.35 5.75
C LEU D 410 -27.98 -50.39 6.86
N ASP D 411 -27.89 -51.66 6.47
CA ASP D 411 -27.72 -52.74 7.42
C ASP D 411 -26.34 -52.64 8.06
N VAL D 412 -26.29 -52.70 9.40
CA VAL D 412 -25.01 -52.74 10.10
C VAL D 412 -24.36 -54.11 9.89
N GLN D 413 -23.09 -54.11 9.49
CA GLN D 413 -22.37 -55.32 9.11
C GLN D 413 -21.19 -55.58 10.04
N ASP D 414 -20.83 -56.84 10.23
CA ASP D 414 -19.71 -57.16 11.13
C ASP D 414 -18.42 -57.50 10.39
N ARG D 415 -18.39 -57.36 9.07
CA ARG D 415 -17.17 -57.56 8.32
C ARG D 415 -17.12 -56.50 7.23
N CYS D 416 -15.91 -56.03 6.95
CA CYS D 416 -15.63 -54.83 6.17
C CYS D 416 -14.43 -55.10 5.27
N ASP D 417 -14.35 -54.42 4.13
CA ASP D 417 -13.10 -54.43 3.38
C ASP D 417 -12.12 -53.38 3.90
N TYR D 418 -12.59 -52.16 4.12
CA TYR D 418 -11.76 -51.06 4.56
C TYR D 418 -12.38 -50.44 5.81
N TYR D 419 -11.52 -49.96 6.71
CA TYR D 419 -12.01 -49.32 7.92
C TYR D 419 -12.84 -48.11 7.55
N ASN D 420 -14.10 -48.10 7.96
CA ASN D 420 -14.98 -46.95 7.70
C ASN D 420 -15.60 -46.52 9.02
N PHE D 421 -15.24 -45.34 9.49
CA PHE D 421 -15.81 -44.78 10.71
C PHE D 421 -16.58 -43.48 10.44
N ASN D 422 -16.88 -43.23 9.17
CA ASN D 422 -17.97 -42.35 8.80
C ASN D 422 -19.31 -42.95 9.30
N VAL D 423 -20.40 -42.17 9.24
CA VAL D 423 -21.74 -42.65 9.59
C VAL D 423 -22.66 -42.56 8.38
N TYR D 424 -23.62 -43.47 8.38
CA TYR D 424 -24.78 -43.35 7.51
C TYR D 424 -25.83 -42.51 8.23
N VAL D 425 -26.51 -41.62 7.48
CA VAL D 425 -27.49 -40.72 8.08
C VAL D 425 -28.78 -40.80 7.27
N GLY D 426 -29.91 -40.87 7.98
CA GLY D 426 -31.21 -40.93 7.34
C GLY D 426 -32.23 -40.13 8.12
N SER D 427 -33.44 -40.05 7.57
CA SER D 427 -34.53 -39.39 8.27
C SER D 427 -35.86 -40.01 7.87
N PHE D 428 -36.88 -39.76 8.70
CA PHE D 428 -38.28 -40.02 8.41
C PHE D 428 -39.09 -38.78 8.78
N SER D 429 -40.23 -38.60 8.13
CA SER D 429 -41.08 -37.45 8.39
C SER D 429 -42.49 -37.92 8.57
N ALA D 430 -43.14 -37.41 9.62
CA ALA D 430 -44.52 -37.76 9.93
C ALA D 430 -45.47 -37.32 8.80
N LEU E 15 -16.65 15.03 25.91
CA LEU E 15 -16.29 14.62 24.55
C LEU E 15 -14.90 15.17 24.19
N TYR E 16 -13.92 14.27 24.04
CA TYR E 16 -12.53 14.67 23.94
C TYR E 16 -11.81 13.90 22.84
N PHE E 17 -11.00 14.63 22.08
CA PHE E 17 -10.32 14.13 20.89
C PHE E 17 -8.82 14.00 21.13
N GLN E 18 -8.17 13.22 20.27
CA GLN E 18 -6.78 12.86 20.44
C GLN E 18 -5.82 13.86 19.82
N GLY E 19 -6.33 14.96 19.24
CA GLY E 19 -5.52 15.91 18.47
C GLY E 19 -4.98 15.28 17.20
N HIS E 20 -3.93 15.90 16.65
CA HIS E 20 -3.18 15.24 15.59
C HIS E 20 -2.82 13.83 16.05
N SER E 21 -3.09 12.83 15.22
CA SER E 21 -2.93 11.46 15.67
C SER E 21 -2.64 10.51 14.51
N LEU E 22 -2.13 9.34 14.84
CA LEU E 22 -1.74 8.34 13.82
C LEU E 22 -2.96 7.70 13.16
N PRO E 23 -2.84 7.17 11.93
CA PRO E 23 -3.93 6.47 11.27
C PRO E 23 -4.43 5.31 12.14
N GLY E 24 -5.58 5.49 12.79
CA GLY E 24 -6.15 4.40 13.59
C GLY E 24 -7.15 4.83 14.65
N ALA E 25 -6.89 5.92 15.38
CA ALA E 25 -7.83 6.28 16.47
C ALA E 25 -9.21 6.61 15.87
N ASN E 26 -10.18 5.69 16.01
CA ASN E 26 -11.55 5.80 15.42
C ASN E 26 -11.56 4.98 14.12
#